data_6ZTI
#
_entry.id   6ZTI
#
_cell.length_a   75.831
_cell.length_b   90.725
_cell.length_c   92.790
_cell.angle_alpha   78.440
_cell.angle_beta   90.260
_cell.angle_gamma   75.410
#
_symmetry.space_group_name_H-M   'P 1'
#
loop_
_entity.id
_entity.type
_entity.pdbx_description
1 polymer 'PlaB phospholipase'
2 non-polymer THIONICOTINAMIDE-ADENINE-DINUCLEOTIDE
3 non-polymer GLYCEROL
4 water water
#
_entity_poly.entity_id   1
_entity_poly.type   'polypeptide(L)'
_entity_poly.pdbx_seq_one_letter_code
;MASWSHPQFEKGAGTMIVIFVHGWSVTHTNTYGELPQWLENQSKQGKLDIQVGNIYLGRYISFDDTVTVDDIARAFDQAV
RDEIADKLRDGQRFACITHSTGGPIVRKWMDLYFKNNLAKCPLSHLIMLAPANHGSALAQLGKSRLGRIKSFFEGIEPGK
CVLDWLELGSDMSWQLNESWLDYDCTANGVYSFVLTGQKIDRQFYDAVNSYTGESGSNGVVRVAATNMNYSLLKLHQEGD
NGESLVVAKMTRTQPMAFGVLPGLSHSGKNIGIIRSITMANAATHPTAIWILRCLQVKSRDSYNKLVKELDNITKETQKN
EHKEFVKTLVFTREYITNRYSMIIFRLIDDRGNHLIDYDLYLTAGPQYSEQALPAGFFVDRQRNLNNRGKLTYFLDYDIM
EGGINTPKMQGNLGFRVKAYPESSDQALAYYRLLDFHSSLADIHKILHPNETVMVEIMLQRRVDRTVFRISNNLTPAKIS
GKPTGKKID
;
_entity_poly.pdbx_strand_id   A,B,C,D
#
# COMPACT_ATOMS: atom_id res chain seq x y z
N THR A 15 24.49 -40.96 -28.82
CA THR A 15 25.47 -40.45 -27.84
C THR A 15 24.84 -39.34 -27.01
N MET A 16 25.47 -39.03 -25.90
CA MET A 16 24.89 -38.18 -24.88
C MET A 16 25.44 -36.76 -25.00
N ILE A 17 24.55 -35.78 -24.86
CA ILE A 17 24.93 -34.39 -24.66
C ILE A 17 24.59 -34.03 -23.23
N VAL A 18 25.44 -33.23 -22.60
CA VAL A 18 25.19 -32.78 -21.23
C VAL A 18 25.11 -31.25 -21.26
N ILE A 19 24.07 -30.71 -20.64
CA ILE A 19 23.87 -29.27 -20.52
C ILE A 19 23.78 -28.92 -19.04
N PHE A 20 24.61 -27.98 -18.61
CA PHE A 20 24.60 -27.51 -17.24
C PHE A 20 23.72 -26.27 -17.14
N VAL A 21 22.89 -26.23 -16.11
CA VAL A 21 21.96 -25.13 -15.88
C VAL A 21 22.07 -24.70 -14.42
N HIS A 22 22.32 -23.42 -14.19
CA HIS A 22 22.68 -22.92 -12.86
C HIS A 22 21.46 -22.37 -12.12
N GLY A 23 21.71 -21.75 -10.96
CA GLY A 23 20.69 -21.23 -10.10
C GLY A 23 20.58 -19.72 -10.15
N TRP A 24 19.81 -19.17 -9.21
CA TRP A 24 19.50 -17.76 -9.24
C TRP A 24 20.65 -16.95 -8.63
N SER A 25 20.70 -15.68 -9.02
CA SER A 25 21.72 -14.71 -8.61
C SER A 25 23.13 -15.08 -9.06
N VAL A 26 23.25 -15.98 -10.03
CA VAL A 26 24.56 -16.39 -10.54
C VAL A 26 25.06 -15.36 -11.54
N THR A 27 26.36 -15.06 -11.49
CA THR A 27 27.01 -14.16 -12.43
C THR A 27 28.25 -14.72 -13.11
N HIS A 28 28.59 -15.99 -12.85
CA HIS A 28 29.82 -16.59 -13.36
C HIS A 28 29.60 -18.10 -13.47
N THR A 29 30.10 -18.72 -14.55
CA THR A 29 29.87 -20.14 -14.75
C THR A 29 30.77 -21.03 -13.89
N ASN A 30 31.63 -20.45 -13.05
CA ASN A 30 32.34 -21.25 -12.05
C ASN A 30 31.39 -21.76 -10.97
N THR A 31 30.13 -21.33 -11.03
CA THR A 31 29.10 -21.90 -10.18
C THR A 31 29.03 -23.41 -10.33
N TYR A 32 29.49 -23.94 -11.47
CA TYR A 32 29.45 -25.38 -11.72
C TYR A 32 30.65 -26.12 -11.14
N GLY A 33 31.52 -25.43 -10.42
CA GLY A 33 32.75 -26.04 -9.96
C GLY A 33 33.55 -26.54 -11.15
N GLU A 34 34.29 -27.62 -10.95
CA GLU A 34 35.01 -28.27 -12.03
C GLU A 34 34.30 -29.53 -12.53
N LEU A 35 33.00 -29.64 -12.26
CA LEU A 35 32.28 -30.86 -12.66
C LEU A 35 32.24 -31.04 -14.17
N PRO A 36 32.00 -30.02 -14.98
CA PRO A 36 31.99 -30.25 -16.44
C PRO A 36 33.30 -30.81 -16.95
N GLN A 37 34.42 -30.24 -16.49
CA GLN A 37 35.72 -30.73 -16.94
C GLN A 37 35.97 -32.15 -16.46
N TRP A 38 35.49 -32.49 -15.26
CA TRP A 38 35.68 -33.85 -14.78
C TRP A 38 34.88 -34.84 -15.62
N LEU A 39 33.65 -34.48 -15.99
CA LEU A 39 32.88 -35.37 -16.86
C LEU A 39 33.59 -35.57 -18.19
N GLU A 40 34.14 -34.50 -18.76
CA GLU A 40 34.91 -34.63 -20.00
C GLU A 40 36.05 -35.64 -19.81
N ASN A 41 36.81 -35.50 -18.73
CA ASN A 41 37.88 -36.46 -18.45
C ASN A 41 37.33 -37.87 -18.29
N GLN A 42 36.21 -38.02 -17.58
CA GLN A 42 35.63 -39.34 -17.40
C GLN A 42 35.25 -39.97 -18.74
N SER A 43 34.70 -39.16 -19.65
CA SER A 43 34.32 -39.69 -20.97
C SER A 43 35.54 -40.13 -21.76
N LYS A 44 36.63 -39.38 -21.68
CA LYS A 44 37.87 -39.77 -22.36
C LYS A 44 38.47 -41.06 -21.83
N GLN A 45 37.89 -41.65 -20.78
CA GLN A 45 38.37 -42.89 -20.20
C GLN A 45 37.37 -44.03 -20.32
N GLY A 46 36.22 -43.81 -20.97
CA GLY A 46 35.25 -44.86 -21.22
C GLY A 46 34.10 -44.93 -20.24
N LYS A 47 34.09 -44.10 -19.19
CA LYS A 47 33.00 -44.16 -18.23
C LYS A 47 31.70 -43.63 -18.81
N LEU A 48 31.77 -42.61 -19.67
CA LEU A 48 30.61 -42.07 -20.35
C LEU A 48 30.90 -42.03 -21.85
N ASP A 49 29.83 -42.00 -22.63
CA ASP A 49 29.93 -41.84 -24.08
C ASP A 49 29.46 -40.43 -24.43
N ILE A 50 30.30 -39.46 -24.06
CA ILE A 50 30.11 -38.07 -24.44
C ILE A 50 31.28 -37.68 -25.32
N GLN A 51 30.98 -37.39 -26.58
CA GLN A 51 32.03 -36.90 -27.48
C GLN A 51 32.56 -35.57 -26.97
N VAL A 52 33.84 -35.31 -27.28
CA VAL A 52 34.43 -34.03 -26.92
C VAL A 52 33.66 -32.95 -27.66
N GLY A 53 33.31 -31.88 -26.93
CA GLY A 53 32.48 -30.85 -27.49
C GLY A 53 31.00 -31.01 -27.25
N ASN A 54 30.58 -32.08 -26.57
CA ASN A 54 29.17 -32.33 -26.29
C ASN A 54 28.80 -32.07 -24.84
N ILE A 55 29.64 -31.32 -24.12
CA ILE A 55 29.32 -30.84 -22.78
C ILE A 55 29.15 -29.33 -22.88
N TYR A 56 27.98 -28.83 -22.48
CA TYR A 56 27.60 -27.43 -22.61
C TYR A 56 27.34 -26.80 -21.26
N LEU A 57 27.86 -25.60 -21.07
CA LEU A 57 27.52 -24.76 -19.93
C LEU A 57 26.37 -23.83 -20.31
N GLY A 58 25.26 -23.91 -19.57
CA GLY A 58 24.17 -22.98 -19.74
C GLY A 58 24.38 -21.75 -18.89
N ARG A 59 23.96 -20.60 -19.42
CA ARG A 59 24.02 -19.34 -18.68
C ARG A 59 22.75 -18.55 -18.98
N TYR A 60 22.00 -18.21 -17.93
CA TYR A 60 20.80 -17.39 -18.10
C TYR A 60 20.82 -16.23 -17.12
N ILE A 61 19.98 -15.25 -17.43
CA ILE A 61 19.94 -14.01 -16.68
C ILE A 61 18.93 -14.17 -15.54
N SER A 62 19.42 -14.13 -14.30
CA SER A 62 18.56 -14.16 -13.13
C SER A 62 18.47 -12.82 -12.43
N PHE A 63 19.26 -11.82 -12.86
CA PHE A 63 19.36 -10.54 -12.19
C PHE A 63 18.70 -9.41 -12.98
N ASP A 64 17.63 -9.70 -13.72
CA ASP A 64 16.89 -8.70 -14.47
C ASP A 64 15.45 -8.74 -13.99
N ASP A 65 14.97 -7.64 -13.41
CA ASP A 65 13.67 -7.63 -12.77
C ASP A 65 12.51 -7.87 -13.75
N THR A 66 12.74 -7.72 -15.05
CA THR A 66 11.65 -7.89 -16.02
C THR A 66 11.49 -9.33 -16.48
N VAL A 67 12.51 -10.16 -16.29
CA VAL A 67 12.51 -11.49 -16.86
C VAL A 67 11.77 -12.44 -15.94
N THR A 68 10.87 -13.25 -16.51
CA THR A 68 10.12 -14.25 -15.76
C THR A 68 10.71 -15.64 -16.01
N VAL A 69 10.21 -16.60 -15.21
CA VAL A 69 10.59 -18.00 -15.43
C VAL A 69 10.08 -18.46 -16.79
N ASP A 70 8.84 -18.08 -17.13
CA ASP A 70 8.33 -18.33 -18.49
C ASP A 70 9.29 -17.83 -19.54
N ASP A 71 9.77 -16.58 -19.40
CA ASP A 71 10.74 -16.04 -20.35
C ASP A 71 11.99 -16.92 -20.44
N ILE A 72 12.52 -17.34 -19.28
CA ILE A 72 13.76 -18.10 -19.28
C ILE A 72 13.56 -19.47 -19.94
N ALA A 73 12.44 -20.14 -19.65
CA ALA A 73 12.17 -21.44 -20.24
C ALA A 73 12.00 -21.34 -21.76
N ARG A 74 11.31 -20.30 -22.23
CA ARG A 74 11.25 -20.04 -23.67
C ARG A 74 12.63 -19.80 -24.26
N ALA A 75 13.47 -19.04 -23.56
CA ALA A 75 14.80 -18.75 -24.08
C ALA A 75 15.68 -19.99 -24.08
N PHE A 76 15.49 -20.88 -23.11
CA PHE A 76 16.21 -22.16 -23.13
C PHE A 76 15.91 -22.92 -24.42
N ASP A 77 14.65 -22.94 -24.82
CA ASP A 77 14.31 -23.66 -26.05
C ASP A 77 15.06 -23.07 -27.25
N GLN A 78 15.13 -21.74 -27.32
CA GLN A 78 15.86 -21.10 -28.40
C GLN A 78 17.35 -21.38 -28.30
N ALA A 79 17.90 -21.32 -27.08
CA ALA A 79 19.31 -21.61 -26.89
C ALA A 79 19.66 -23.01 -27.39
N VAL A 80 18.79 -24.00 -27.09
CA VAL A 80 19.03 -25.37 -27.52
C VAL A 80 19.00 -25.46 -29.04
N ARG A 81 17.95 -24.89 -29.65
CA ARG A 81 17.87 -24.92 -31.10
C ARG A 81 19.04 -24.18 -31.74
N ASP A 82 19.47 -23.07 -31.14
CA ASP A 82 20.54 -22.30 -31.75
C ASP A 82 21.87 -23.06 -31.78
N GLU A 83 22.10 -23.97 -30.82
CA GLU A 83 23.44 -24.56 -30.68
C GLU A 83 23.52 -26.03 -31.04
N ILE A 84 22.48 -26.83 -30.78
CA ILE A 84 22.57 -28.27 -31.02
C ILE A 84 21.43 -28.80 -31.87
N ALA A 85 20.76 -27.93 -32.62
CA ALA A 85 19.68 -28.40 -33.49
C ALA A 85 20.18 -29.52 -34.41
N ASP A 86 21.32 -29.29 -35.07
CA ASP A 86 21.88 -30.32 -35.95
C ASP A 86 22.10 -31.62 -35.21
N LYS A 87 22.62 -31.55 -33.98
CA LYS A 87 22.94 -32.78 -33.24
C LYS A 87 21.69 -33.52 -32.83
N LEU A 88 20.62 -32.79 -32.49
CA LEU A 88 19.38 -33.44 -32.10
C LEU A 88 18.69 -34.05 -33.32
N ARG A 89 18.71 -33.34 -34.45
CA ARG A 89 18.16 -33.88 -35.69
C ARG A 89 18.82 -35.21 -36.06
N ASP A 90 20.06 -35.41 -35.63
CA ASP A 90 20.80 -36.62 -35.95
C ASP A 90 20.73 -37.66 -34.84
N GLY A 91 19.73 -37.58 -33.96
CA GLY A 91 19.43 -38.63 -33.02
C GLY A 91 19.91 -38.38 -31.60
N GLN A 92 20.79 -37.41 -31.38
CA GLN A 92 21.33 -37.20 -30.05
C GLN A 92 20.28 -36.63 -29.10
N ARG A 93 20.42 -36.98 -27.82
CA ARG A 93 19.55 -36.46 -26.77
C ARG A 93 20.42 -35.97 -25.63
N PHE A 94 19.88 -35.05 -24.83
CA PHE A 94 20.72 -34.41 -23.82
C PHE A 94 20.22 -34.72 -22.41
N ALA A 95 21.17 -34.67 -21.49
CA ALA A 95 20.91 -34.73 -20.06
C ALA A 95 21.15 -33.34 -19.49
N CYS A 96 20.19 -32.85 -18.70
CA CYS A 96 20.34 -31.58 -17.98
C CYS A 96 20.78 -31.85 -16.54
N ILE A 97 21.88 -31.22 -16.16
CA ILE A 97 22.32 -31.18 -14.77
C ILE A 97 22.03 -29.76 -14.27
N THR A 98 21.06 -29.63 -13.38
CA THR A 98 20.58 -28.33 -12.94
C THR A 98 20.93 -28.10 -11.48
N HIS A 99 21.00 -26.83 -11.10
CA HIS A 99 21.22 -26.44 -9.72
C HIS A 99 20.20 -25.38 -9.35
N SER A 100 19.58 -25.55 -8.19
CA SER A 100 18.66 -24.56 -7.61
C SER A 100 17.56 -24.27 -8.64
N THR A 101 17.30 -23.00 -8.97
CA THR A 101 16.20 -22.63 -9.86
C THR A 101 16.28 -23.29 -11.23
N GLY A 102 17.45 -23.78 -11.63
CA GLY A 102 17.55 -24.47 -12.91
C GLY A 102 16.61 -25.65 -13.04
N GLY A 103 16.32 -26.34 -11.94
CA GLY A 103 15.38 -27.45 -11.97
C GLY A 103 13.98 -27.02 -12.38
N PRO A 104 13.36 -26.15 -11.59
CA PRO A 104 12.07 -25.58 -11.99
C PRO A 104 12.05 -24.98 -13.39
N ILE A 105 13.11 -24.32 -13.81
CA ILE A 105 13.15 -23.75 -15.16
C ILE A 105 13.05 -24.85 -16.22
N VAL A 106 13.87 -25.90 -16.09
CA VAL A 106 13.81 -26.99 -17.06
C VAL A 106 12.46 -27.69 -17.01
N ARG A 107 11.87 -27.81 -15.81
CA ARG A 107 10.54 -28.41 -15.73
C ARG A 107 9.49 -27.54 -16.40
N LYS A 108 9.66 -26.22 -16.35
CA LYS A 108 8.74 -25.34 -17.04
C LYS A 108 8.89 -25.47 -18.54
N TRP A 109 10.13 -25.58 -19.03
CA TRP A 109 10.37 -25.79 -20.44
C TRP A 109 9.73 -27.08 -20.93
N MET A 110 9.92 -28.18 -20.19
CA MET A 110 9.21 -29.41 -20.51
C MET A 110 7.71 -29.18 -20.55
N ASP A 111 7.19 -28.39 -19.60
CA ASP A 111 5.76 -28.18 -19.54
C ASP A 111 5.27 -27.34 -20.71
N LEU A 112 6.07 -26.35 -21.12
CA LEU A 112 5.64 -25.46 -22.21
C LEU A 112 5.65 -26.17 -23.55
N TYR A 113 6.59 -27.07 -23.77
CA TYR A 113 6.84 -27.61 -25.09
C TYR A 113 6.59 -29.09 -25.24
N PHE A 114 6.44 -29.86 -24.15
CA PHE A 114 6.36 -31.30 -24.31
C PHE A 114 5.41 -32.00 -23.34
N LYS A 115 4.54 -31.27 -22.64
CA LYS A 115 3.75 -31.83 -21.54
C LYS A 115 3.16 -33.19 -21.89
N ASN A 116 2.23 -33.23 -22.83
CA ASN A 116 1.55 -34.49 -23.15
C ASN A 116 2.20 -35.18 -24.32
N ASN A 117 3.53 -35.14 -24.37
CA ASN A 117 4.28 -35.66 -25.49
C ASN A 117 5.74 -35.88 -25.08
N LEU A 118 5.97 -36.38 -23.87
CA LEU A 118 7.32 -36.44 -23.34
C LEU A 118 8.23 -37.33 -24.16
N ALA A 119 7.64 -38.30 -24.86
CA ALA A 119 8.47 -39.22 -25.63
C ALA A 119 9.24 -38.48 -26.72
N LYS A 120 8.71 -37.37 -27.21
CA LYS A 120 9.39 -36.58 -28.22
C LYS A 120 10.35 -35.56 -27.63
N CYS A 121 10.37 -35.41 -26.32
CA CYS A 121 11.26 -34.45 -25.70
C CYS A 121 12.71 -34.86 -25.91
N PRO A 122 13.59 -33.95 -26.36
CA PRO A 122 14.98 -34.34 -26.63
C PRO A 122 15.81 -34.59 -25.37
N LEU A 123 15.23 -34.33 -24.20
CA LEU A 123 15.92 -34.53 -22.94
C LEU A 123 15.73 -35.99 -22.53
N SER A 124 16.83 -36.64 -22.15
CA SER A 124 16.82 -38.03 -21.70
C SER A 124 17.01 -38.19 -20.21
N HIS A 125 17.74 -37.28 -19.57
CA HIS A 125 18.00 -37.34 -18.14
C HIS A 125 17.83 -35.95 -17.55
N LEU A 126 17.09 -35.86 -16.46
CA LEU A 126 16.97 -34.63 -15.68
C LEU A 126 17.56 -34.92 -14.30
N ILE A 127 18.72 -34.32 -14.03
CA ILE A 127 19.39 -34.46 -12.74
C ILE A 127 19.31 -33.12 -12.04
N MET A 128 18.45 -33.02 -11.04
CA MET A 128 18.23 -31.76 -10.32
C MET A 128 18.99 -31.79 -9.01
N LEU A 129 19.86 -30.81 -8.83
CA LEU A 129 20.64 -30.64 -7.62
C LEU A 129 20.04 -29.51 -6.78
N ALA A 130 19.65 -29.82 -5.55
CA ALA A 130 19.04 -28.87 -4.62
C ALA A 130 18.07 -27.94 -5.35
N PRO A 131 17.09 -28.49 -6.07
CA PRO A 131 16.14 -27.64 -6.80
C PRO A 131 15.08 -27.06 -5.87
N ALA A 132 14.73 -25.80 -6.13
CA ALA A 132 13.65 -25.12 -5.41
C ALA A 132 12.28 -25.48 -6.00
N ASN A 133 12.01 -26.78 -6.10
CA ASN A 133 10.83 -27.25 -6.79
C ASN A 133 9.55 -26.77 -6.14
N HIS A 134 9.53 -26.63 -4.82
CA HIS A 134 8.37 -26.09 -4.11
C HIS A 134 8.70 -24.75 -3.46
N GLY A 135 9.75 -24.07 -3.91
CA GLY A 135 10.04 -22.73 -3.47
C GLY A 135 11.17 -22.66 -2.45
N SER A 136 11.51 -21.41 -2.10
CA SER A 136 12.49 -21.07 -1.09
C SER A 136 11.87 -20.09 -0.09
N ALA A 137 12.07 -20.36 1.20
CA ALA A 137 11.55 -19.44 2.23
C ALA A 137 12.21 -18.09 2.15
N LEU A 138 13.41 -18.01 1.54
CA LEU A 138 14.18 -16.80 1.48
C LEU A 138 13.64 -15.79 0.47
N ALA A 139 12.86 -16.25 -0.52
CA ALA A 139 12.42 -15.36 -1.59
C ALA A 139 11.57 -14.22 -1.06
N GLN A 140 10.70 -14.50 -0.10
CA GLN A 140 9.88 -13.42 0.44
C GLN A 140 10.74 -12.29 1.00
N LEU A 141 11.93 -12.60 1.51
CA LEU A 141 12.79 -11.53 2.01
C LEU A 141 13.11 -10.49 0.95
N GLY A 142 12.86 -10.77 -0.33
CA GLY A 142 12.87 -9.76 -1.38
C GLY A 142 14.27 -9.40 -1.89
N LYS A 143 14.29 -8.46 -2.84
CA LYS A 143 15.50 -8.18 -3.61
C LYS A 143 16.56 -7.51 -2.75
N SER A 144 16.24 -6.37 -2.14
CA SER A 144 17.24 -5.60 -1.39
C SER A 144 17.89 -6.45 -0.32
N ARG A 145 17.09 -7.14 0.49
CA ARG A 145 17.65 -7.96 1.56
C ARG A 145 18.49 -9.12 1.03
N LEU A 146 18.09 -9.72 -0.09
CA LEU A 146 18.76 -10.95 -0.52
C LEU A 146 20.12 -10.65 -1.13
N GLY A 147 20.26 -9.53 -1.83
CA GLY A 147 21.55 -9.17 -2.39
C GLY A 147 22.58 -8.80 -1.35
N ARG A 148 22.15 -8.44 -0.14
CA ARG A 148 23.10 -8.11 0.93
C ARG A 148 23.58 -9.36 1.65
N ILE A 149 22.81 -10.44 1.62
CA ILE A 149 23.23 -11.70 2.21
C ILE A 149 24.43 -12.23 1.43
N GLU A 157 19.88 -7.79 -5.99
CA GLU A 157 20.49 -8.66 -7.01
C GLU A 157 19.44 -9.49 -7.74
N PRO A 158 18.81 -10.45 -7.06
CA PRO A 158 17.87 -11.35 -7.74
C PRO A 158 16.70 -10.60 -8.35
N GLY A 159 16.24 -11.09 -9.51
CA GLY A 159 15.19 -10.41 -10.24
C GLY A 159 13.82 -10.64 -9.62
N LYS A 160 13.03 -9.57 -9.59
CA LYS A 160 11.80 -9.63 -8.79
C LYS A 160 10.84 -10.69 -9.31
N CYS A 161 10.76 -10.87 -10.63
CA CYS A 161 9.78 -11.80 -11.17
C CYS A 161 10.14 -13.25 -10.87
N VAL A 162 11.42 -13.56 -10.81
CA VAL A 162 11.82 -14.91 -10.41
C VAL A 162 11.54 -15.15 -8.93
N LEU A 163 11.73 -14.12 -8.10
CA LEU A 163 11.37 -14.22 -6.69
C LEU A 163 9.89 -14.49 -6.52
N ASP A 164 9.04 -13.88 -7.35
CA ASP A 164 7.61 -14.17 -7.30
C ASP A 164 7.35 -15.65 -7.56
N TRP A 165 8.17 -16.29 -8.39
CA TRP A 165 8.02 -17.72 -8.63
C TRP A 165 8.52 -18.51 -7.43
N LEU A 166 9.67 -18.14 -6.90
CA LEU A 166 10.25 -18.92 -5.82
C LEU A 166 9.53 -18.74 -4.48
N GLU A 167 8.77 -17.65 -4.31
CA GLU A 167 8.14 -17.40 -3.02
C GLU A 167 7.31 -18.61 -2.62
N LEU A 168 7.46 -19.03 -1.37
CA LEU A 168 6.62 -20.11 -0.86
C LEU A 168 5.16 -19.77 -1.09
N GLY A 169 4.41 -20.74 -1.59
CA GLY A 169 3.00 -20.56 -1.85
C GLY A 169 2.68 -19.86 -3.15
N SER A 170 3.67 -19.69 -4.02
CA SER A 170 3.46 -18.95 -5.25
C SER A 170 2.37 -19.59 -6.10
N ASP A 171 1.55 -18.76 -6.75
CA ASP A 171 0.57 -19.30 -7.70
C ASP A 171 1.26 -19.93 -8.90
N MET A 172 2.45 -19.45 -9.26
CA MET A 172 3.12 -20.01 -10.42
C MET A 172 3.71 -21.38 -10.14
N SER A 173 4.40 -21.58 -9.00
CA SER A 173 4.90 -22.92 -8.73
C SER A 173 3.77 -23.90 -8.50
N TRP A 174 2.68 -23.46 -7.85
CA TRP A 174 1.53 -24.33 -7.67
C TRP A 174 1.06 -24.85 -9.02
N GLN A 175 0.95 -23.95 -9.99
CA GLN A 175 0.42 -24.32 -11.31
C GLN A 175 1.34 -25.33 -12.01
N LEU A 176 2.66 -25.08 -11.97
CA LEU A 176 3.58 -26.02 -12.58
C LEU A 176 3.56 -27.37 -11.87
N ASN A 177 3.53 -27.36 -10.55
CA ASN A 177 3.61 -28.62 -9.82
C ASN A 177 2.28 -29.36 -9.85
N GLU A 178 1.16 -28.65 -10.00
CA GLU A 178 -0.09 -29.34 -10.24
C GLU A 178 -0.08 -29.99 -11.62
N SER A 179 0.48 -29.29 -12.62
CA SER A 179 0.60 -29.89 -13.94
C SER A 179 1.45 -31.16 -13.89
N TRP A 180 2.48 -31.16 -13.04
CA TRP A 180 3.43 -32.27 -13.00
C TRP A 180 2.84 -33.50 -12.32
N LEU A 181 1.71 -33.36 -11.61
CA LEU A 181 1.04 -34.53 -11.06
C LEU A 181 0.73 -35.58 -12.14
N ASP A 182 0.47 -35.14 -13.37
CA ASP A 182 0.08 -36.02 -14.46
C ASP A 182 1.27 -36.58 -15.24
N TYR A 183 2.50 -36.21 -14.91
CA TYR A 183 3.64 -36.66 -15.68
C TYR A 183 4.01 -38.11 -15.34
N ASP A 184 4.57 -38.81 -16.33
CA ASP A 184 5.26 -40.08 -16.10
C ASP A 184 6.53 -40.07 -16.97
N CYS A 185 7.58 -39.44 -16.44
CA CYS A 185 8.83 -39.35 -17.18
C CYS A 185 9.38 -40.74 -17.50
N THR A 186 9.46 -41.61 -16.49
CA THR A 186 10.08 -42.91 -16.68
C THR A 186 9.41 -43.68 -17.81
N ALA A 187 8.08 -43.70 -17.84
CA ALA A 187 7.37 -44.43 -18.88
C ALA A 187 7.67 -43.89 -20.27
N ASN A 188 8.06 -42.61 -20.37
CA ASN A 188 8.36 -41.99 -21.64
C ASN A 188 9.85 -42.00 -21.94
N GLY A 189 10.65 -42.72 -21.15
CA GLY A 189 12.09 -42.76 -21.38
C GLY A 189 12.84 -41.54 -20.92
N VAL A 190 12.27 -40.74 -20.02
CA VAL A 190 12.96 -39.61 -19.43
C VAL A 190 13.25 -39.98 -17.98
N TYR A 191 14.54 -40.02 -17.64
CA TYR A 191 14.97 -40.46 -16.32
C TYR A 191 15.27 -39.22 -15.48
N SER A 192 14.46 -39.00 -14.46
CA SER A 192 14.56 -37.80 -13.65
C SER A 192 15.02 -38.16 -12.23
N PHE A 193 15.85 -37.28 -11.67
CA PHE A 193 16.47 -37.50 -10.37
C PHE A 193 16.51 -36.19 -9.60
N VAL A 194 16.36 -36.27 -8.29
CA VAL A 194 16.61 -35.15 -7.39
C VAL A 194 17.65 -35.58 -6.38
N LEU A 195 18.73 -34.82 -6.31
CA LEU A 195 19.75 -34.99 -5.30
C LEU A 195 19.86 -33.69 -4.53
N THR A 196 20.04 -33.78 -3.23
CA THR A 196 20.21 -32.57 -2.44
C THR A 196 20.96 -32.91 -1.16
N GLY A 197 21.31 -31.87 -0.42
CA GLY A 197 21.94 -32.02 0.88
C GLY A 197 21.18 -31.22 1.92
N GLN A 198 21.61 -31.38 3.16
CA GLN A 198 20.96 -30.74 4.29
C GLN A 198 21.98 -30.25 5.30
N LYS A 199 23.17 -29.91 4.83
CA LYS A 199 24.24 -29.35 5.64
C LYS A 199 24.22 -27.84 5.51
N ILE A 200 24.33 -27.14 6.62
CA ILE A 200 24.52 -25.69 6.60
C ILE A 200 26.01 -25.41 6.52
N ASP A 201 26.42 -24.57 5.57
CA ASP A 201 27.76 -24.01 5.63
C ASP A 201 27.73 -22.87 6.63
N ARG A 202 28.23 -23.13 7.83
CA ARG A 202 27.96 -22.22 8.94
C ARG A 202 28.79 -20.96 8.88
N GLN A 203 29.75 -20.87 7.95
CA GLN A 203 30.42 -19.59 7.70
C GLN A 203 29.52 -18.59 6.99
N PHE A 204 28.45 -19.05 6.35
CA PHE A 204 27.58 -18.17 5.59
C PHE A 204 26.20 -18.00 6.25
N TYR A 205 26.15 -18.04 7.57
CA TYR A 205 24.92 -17.80 8.31
C TYR A 205 24.71 -16.30 8.48
N ASP A 206 23.56 -15.81 8.04
CA ASP A 206 23.19 -14.41 8.20
C ASP A 206 22.39 -14.29 9.49
N ALA A 207 23.01 -13.64 10.49
CA ALA A 207 22.45 -13.70 11.84
C ALA A 207 21.05 -13.08 11.90
N VAL A 208 20.75 -12.09 11.06
CA VAL A 208 19.45 -11.46 11.12
C VAL A 208 18.40 -12.17 10.26
N ASN A 209 18.80 -13.17 9.46
CA ASN A 209 17.88 -13.96 8.65
C ASN A 209 18.16 -15.45 8.88
N SER A 210 17.50 -16.00 9.89
CA SER A 210 17.81 -17.35 10.37
C SER A 210 17.39 -18.43 9.40
N TYR A 211 16.66 -18.12 8.32
CA TYR A 211 16.41 -19.12 7.31
C TYR A 211 17.71 -19.64 6.72
N THR A 212 18.76 -18.81 6.72
CA THR A 212 20.04 -19.23 6.14
C THR A 212 20.71 -20.34 6.95
N GLY A 213 20.15 -20.73 8.11
CA GLY A 213 20.64 -21.86 8.89
C GLY A 213 19.55 -22.83 9.31
N GLU A 214 18.44 -22.86 8.57
CA GLU A 214 17.25 -23.59 9.00
C GLU A 214 17.46 -25.10 8.94
N SER A 215 17.21 -25.76 10.06
CA SER A 215 17.25 -27.21 10.10
C SER A 215 16.25 -27.78 9.12
N GLY A 216 16.66 -28.80 8.38
CA GLY A 216 15.84 -29.35 7.33
C GLY A 216 16.07 -28.72 5.97
N SER A 217 17.06 -27.82 5.87
CA SER A 217 17.43 -27.14 4.65
C SER A 217 18.95 -27.16 4.50
N ASN A 218 19.41 -26.77 3.33
CA ASN A 218 20.82 -26.58 3.05
C ASN A 218 21.23 -25.11 3.11
N GLY A 219 20.41 -24.28 3.73
CA GLY A 219 20.64 -22.86 3.81
C GLY A 219 19.85 -22.04 2.81
N VAL A 220 19.31 -22.69 1.77
CA VAL A 220 18.57 -22.00 0.74
C VAL A 220 17.26 -22.73 0.48
N VAL A 221 17.32 -24.05 0.26
CA VAL A 221 16.15 -24.86 -0.05
CA VAL A 221 16.15 -24.86 -0.05
C VAL A 221 15.96 -25.92 1.02
N ARG A 222 14.71 -26.09 1.46
CA ARG A 222 14.36 -27.18 2.36
C ARG A 222 14.35 -28.51 1.61
N VAL A 223 14.93 -29.55 2.23
CA VAL A 223 14.92 -30.89 1.62
C VAL A 223 13.53 -31.23 1.12
N ALA A 224 12.50 -30.97 1.93
CA ALA A 224 11.16 -31.32 1.51
C ALA A 224 10.70 -30.50 0.31
N ALA A 225 11.26 -29.31 0.09
CA ALA A 225 10.91 -28.53 -1.07
C ALA A 225 11.66 -28.94 -2.35
N THR A 226 12.69 -29.80 -2.23
CA THR A 226 13.36 -30.32 -3.42
C THR A 226 12.63 -31.50 -4.03
N ASN A 227 11.84 -32.20 -3.22
CA ASN A 227 11.37 -33.54 -3.54
C ASN A 227 10.24 -33.48 -4.56
N MET A 228 10.40 -34.17 -5.69
CA MET A 228 9.32 -34.30 -6.67
C MET A 228 8.37 -35.46 -6.37
N ASN A 229 8.53 -36.15 -5.25
CA ASN A 229 7.53 -37.09 -4.74
C ASN A 229 6.64 -36.28 -3.80
N TYR A 230 5.47 -35.87 -4.28
CA TYR A 230 4.54 -35.13 -3.45
C TYR A 230 3.12 -35.55 -3.78
N SER A 231 2.17 -35.11 -2.94
CA SER A 231 0.75 -35.34 -3.15
C SER A 231 0.00 -34.02 -3.21
N LEU A 232 -1.12 -34.03 -3.91
CA LEU A 232 -2.12 -32.97 -3.84
C LEU A 232 -3.38 -33.54 -3.21
N LEU A 233 -3.78 -32.97 -2.08
CA LEU A 233 -4.95 -33.38 -1.32
C LEU A 233 -6.02 -32.30 -1.49
N LYS A 234 -7.14 -32.65 -2.07
CA LYS A 234 -8.26 -31.74 -2.24
C LYS A 234 -9.30 -32.06 -1.18
N LEU A 235 -9.73 -31.04 -0.45
CA LEU A 235 -10.80 -31.16 0.53
C LEU A 235 -11.89 -30.20 0.11
N HIS A 236 -13.03 -30.74 -0.31
CA HIS A 236 -14.17 -29.95 -0.73
C HIS A 236 -15.30 -30.10 0.27
N GLN A 237 -15.81 -28.97 0.75
CA GLN A 237 -16.92 -28.93 1.68
C GLN A 237 -18.23 -29.18 0.95
N GLU A 238 -19.05 -30.09 1.50
CA GLU A 238 -20.39 -30.32 1.01
C GLU A 238 -21.38 -30.09 2.14
N GLY A 239 -22.67 -30.14 1.79
CA GLY A 239 -23.72 -29.96 2.77
C GLY A 239 -24.75 -28.93 2.34
N GLU A 243 -25.46 -30.22 8.13
CA GLU A 243 -24.13 -30.13 8.72
C GLU A 243 -23.05 -30.29 7.65
N SER A 244 -21.90 -29.68 7.89
CA SER A 244 -20.80 -29.70 6.92
C SER A 244 -20.20 -31.09 6.79
N LEU A 245 -19.91 -31.48 5.55
CA LEU A 245 -19.22 -32.71 5.23
C LEU A 245 -18.03 -32.38 4.33
N VAL A 246 -17.09 -33.31 4.24
CA VAL A 246 -15.85 -33.10 3.52
C VAL A 246 -15.59 -34.29 2.62
N VAL A 247 -15.37 -34.03 1.34
CA VAL A 247 -14.93 -35.03 0.38
C VAL A 247 -13.45 -34.82 0.15
N ALA A 248 -12.68 -35.90 0.26
CA ALA A 248 -11.24 -35.80 0.09
C ALA A 248 -10.80 -36.65 -1.09
N LYS A 249 -9.78 -36.16 -1.78
CA LYS A 249 -9.22 -36.84 -2.93
C LYS A 249 -7.74 -36.52 -2.97
N MET A 250 -6.89 -37.54 -2.88
CA MET A 250 -5.44 -37.34 -2.89
C MET A 250 -4.86 -37.97 -4.15
N THR A 251 -4.08 -37.19 -4.89
CA THR A 251 -3.36 -37.64 -6.07
C THR A 251 -1.87 -37.41 -5.83
N ARG A 252 -1.04 -38.25 -6.43
CA ARG A 252 0.37 -38.27 -6.09
C ARG A 252 1.21 -38.36 -7.36
N THR A 253 2.35 -37.68 -7.36
CA THR A 253 3.25 -37.81 -8.51
C THR A 253 3.73 -39.25 -8.65
N GLN A 254 4.25 -39.55 -9.84
CA GLN A 254 4.91 -40.82 -10.05
C GLN A 254 6.24 -40.86 -9.31
N PRO A 255 6.72 -42.05 -8.94
CA PRO A 255 7.99 -42.14 -8.23
C PRO A 255 9.11 -41.46 -9.00
N MET A 256 9.91 -40.68 -8.29
CA MET A 256 11.12 -40.09 -8.84
C MET A 256 12.26 -40.36 -7.88
N ALA A 257 13.42 -40.72 -8.45
CA ALA A 257 14.61 -40.92 -7.66
C ALA A 257 14.87 -39.71 -6.77
N PHE A 258 15.12 -39.97 -5.48
CA PHE A 258 15.32 -38.91 -4.50
C PHE A 258 16.42 -39.32 -3.53
N GLY A 259 17.50 -38.53 -3.50
CA GLY A 259 18.59 -38.82 -2.59
C GLY A 259 19.04 -37.60 -1.82
N VAL A 260 19.20 -37.74 -0.50
CA VAL A 260 19.80 -36.72 0.34
C VAL A 260 21.24 -37.16 0.61
N LEU A 261 22.20 -36.44 -0.01
CA LEU A 261 23.62 -36.77 0.08
C LEU A 261 24.26 -36.15 1.33
N PRO A 262 25.27 -36.82 1.91
CA PRO A 262 25.88 -36.32 3.14
C PRO A 262 26.84 -35.17 2.92
N GLY A 263 26.84 -34.24 3.88
CA GLY A 263 27.88 -33.23 4.03
C GLY A 263 27.84 -32.07 3.06
N LEU A 264 26.69 -31.80 2.45
CA LEU A 264 26.63 -30.87 1.33
C LEU A 264 25.60 -29.77 1.57
N SER A 265 26.03 -28.53 1.34
CA SER A 265 25.22 -27.33 1.45
C SER A 265 24.76 -26.91 0.07
N HIS A 266 24.09 -25.77 -0.01
CA HIS A 266 23.59 -25.29 -1.30
C HIS A 266 24.72 -24.75 -2.19
N SER A 267 25.62 -23.95 -1.62
CA SER A 267 26.55 -23.12 -2.37
C SER A 267 27.92 -23.10 -1.70
N GLY A 268 28.89 -22.48 -2.37
CA GLY A 268 30.19 -22.27 -1.78
C GLY A 268 31.21 -23.33 -2.14
N LYS A 269 32.48 -22.91 -2.21
CA LYS A 269 33.56 -23.82 -2.56
C LYS A 269 33.86 -24.84 -1.47
N ASN A 270 33.38 -24.61 -0.24
CA ASN A 270 33.66 -25.51 0.87
CA ASN A 270 33.67 -25.53 0.85
C ASN A 270 32.88 -26.82 0.71
N ILE A 271 31.55 -26.74 0.79
CA ILE A 271 30.72 -27.94 0.76
C ILE A 271 29.51 -27.74 -0.13
N GLY A 272 29.59 -26.81 -1.06
CA GLY A 272 28.49 -26.59 -1.99
C GLY A 272 28.27 -27.79 -2.89
N ILE A 273 26.99 -28.15 -3.06
CA ILE A 273 26.65 -29.42 -3.69
C ILE A 273 27.32 -29.59 -5.05
N ILE A 274 27.43 -28.51 -5.82
CA ILE A 274 28.17 -28.61 -7.08
C ILE A 274 29.38 -27.69 -7.05
N ARG A 275 29.31 -26.59 -6.29
CA ARG A 275 30.38 -25.61 -6.32
C ARG A 275 31.69 -26.17 -5.77
N SER A 276 31.61 -27.13 -4.86
CA SER A 276 32.79 -27.63 -4.18
C SER A 276 33.49 -28.76 -4.94
N ILE A 277 32.98 -29.14 -6.11
CA ILE A 277 33.59 -30.23 -6.89
C ILE A 277 34.85 -29.71 -7.56
N THR A 278 35.95 -30.44 -7.38
CA THR A 278 37.20 -30.15 -8.06
C THR A 278 37.69 -31.41 -8.74
N MET A 279 38.60 -31.24 -9.70
CA MET A 279 39.21 -32.38 -10.36
C MET A 279 39.86 -33.31 -9.35
N ALA A 280 40.40 -32.74 -8.26
CA ALA A 280 41.12 -33.53 -7.28
C ALA A 280 40.16 -34.34 -6.40
N ASN A 281 39.03 -33.77 -5.98
CA ASN A 281 38.16 -34.44 -5.03
C ASN A 281 36.98 -35.15 -5.66
N ALA A 282 36.78 -35.01 -6.97
CA ALA A 282 35.53 -35.49 -7.57
C ALA A 282 35.36 -36.99 -7.42
N ALA A 283 36.46 -37.76 -7.46
CA ALA A 283 36.33 -39.21 -7.38
C ALA A 283 35.71 -39.65 -6.05
N THR A 284 35.81 -38.82 -5.01
CA THR A 284 35.26 -39.14 -3.71
C THR A 284 34.07 -38.24 -3.35
N HIS A 285 33.63 -37.42 -4.28
CA HIS A 285 32.61 -36.42 -4.00
C HIS A 285 31.22 -37.02 -4.19
N PRO A 286 30.32 -36.92 -3.21
CA PRO A 286 29.03 -37.61 -3.36
C PRO A 286 28.25 -37.17 -4.59
N THR A 287 28.38 -35.90 -4.99
CA THR A 287 27.61 -35.41 -6.14
C THR A 287 28.14 -35.98 -7.45
N ALA A 288 29.46 -35.96 -7.64
CA ALA A 288 30.02 -36.50 -8.88
C ALA A 288 29.74 -37.98 -8.98
N ILE A 289 29.91 -38.69 -7.85
CA ILE A 289 29.66 -40.13 -7.80
C ILE A 289 28.24 -40.47 -8.22
N TRP A 290 27.25 -39.77 -7.63
CA TRP A 290 25.88 -40.16 -7.93
C TRP A 290 25.38 -39.57 -9.24
N ILE A 291 25.94 -38.44 -9.68
CA ILE A 291 25.63 -37.95 -11.02
C ILE A 291 26.03 -38.98 -12.06
N LEU A 292 27.26 -39.49 -11.95
CA LEU A 292 27.73 -40.51 -12.88
C LEU A 292 26.76 -41.68 -12.92
N ARG A 293 26.35 -42.17 -11.75
CA ARG A 293 25.38 -43.26 -11.71
C ARG A 293 24.10 -42.87 -12.46
N CYS A 294 23.53 -41.71 -12.15
CA CYS A 294 22.28 -41.30 -12.79
C CYS A 294 22.42 -41.24 -14.30
N LEU A 295 23.52 -40.68 -14.80
CA LEU A 295 23.73 -40.58 -16.24
C LEU A 295 23.76 -41.95 -16.90
N GLN A 296 24.28 -42.96 -16.19
CA GLN A 296 24.42 -44.29 -16.76
C GLN A 296 23.10 -45.07 -16.82
N VAL A 297 22.03 -44.54 -16.22
CA VAL A 297 20.73 -45.19 -16.27
C VAL A 297 20.21 -45.22 -17.70
N LYS A 298 19.81 -46.41 -18.16
CA LYS A 298 19.32 -46.58 -19.53
C LYS A 298 18.06 -47.43 -19.61
N SER A 299 17.37 -47.67 -18.50
CA SER A 299 16.25 -48.60 -18.49
C SER A 299 15.45 -48.40 -17.23
N ARG A 300 14.19 -48.83 -17.28
CA ARG A 300 13.37 -48.86 -16.09
C ARG A 300 14.04 -49.64 -14.98
N ASP A 301 14.65 -50.79 -15.30
CA ASP A 301 15.24 -51.61 -14.24
C ASP A 301 16.41 -50.91 -13.59
N SER A 302 17.29 -50.30 -14.39
CA SER A 302 18.42 -49.54 -13.84
C SER A 302 17.93 -48.37 -13.01
N TYR A 303 16.90 -47.67 -13.49
CA TYR A 303 16.34 -46.55 -12.75
C TYR A 303 15.82 -47.00 -11.37
N ASN A 304 15.03 -48.07 -11.34
CA ASN A 304 14.42 -48.50 -10.08
C ASN A 304 15.48 -48.96 -9.08
N LYS A 305 16.55 -49.59 -9.55
CA LYS A 305 17.64 -49.94 -8.66
C LYS A 305 18.31 -48.69 -8.09
N LEU A 306 18.45 -47.65 -8.91
CA LEU A 306 19.04 -46.41 -8.42
C LEU A 306 18.10 -45.73 -7.43
N VAL A 307 16.79 -45.78 -7.67
CA VAL A 307 15.84 -45.20 -6.72
C VAL A 307 16.03 -45.82 -5.34
N LYS A 308 16.16 -47.14 -5.27
CA LYS A 308 16.29 -47.79 -3.97
C LYS A 308 17.64 -47.47 -3.35
N GLU A 309 18.72 -47.52 -4.14
CA GLU A 309 20.03 -47.14 -3.62
C GLU A 309 20.00 -45.73 -3.04
N LEU A 310 19.42 -44.78 -3.79
CA LEU A 310 19.42 -43.40 -3.29
C LEU A 310 18.58 -43.26 -2.04
N ASP A 311 17.48 -44.02 -1.94
CA ASP A 311 16.69 -43.96 -0.72
C ASP A 311 17.47 -44.49 0.48
N ASN A 312 18.28 -45.54 0.28
CA ASN A 312 19.14 -46.02 1.36
C ASN A 312 20.14 -44.95 1.78
N ILE A 313 20.77 -44.27 0.82
CA ILE A 313 21.68 -43.18 1.15
C ILE A 313 20.97 -42.11 1.96
N THR A 314 19.72 -41.79 1.59
CA THR A 314 18.95 -40.80 2.35
C THR A 314 18.81 -41.20 3.81
N LYS A 315 18.39 -42.44 4.06
CA LYS A 315 18.24 -42.90 5.44
C LYS A 315 19.56 -42.84 6.19
N GLU A 316 20.64 -43.29 5.55
CA GLU A 316 21.96 -43.24 6.19
C GLU A 316 22.35 -41.79 6.51
N THR A 317 22.27 -40.91 5.51
CA THR A 317 22.67 -39.52 5.70
C THR A 317 21.91 -38.87 6.83
N GLN A 318 20.59 -39.03 6.85
CA GLN A 318 19.81 -38.33 7.84
C GLN A 318 20.01 -38.92 9.23
N LYS A 319 20.34 -40.20 9.34
CA LYS A 319 20.73 -40.74 10.63
CA LYS A 319 20.73 -40.74 10.63
C LYS A 319 22.09 -40.20 11.07
N ASN A 320 23.06 -40.18 10.15
CA ASN A 320 24.41 -39.75 10.53
C ASN A 320 24.50 -38.28 10.87
N GLU A 321 23.65 -37.44 10.28
CA GLU A 321 23.67 -36.00 10.48
C GLU A 321 22.61 -35.51 11.47
N HIS A 322 21.97 -36.43 12.19
CA HIS A 322 20.92 -36.05 13.14
C HIS A 322 21.45 -35.09 14.19
N LYS A 323 22.67 -35.32 14.67
CA LYS A 323 23.32 -34.48 15.67
C LYS A 323 24.63 -33.95 15.11
N GLU A 324 24.85 -32.65 15.27
CA GLU A 324 26.07 -31.98 14.85
C GLU A 324 26.57 -31.14 16.01
N PHE A 325 27.85 -31.28 16.33
CA PHE A 325 28.49 -30.48 17.38
C PHE A 325 29.54 -29.61 16.71
N VAL A 326 29.44 -28.30 16.92
CA VAL A 326 30.38 -27.33 16.37
C VAL A 326 31.15 -26.74 17.54
N LYS A 327 32.46 -26.88 17.49
CA LYS A 327 33.35 -26.49 18.59
CA LYS A 327 33.35 -26.50 18.58
C LYS A 327 34.20 -25.31 18.16
N THR A 328 34.29 -24.31 19.04
CA THR A 328 35.09 -23.12 18.82
C THR A 328 35.91 -22.84 20.08
N LEU A 329 36.76 -21.82 20.00
CA LEU A 329 37.59 -21.44 21.13
C LEU A 329 36.80 -20.81 22.27
N VAL A 330 35.52 -20.51 22.05
CA VAL A 330 34.73 -19.71 22.98
C VAL A 330 33.49 -20.46 23.44
N PHE A 331 32.99 -21.36 22.59
CA PHE A 331 31.73 -22.04 22.89
C PHE A 331 31.60 -23.29 22.03
N THR A 332 30.62 -24.11 22.37
CA THR A 332 30.26 -25.30 21.61
C THR A 332 28.76 -25.27 21.36
N ARG A 333 28.37 -25.60 20.13
CA ARG A 333 26.98 -25.63 19.71
C ARG A 333 26.59 -27.06 19.38
N GLU A 334 25.41 -27.47 19.84
CA GLU A 334 24.77 -28.67 19.35
C GLU A 334 23.65 -28.29 18.41
N TYR A 335 23.60 -28.93 17.25
CA TYR A 335 22.54 -28.72 16.27
C TYR A 335 21.87 -30.05 16.01
N ILE A 336 20.54 -30.05 16.13
CA ILE A 336 19.71 -31.23 15.91
C ILE A 336 18.99 -31.05 14.57
N THR A 337 19.06 -32.07 13.72
CA THR A 337 18.37 -32.07 12.43
C THR A 337 17.56 -33.35 12.36
N ASN A 338 16.23 -33.20 12.28
CA ASN A 338 15.35 -34.35 12.11
C ASN A 338 14.94 -34.43 10.64
N ARG A 339 13.78 -35.00 10.36
CA ARG A 339 13.19 -34.95 9.02
C ARG A 339 11.89 -34.14 9.07
N TYR A 340 11.58 -33.42 7.99
CA TYR A 340 10.53 -32.41 8.02
C TYR A 340 9.58 -32.58 6.84
N SER A 341 8.38 -32.04 7.02
CA SER A 341 7.33 -32.02 6.02
C SER A 341 6.90 -30.59 5.81
N MET A 342 6.44 -30.30 4.59
CA MET A 342 5.98 -28.96 4.26
C MET A 342 4.59 -29.07 3.70
N ILE A 343 3.68 -28.25 4.22
CA ILE A 343 2.31 -28.20 3.74
C ILE A 343 2.12 -26.83 3.10
N ILE A 344 1.64 -26.83 1.86
CA ILE A 344 1.24 -25.60 1.19
C ILE A 344 -0.28 -25.64 1.13
N PHE A 345 -0.93 -24.74 1.85
CA PHE A 345 -2.39 -24.65 1.85
C PHE A 345 -2.85 -23.64 0.81
N ARG A 346 -3.94 -24.00 0.12
CA ARG A 346 -4.61 -23.13 -0.84
C ARG A 346 -6.08 -23.10 -0.46
N LEU A 347 -6.57 -21.93 -0.04
CA LEU A 347 -7.94 -21.75 0.43
C LEU A 347 -8.77 -21.03 -0.62
N ILE A 348 -9.84 -21.68 -1.07
CA ILE A 348 -10.72 -21.16 -2.10
C ILE A 348 -12.17 -21.48 -1.72
N ASP A 349 -13.10 -20.91 -2.46
CA ASP A 349 -14.51 -21.26 -2.35
C ASP A 349 -15.01 -21.73 -3.71
N ASP A 350 -16.27 -22.17 -3.75
CA ASP A 350 -16.85 -22.74 -4.94
C ASP A 350 -17.32 -21.70 -5.95
N ARG A 351 -16.95 -20.44 -5.77
CA ARG A 351 -17.32 -19.38 -6.71
C ARG A 351 -16.09 -18.73 -7.32
N GLY A 352 -14.92 -19.30 -7.15
CA GLY A 352 -13.72 -18.81 -7.81
C GLY A 352 -12.88 -17.86 -6.99
N ASN A 353 -13.21 -17.67 -5.72
CA ASN A 353 -12.47 -16.76 -4.86
C ASN A 353 -11.38 -17.50 -4.12
N HIS A 354 -10.23 -16.85 -3.96
CA HIS A 354 -9.27 -17.21 -2.94
C HIS A 354 -9.69 -16.53 -1.64
N LEU A 355 -9.61 -17.27 -0.55
CA LEU A 355 -9.97 -16.74 0.76
C LEU A 355 -8.76 -16.06 1.39
N ILE A 356 -8.99 -14.90 1.99
CA ILE A 356 -7.92 -14.12 2.59
C ILE A 356 -8.12 -13.91 4.08
N ASP A 357 -9.29 -14.20 4.62
CA ASP A 357 -9.59 -13.97 6.03
C ASP A 357 -10.02 -15.31 6.63
N TYR A 358 -9.10 -15.98 7.32
CA TYR A 358 -9.34 -17.32 7.82
C TYR A 358 -8.33 -17.64 8.93
N ASP A 359 -8.68 -18.64 9.74
CA ASP A 359 -7.80 -19.26 10.73
C ASP A 359 -7.68 -20.73 10.40
N LEU A 360 -6.46 -21.23 10.28
CA LEU A 360 -6.22 -22.62 9.95
C LEU A 360 -5.55 -23.32 11.13
N TYR A 361 -6.16 -24.41 11.59
CA TYR A 361 -5.64 -25.17 12.71
C TYR A 361 -5.21 -26.57 12.27
N LEU A 362 -4.06 -27.00 12.76
CA LEU A 362 -3.81 -28.41 12.89
C LEU A 362 -4.47 -28.92 14.16
N THR A 363 -4.92 -30.16 14.13
CA THR A 363 -5.57 -30.78 15.27
C THR A 363 -5.04 -32.19 15.48
N ALA A 364 -5.06 -32.65 16.73
CA ALA A 364 -4.53 -33.96 17.06
C ALA A 364 -5.22 -34.48 18.31
N GLY A 365 -4.88 -35.71 18.70
CA GLY A 365 -5.47 -36.29 19.89
C GLY A 365 -6.80 -36.95 19.60
N PRO A 366 -7.34 -37.66 20.58
CA PRO A 366 -8.62 -38.36 20.36
C PRO A 366 -9.76 -37.44 19.98
N GLN A 367 -9.74 -36.18 20.43
CA GLN A 367 -10.82 -35.24 20.16
C GLN A 367 -10.48 -34.23 19.07
N TYR A 368 -9.38 -34.45 18.33
CA TYR A 368 -8.90 -33.51 17.32
C TYR A 368 -8.92 -32.08 17.85
N SER A 369 -8.18 -31.88 18.95
CA SER A 369 -7.98 -30.55 19.52
C SER A 369 -6.82 -29.82 18.88
N GLU A 370 -6.97 -28.52 18.69
CA GLU A 370 -5.85 -27.71 18.23
C GLU A 370 -4.79 -27.51 19.31
N GLN A 371 -5.07 -27.90 20.55
CA GLN A 371 -4.14 -27.77 21.65
C GLN A 371 -3.29 -29.02 21.89
N ALA A 372 -3.45 -30.06 21.06
CA ALA A 372 -2.86 -31.37 21.35
C ALA A 372 -1.72 -31.75 20.42
N LEU A 373 -1.24 -30.85 19.58
CA LEU A 373 -0.09 -31.20 18.76
C LEU A 373 1.10 -31.53 19.65
N PRO A 374 1.96 -32.44 19.23
CA PRO A 374 3.19 -32.70 19.98
C PRO A 374 4.02 -31.43 20.11
N ALA A 375 4.61 -31.23 21.28
CA ALA A 375 5.48 -30.07 21.50
C ALA A 375 6.71 -30.17 20.62
N GLY A 376 7.05 -29.07 19.95
CA GLY A 376 8.15 -29.05 18.98
C GLY A 376 7.77 -29.44 17.57
N PHE A 377 6.48 -29.58 17.27
CA PHE A 377 6.06 -29.98 15.93
C PHE A 377 6.41 -28.92 14.88
N PHE A 378 6.55 -27.67 15.29
CA PHE A 378 6.53 -26.55 14.35
C PHE A 378 7.93 -26.02 14.09
N VAL A 379 8.24 -25.75 12.84
CA VAL A 379 9.45 -25.03 12.47
C VAL A 379 9.15 -23.65 11.93
N ASP A 380 8.18 -23.55 11.02
CA ASP A 380 8.00 -22.27 10.32
C ASP A 380 6.60 -22.16 9.72
N ARG A 381 6.14 -20.93 9.57
CA ARG A 381 4.97 -20.62 8.75
C ARG A 381 5.24 -19.36 7.94
N GLN A 382 4.74 -19.33 6.71
CA GLN A 382 4.89 -18.15 5.87
C GLN A 382 3.65 -18.00 5.03
N ARG A 383 3.17 -16.77 4.84
CA ARG A 383 2.01 -16.51 4.01
C ARG A 383 2.42 -15.70 2.80
N ASN A 384 2.02 -16.16 1.62
CA ASN A 384 2.41 -15.51 0.38
C ASN A 384 1.94 -14.06 0.37
N LEU A 385 2.83 -13.16 -0.09
CA LEU A 385 2.50 -11.74 -0.15
C LEU A 385 1.64 -11.35 -1.34
N ASN A 386 1.65 -12.14 -2.43
CA ASN A 386 0.81 -11.88 -3.58
C ASN A 386 -0.57 -12.56 -3.48
N ASN A 387 -0.70 -13.61 -2.69
CA ASN A 387 -1.97 -14.32 -2.51
C ASN A 387 -2.07 -14.76 -1.05
N ARG A 388 -2.90 -14.07 -0.26
CA ARG A 388 -3.03 -14.38 1.16
C ARG A 388 -3.81 -15.65 1.41
N GLY A 389 -4.38 -16.26 0.39
CA GLY A 389 -4.89 -17.59 0.54
C GLY A 389 -3.84 -18.68 0.44
N LYS A 390 -2.55 -18.33 0.36
CA LYS A 390 -1.48 -19.32 0.24
C LYS A 390 -0.64 -19.28 1.50
N LEU A 391 -0.69 -20.35 2.27
CA LEU A 391 -0.05 -20.42 3.57
C LEU A 391 0.79 -21.69 3.64
N THR A 392 2.08 -21.54 3.96
CA THR A 392 3.00 -22.67 4.01
C THR A 392 3.47 -22.93 5.44
N TYR A 393 3.25 -24.14 5.91
CA TYR A 393 3.72 -24.61 7.21
C TYR A 393 4.86 -25.58 6.99
N PHE A 394 5.85 -25.54 7.88
CA PHE A 394 7.01 -26.40 7.86
C PHE A 394 7.09 -27.05 9.24
N LEU A 395 7.04 -28.39 9.25
CA LEU A 395 6.83 -29.16 10.46
C LEU A 395 7.91 -30.23 10.63
N ASP A 396 8.18 -30.55 11.89
CA ASP A 396 9.09 -31.64 12.21
C ASP A 396 8.34 -32.96 12.16
N TYR A 397 8.61 -33.77 11.13
CA TYR A 397 7.85 -34.99 10.96
C TYR A 397 8.15 -36.00 12.08
N ASP A 398 9.41 -36.16 12.44
CA ASP A 398 9.75 -37.16 13.46
C ASP A 398 9.14 -36.80 14.81
N ILE A 399 9.07 -35.50 15.13
CA ILE A 399 8.41 -35.10 16.37
C ILE A 399 6.91 -35.34 16.25
N MET A 400 6.32 -35.02 15.10
CA MET A 400 4.89 -35.24 14.91
C MET A 400 4.55 -36.72 14.99
N GLU A 401 5.28 -37.56 14.28
CA GLU A 401 4.96 -38.99 14.26
CA GLU A 401 4.96 -38.99 14.26
C GLU A 401 5.12 -39.59 15.65
N GLY A 402 6.20 -39.24 16.34
CA GLY A 402 6.44 -39.83 17.65
C GLY A 402 5.39 -39.44 18.66
N GLY A 403 4.85 -38.23 18.54
CA GLY A 403 3.87 -37.77 19.51
C GLY A 403 2.45 -38.19 19.20
N ILE A 404 2.16 -38.39 17.92
CA ILE A 404 0.79 -38.72 17.51
C ILE A 404 0.54 -40.22 17.48
N ASN A 405 1.51 -41.00 17.02
CA ASN A 405 1.34 -42.45 16.95
C ASN A 405 1.71 -43.10 18.29
N THR A 406 0.93 -42.75 19.30
CA THR A 406 0.98 -43.33 20.64
C THR A 406 -0.42 -43.78 21.02
N PRO A 407 -0.54 -44.67 22.01
CA PRO A 407 -1.87 -45.17 22.38
C PRO A 407 -2.86 -44.09 22.80
N LYS A 408 -2.42 -43.09 23.57
CA LYS A 408 -3.34 -42.04 24.02
C LYS A 408 -3.72 -41.10 22.90
N MET A 409 -2.83 -40.88 21.94
CA MET A 409 -3.10 -39.93 20.87
C MET A 409 -3.74 -40.57 19.66
N GLN A 410 -3.71 -41.90 19.57
CA GLN A 410 -4.48 -42.71 18.63
C GLN A 410 -4.08 -42.51 17.17
N GLY A 411 -2.96 -41.82 16.92
CA GLY A 411 -2.54 -41.55 15.58
C GLY A 411 -3.30 -40.45 14.87
N ASN A 412 -4.16 -39.71 15.56
CA ASN A 412 -5.04 -38.74 14.90
C ASN A 412 -4.27 -37.50 14.46
N LEU A 413 -4.65 -36.98 13.29
CA LEU A 413 -4.16 -35.71 12.79
C LEU A 413 -5.22 -35.15 11.86
N GLY A 414 -5.54 -33.86 12.03
CA GLY A 414 -6.55 -33.26 11.19
C GLY A 414 -6.28 -31.79 10.91
N PHE A 415 -7.16 -31.21 10.12
CA PHE A 415 -7.21 -29.78 9.86
C PHE A 415 -8.56 -29.23 10.29
N ARG A 416 -8.57 -27.99 10.75
CA ARG A 416 -9.79 -27.21 10.91
C ARG A 416 -9.56 -25.84 10.29
N VAL A 417 -10.50 -25.40 9.46
CA VAL A 417 -10.44 -24.10 8.79
C VAL A 417 -11.68 -23.32 9.20
N LYS A 418 -11.46 -22.13 9.75
CA LYS A 418 -12.54 -21.19 10.05
C LYS A 418 -12.32 -19.99 9.14
N ALA A 419 -13.16 -19.86 8.10
CA ALA A 419 -13.12 -18.70 7.22
C ALA A 419 -14.12 -17.65 7.70
N TYR A 420 -13.82 -16.38 7.38
CA TYR A 420 -14.63 -15.26 7.80
C TYR A 420 -15.19 -14.53 6.58
N PRO A 421 -16.42 -14.00 6.67
CA PRO A 421 -17.31 -14.06 7.83
C PRO A 421 -17.88 -15.46 8.07
N GLU A 422 -18.23 -15.77 9.31
CA GLU A 422 -18.57 -17.13 9.71
C GLU A 422 -20.06 -17.35 9.99
N SER A 423 -20.89 -16.33 9.90
CA SER A 423 -22.32 -16.53 10.18
C SER A 423 -23.15 -15.46 9.47
N SER A 424 -24.45 -15.76 9.33
CA SER A 424 -25.37 -14.78 8.76
C SER A 424 -25.32 -13.46 9.52
N ASP A 425 -25.24 -13.52 10.86
CA ASP A 425 -25.32 -12.30 11.66
C ASP A 425 -24.13 -11.39 11.40
N GLN A 426 -22.99 -11.95 10.98
CA GLN A 426 -21.83 -11.14 10.65
C GLN A 426 -21.93 -10.58 9.22
N ALA A 427 -22.41 -11.39 8.30
CA ALA A 427 -22.55 -10.97 6.90
C ALA A 427 -23.51 -11.93 6.22
N LEU A 428 -24.21 -11.42 5.21
CA LEU A 428 -25.19 -12.23 4.51
C LEU A 428 -24.54 -13.25 3.57
N ALA A 429 -23.26 -13.08 3.27
CA ALA A 429 -22.44 -14.10 2.61
C ALA A 429 -21.35 -14.54 3.59
N TYR A 430 -21.20 -15.85 3.80
CA TYR A 430 -20.40 -16.35 4.90
C TYR A 430 -20.04 -17.81 4.64
N TYR A 431 -19.20 -18.37 5.53
CA TYR A 431 -18.67 -19.71 5.39
C TYR A 431 -18.85 -20.49 6.68
N ARG A 432 -19.14 -21.77 6.54
CA ARG A 432 -19.19 -22.69 7.67
C ARG A 432 -17.82 -23.35 7.83
N LEU A 433 -17.41 -23.53 9.08
CA LEU A 433 -16.17 -24.20 9.44
C LEU A 433 -16.02 -25.54 8.73
N LEU A 434 -14.78 -25.88 8.38
CA LEU A 434 -14.47 -27.18 7.79
C LEU A 434 -13.56 -27.95 8.75
N ASP A 435 -13.93 -29.20 9.02
CA ASP A 435 -13.15 -30.12 9.83
C ASP A 435 -12.77 -31.32 8.97
N PHE A 436 -11.50 -31.67 8.99
CA PHE A 436 -10.98 -32.84 8.28
C PHE A 436 -10.24 -33.69 9.29
N HIS A 437 -10.63 -34.95 9.41
CA HIS A 437 -10.03 -35.87 10.37
C HIS A 437 -9.25 -36.92 9.61
N SER A 438 -7.96 -37.05 9.93
CA SER A 438 -7.09 -38.03 9.31
C SER A 438 -6.26 -38.78 10.34
N SER A 439 -5.24 -39.50 9.88
CA SER A 439 -4.42 -40.33 10.75
C SER A 439 -3.00 -40.35 10.18
N LEU A 440 -2.02 -40.40 11.08
CA LEU A 440 -0.63 -40.68 10.73
C LEU A 440 -0.26 -42.14 11.00
N ALA A 441 -1.24 -42.98 11.34
CA ALA A 441 -0.97 -44.35 11.70
C ALA A 441 -1.15 -45.34 10.55
N ASP A 442 -1.77 -44.92 9.45
CA ASP A 442 -2.07 -45.80 8.33
C ASP A 442 -1.14 -45.49 7.15
N ILE A 443 -1.38 -46.15 6.02
CA ILE A 443 -0.56 -45.93 4.83
C ILE A 443 -1.06 -44.75 4.01
N HIS A 444 -2.32 -44.35 4.16
CA HIS A 444 -2.91 -43.24 3.41
C HIS A 444 -2.70 -41.88 4.09
N LYS A 445 -1.61 -41.73 4.85
CA LYS A 445 -1.35 -40.50 5.56
C LYS A 445 -1.00 -39.37 4.59
N ILE A 446 -1.21 -38.13 5.06
CA ILE A 446 -0.96 -36.94 4.25
C ILE A 446 0.43 -36.35 4.44
N LEU A 447 1.14 -36.70 5.52
CA LEU A 447 2.47 -36.20 5.79
C LEU A 447 3.50 -37.30 5.59
N HIS A 448 4.62 -36.93 4.98
CA HIS A 448 5.71 -37.87 4.75
C HIS A 448 7.01 -37.15 5.03
N PRO A 449 7.97 -37.82 5.64
CA PRO A 449 9.27 -37.18 5.84
C PRO A 449 9.87 -36.80 4.50
N ASN A 450 10.50 -35.63 4.48
CA ASN A 450 11.17 -35.11 3.30
C ASN A 450 10.23 -34.83 2.13
N GLU A 451 8.93 -34.63 2.39
CA GLU A 451 7.97 -34.32 1.33
C GLU A 451 7.14 -33.08 1.62
N THR A 452 6.78 -32.39 0.55
CA THR A 452 5.76 -31.37 0.54
C THR A 452 4.41 -32.02 0.24
N VAL A 453 3.35 -31.51 0.85
CA VAL A 453 2.00 -31.89 0.46
C VAL A 453 1.23 -30.61 0.18
N MET A 454 0.59 -30.55 -0.99
CA MET A 454 -0.25 -29.41 -1.37
C MET A 454 -1.68 -29.72 -0.94
N VAL A 455 -2.29 -28.81 -0.20
CA VAL A 455 -3.64 -29.03 0.34
C VAL A 455 -4.52 -27.91 -0.16
N GLU A 456 -5.47 -28.24 -1.02
CA GLU A 456 -6.46 -27.30 -1.52
C GLU A 456 -7.77 -27.55 -0.77
N ILE A 457 -8.26 -26.53 -0.08
CA ILE A 457 -9.50 -26.63 0.68
C ILE A 457 -10.50 -25.68 0.05
N MET A 458 -11.62 -26.23 -0.43
CA MET A 458 -12.67 -25.46 -1.09
C MET A 458 -13.90 -25.43 -0.19
N LEU A 459 -14.22 -24.25 0.33
CA LEU A 459 -15.39 -24.03 1.15
C LEU A 459 -16.59 -23.60 0.32
N GLN A 460 -17.78 -23.94 0.83
CA GLN A 460 -19.02 -23.48 0.22
C GLN A 460 -19.29 -22.04 0.64
N ARG A 461 -19.49 -21.17 -0.34
CA ARG A 461 -19.88 -19.81 -0.07
C ARG A 461 -21.39 -19.81 0.16
N ARG A 462 -21.79 -19.49 1.38
CA ARG A 462 -23.20 -19.51 1.78
C ARG A 462 -23.74 -18.09 1.66
N VAL A 463 -24.90 -17.96 1.00
CA VAL A 463 -25.54 -16.67 0.77
C VAL A 463 -26.97 -16.74 1.33
N ASP A 464 -27.25 -15.91 2.33
CA ASP A 464 -28.57 -15.89 2.93
C ASP A 464 -29.61 -15.38 1.95
N ARG A 465 -30.82 -15.94 2.04
CA ARG A 465 -31.87 -15.59 1.10
C ARG A 465 -32.27 -14.12 1.15
N THR A 466 -32.00 -13.42 2.25
CA THR A 466 -32.32 -12.00 2.34
C THR A 466 -31.60 -11.16 1.30
N VAL A 467 -30.52 -11.68 0.72
CA VAL A 467 -29.79 -10.89 -0.27
C VAL A 467 -30.70 -10.49 -1.42
N PHE A 468 -31.75 -11.25 -1.70
CA PHE A 468 -32.71 -10.86 -2.72
C PHE A 468 -34.04 -11.53 -2.42
N ARG A 469 -35.08 -10.73 -2.25
CA ARG A 469 -36.45 -11.18 -2.06
C ARG A 469 -37.35 -10.41 -3.04
N ILE A 470 -38.46 -11.03 -3.42
CA ILE A 470 -39.50 -10.35 -4.18
C ILE A 470 -40.83 -10.53 -3.46
N SER A 471 -41.69 -9.52 -3.58
CA SER A 471 -42.99 -9.54 -2.92
C SER A 471 -43.98 -8.78 -3.78
N ASN A 472 -45.20 -9.32 -3.90
CA ASN A 472 -46.27 -8.65 -4.62
C ASN A 472 -47.09 -7.72 -3.72
N ASN A 473 -46.65 -7.46 -2.50
CA ASN A 473 -47.17 -6.34 -1.70
C ASN A 473 -46.55 -5.06 -2.24
N LEU A 474 -47.36 -4.25 -2.92
CA LEU A 474 -46.87 -3.05 -3.58
C LEU A 474 -46.73 -1.85 -2.66
N THR A 475 -47.05 -1.98 -1.39
CA THR A 475 -46.87 -0.88 -0.45
C THR A 475 -45.38 -0.70 -0.18
N PRO A 476 -44.79 0.46 -0.52
CA PRO A 476 -43.33 0.62 -0.33
C PRO A 476 -42.95 0.46 1.13
N ALA A 477 -41.75 -0.07 1.35
CA ALA A 477 -41.30 -0.33 2.72
C ALA A 477 -39.78 -0.31 2.77
N LYS A 478 -39.25 -0.06 3.97
CA LYS A 478 -37.82 -0.17 4.18
C LYS A 478 -37.36 -1.57 3.86
N ILE A 479 -36.16 -1.67 3.31
CA ILE A 479 -35.54 -2.95 2.98
C ILE A 479 -34.77 -3.44 4.21
N SER A 480 -35.19 -4.57 4.76
CA SER A 480 -34.54 -5.15 5.93
C SER A 480 -33.35 -6.01 5.51
N GLY A 481 -32.25 -5.88 6.25
CA GLY A 481 -31.10 -6.72 6.09
C GLY A 481 -31.04 -7.89 7.04
N LYS A 482 -32.07 -8.10 7.84
CA LYS A 482 -32.08 -9.20 8.80
C LYS A 482 -31.99 -10.52 8.04
N PRO A 483 -31.05 -11.40 8.37
CA PRO A 483 -30.95 -12.68 7.66
C PRO A 483 -32.15 -13.57 7.94
N THR A 484 -32.47 -14.43 6.97
CA THR A 484 -33.53 -15.42 7.13
C THR A 484 -33.08 -16.65 7.90
N GLY A 485 -31.78 -16.95 7.89
CA GLY A 485 -31.28 -18.18 8.44
C GLY A 485 -31.22 -19.33 7.47
N LYS A 486 -31.77 -19.16 6.26
CA LYS A 486 -31.73 -20.16 5.20
C LYS A 486 -30.91 -19.62 4.03
N LYS A 487 -30.03 -20.48 3.51
CA LYS A 487 -29.16 -20.10 2.41
C LYS A 487 -29.85 -20.32 1.08
N ILE A 488 -29.27 -19.73 0.03
CA ILE A 488 -29.72 -19.97 -1.33
C ILE A 488 -29.04 -21.22 -1.87
N ASP A 489 -29.66 -21.83 -2.88
CA ASP A 489 -29.06 -22.94 -3.59
C ASP A 489 -27.80 -22.47 -4.33
N THR B 15 -49.98 -15.16 -19.75
CA THR B 15 -50.08 -13.86 -19.03
C THR B 15 -48.69 -13.40 -18.56
N MET B 16 -48.62 -12.16 -18.12
CA MET B 16 -47.35 -11.50 -17.84
C MET B 16 -47.18 -11.27 -16.35
N ILE B 17 -45.98 -11.54 -15.84
CA ILE B 17 -45.55 -11.11 -14.51
C ILE B 17 -44.55 -9.98 -14.70
N VAL B 18 -44.61 -8.99 -13.81
CA VAL B 18 -43.63 -7.89 -13.80
C VAL B 18 -42.90 -7.95 -12.47
N ILE B 19 -41.57 -7.84 -12.54
CA ILE B 19 -40.72 -7.78 -11.36
C ILE B 19 -39.86 -6.52 -11.46
N PHE B 20 -39.97 -5.65 -10.47
CA PHE B 20 -39.14 -4.46 -10.37
C PHE B 20 -37.83 -4.78 -9.65
N VAL B 21 -36.73 -4.16 -10.11
CA VAL B 21 -35.41 -4.41 -9.54
C VAL B 21 -34.65 -3.10 -9.46
N HIS B 22 -34.19 -2.73 -8.25
CA HIS B 22 -33.72 -1.39 -7.99
C HIS B 22 -32.20 -1.27 -8.20
N GLY B 23 -31.63 -0.14 -7.79
CA GLY B 23 -30.24 0.16 -7.98
C GLY B 23 -29.46 0.09 -6.68
N TRP B 24 -28.24 0.63 -6.70
CA TRP B 24 -27.34 0.49 -5.57
C TRP B 24 -27.61 1.57 -4.53
N SER B 25 -27.23 1.25 -3.28
CA SER B 25 -27.41 2.12 -2.11
C SER B 25 -28.87 2.35 -1.75
N VAL B 26 -29.79 1.56 -2.31
CA VAL B 26 -31.21 1.71 -2.05
C VAL B 26 -31.58 1.05 -0.73
N THR B 27 -32.40 1.73 0.08
CA THR B 27 -32.85 1.17 1.35
C THR B 27 -34.37 1.18 1.50
N HIS B 28 -35.11 1.45 0.43
CA HIS B 28 -36.56 1.61 0.53
C HIS B 28 -37.14 1.43 -0.87
N THR B 29 -38.21 0.64 -0.97
CA THR B 29 -38.79 0.30 -2.27
C THR B 29 -39.60 1.45 -2.86
N ASN B 30 -39.75 2.57 -2.16
CA ASN B 30 -40.31 3.74 -2.83
C ASN B 30 -39.39 4.24 -3.93
N THR B 31 -38.16 3.73 -4.00
CA THR B 31 -37.27 4.01 -5.13
C THR B 31 -37.99 3.84 -6.46
N TYR B 32 -38.99 2.96 -6.52
CA TYR B 32 -39.72 2.69 -7.75
C TYR B 32 -40.80 3.74 -8.06
N GLY B 33 -40.97 4.74 -7.19
CA GLY B 33 -42.01 5.72 -7.41
C GLY B 33 -43.37 5.05 -7.25
N GLU B 34 -44.35 5.56 -7.97
CA GLU B 34 -45.67 4.93 -8.02
C GLU B 34 -45.89 4.14 -9.31
N LEU B 35 -44.82 3.83 -10.05
CA LEU B 35 -44.99 3.09 -11.29
C LEU B 35 -45.57 1.70 -11.11
N PRO B 36 -45.24 0.93 -10.07
CA PRO B 36 -45.91 -0.37 -9.89
C PRO B 36 -47.42 -0.27 -9.74
N GLN B 37 -47.89 0.62 -8.88
CA GLN B 37 -49.34 0.82 -8.75
C GLN B 37 -49.95 1.27 -10.07
N TRP B 38 -49.23 2.10 -10.84
CA TRP B 38 -49.78 2.58 -12.11
C TRP B 38 -49.90 1.46 -13.13
N LEU B 39 -48.88 0.59 -13.22
CA LEU B 39 -48.96 -0.56 -14.12
C LEU B 39 -50.12 -1.46 -13.76
N GLU B 40 -50.41 -1.58 -12.46
CA GLU B 40 -51.55 -2.37 -12.03
C GLU B 40 -52.84 -1.81 -12.63
N ASN B 41 -53.00 -0.49 -12.62
CA ASN B 41 -54.23 0.09 -13.16
C ASN B 41 -54.28 0.01 -14.68
N GLN B 42 -53.13 0.10 -15.34
CA GLN B 42 -53.11 -0.05 -16.79
C GLN B 42 -53.50 -1.45 -17.22
N SER B 43 -53.21 -2.46 -16.40
CA SER B 43 -53.70 -3.81 -16.67
C SER B 43 -55.22 -3.89 -16.49
N LYS B 44 -55.74 -3.30 -15.41
CA LYS B 44 -57.18 -3.33 -15.19
CA LYS B 44 -57.18 -3.29 -15.16
C LYS B 44 -57.95 -2.65 -16.30
N GLN B 45 -57.32 -1.72 -17.03
CA GLN B 45 -57.97 -1.03 -18.14
C GLN B 45 -57.74 -1.73 -19.48
N GLY B 46 -57.14 -2.91 -19.47
CA GLY B 46 -56.96 -3.68 -20.70
C GLY B 46 -55.77 -3.29 -21.53
N LYS B 47 -54.84 -2.51 -20.99
CA LYS B 47 -53.63 -2.16 -21.73
C LYS B 47 -52.52 -3.18 -21.55
N LEU B 48 -52.56 -3.97 -20.46
CA LEU B 48 -51.61 -5.03 -20.21
C LEU B 48 -52.37 -6.27 -19.74
N ASP B 49 -51.70 -7.42 -19.81
CA ASP B 49 -52.29 -8.69 -19.41
C ASP B 49 -51.62 -9.19 -18.14
N ILE B 50 -51.80 -8.44 -17.05
CA ILE B 50 -51.16 -8.71 -15.77
C ILE B 50 -52.26 -8.95 -14.77
N GLN B 51 -52.37 -10.17 -14.25
CA GLN B 51 -53.38 -10.44 -13.25
C GLN B 51 -53.07 -9.67 -11.98
N VAL B 52 -54.12 -9.40 -11.19
CA VAL B 52 -53.93 -8.80 -9.88
C VAL B 52 -53.02 -9.71 -9.08
N GLY B 53 -51.98 -9.13 -8.48
CA GLY B 53 -51.02 -9.88 -7.71
C GLY B 53 -49.84 -10.42 -8.48
N ASN B 54 -49.71 -10.08 -9.77
CA ASN B 54 -48.58 -10.53 -10.57
C ASN B 54 -47.58 -9.42 -10.86
N ILE B 55 -47.60 -8.34 -10.07
CA ILE B 55 -46.56 -7.33 -10.09
C ILE B 55 -45.78 -7.44 -8.79
N TYR B 56 -44.47 -7.60 -8.90
CA TYR B 56 -43.59 -7.88 -7.77
C TYR B 56 -42.55 -6.79 -7.61
N LEU B 57 -42.30 -6.43 -6.36
CA LEU B 57 -41.22 -5.54 -6.01
C LEU B 57 -40.03 -6.38 -5.57
N GLY B 58 -38.91 -6.22 -6.30
CA GLY B 58 -37.66 -6.82 -5.86
C GLY B 58 -37.00 -5.95 -4.80
N ARG B 59 -36.34 -6.61 -3.85
CA ARG B 59 -35.49 -5.92 -2.88
C ARG B 59 -34.26 -6.77 -2.63
N TYR B 60 -33.08 -6.19 -2.85
CA TYR B 60 -31.81 -6.84 -2.62
C TYR B 60 -30.92 -5.92 -1.81
N ILE B 61 -29.83 -6.50 -1.29
CA ILE B 61 -28.96 -5.82 -0.35
C ILE B 61 -27.76 -5.29 -1.10
N SER B 62 -27.65 -3.96 -1.17
CA SER B 62 -26.57 -3.29 -1.86
C SER B 62 -25.61 -2.59 -0.90
N PHE B 63 -25.82 -2.75 0.41
CA PHE B 63 -25.02 -2.03 1.40
C PHE B 63 -24.24 -2.98 2.31
N ASP B 64 -23.95 -4.20 1.86
CA ASP B 64 -23.15 -5.16 2.59
C ASP B 64 -21.83 -5.37 1.85
N ASP B 65 -20.72 -5.11 2.53
CA ASP B 65 -19.41 -5.16 1.88
C ASP B 65 -19.00 -6.56 1.44
N THR B 66 -19.66 -7.61 1.94
CA THR B 66 -19.29 -8.98 1.55
C THR B 66 -20.08 -9.50 0.36
N VAL B 67 -21.18 -8.85 0.00
CA VAL B 67 -22.08 -9.35 -1.04
C VAL B 67 -21.56 -8.91 -2.40
N THR B 68 -21.52 -9.86 -3.34
CA THR B 68 -21.05 -9.63 -4.69
C THR B 68 -22.21 -9.64 -5.69
N VAL B 69 -21.93 -9.14 -6.89
CA VAL B 69 -22.91 -9.19 -7.97
C VAL B 69 -23.25 -10.64 -8.29
N ASP B 70 -22.25 -11.52 -8.25
CA ASP B 70 -22.50 -12.95 -8.39
C ASP B 70 -23.47 -13.46 -7.33
N ASP B 71 -23.24 -13.10 -6.06
CA ASP B 71 -24.15 -13.45 -4.97
C ASP B 71 -25.58 -12.99 -5.25
N ILE B 72 -25.73 -11.73 -5.69
CA ILE B 72 -27.06 -11.18 -5.84
C ILE B 72 -27.80 -11.85 -6.99
N ALA B 73 -27.10 -12.14 -8.09
CA ALA B 73 -27.74 -12.83 -9.21
C ALA B 73 -28.14 -14.24 -8.81
N ARG B 74 -27.29 -14.93 -8.04
CA ARG B 74 -27.67 -16.24 -7.50
C ARG B 74 -28.90 -16.13 -6.61
N ALA B 75 -28.97 -15.07 -5.80
CA ALA B 75 -30.08 -14.91 -4.86
C ALA B 75 -31.36 -14.48 -5.58
N PHE B 76 -31.25 -13.77 -6.70
CA PHE B 76 -32.42 -13.49 -7.54
C PHE B 76 -33.06 -14.80 -8.00
N ASP B 77 -32.23 -15.74 -8.50
CA ASP B 77 -32.77 -17.02 -8.94
C ASP B 77 -33.55 -17.71 -7.83
N GLN B 78 -33.02 -17.68 -6.60
CA GLN B 78 -33.69 -18.32 -5.49
C GLN B 78 -34.98 -17.59 -5.13
N ALA B 79 -34.95 -16.25 -5.21
CA ALA B 79 -36.14 -15.47 -4.89
C ALA B 79 -37.26 -15.76 -5.88
N VAL B 80 -36.93 -15.90 -7.17
CA VAL B 80 -37.94 -16.21 -8.16
C VAL B 80 -38.56 -17.57 -7.89
N ARG B 81 -37.74 -18.57 -7.58
CA ARG B 81 -38.27 -19.89 -7.31
C ARG B 81 -39.07 -19.90 -6.01
N ASP B 82 -38.65 -19.14 -5.02
CA ASP B 82 -39.37 -19.14 -3.75
C ASP B 82 -40.78 -18.57 -3.90
N GLU B 83 -40.97 -17.61 -4.82
CA GLU B 83 -42.22 -16.87 -4.88
C GLU B 83 -43.10 -17.20 -6.08
N ILE B 84 -42.53 -17.53 -7.24
CA ILE B 84 -43.38 -17.73 -8.42
C ILE B 84 -43.08 -19.00 -9.20
N ALA B 85 -42.44 -19.99 -8.56
CA ALA B 85 -42.16 -21.25 -9.24
C ALA B 85 -43.43 -21.87 -9.82
N ASP B 86 -44.50 -21.91 -9.03
CA ASP B 86 -45.75 -22.47 -9.52
CA ASP B 86 -45.75 -22.47 -9.52
C ASP B 86 -46.26 -21.71 -10.74
N LYS B 87 -46.22 -20.38 -10.69
CA LYS B 87 -46.70 -19.58 -11.82
C LYS B 87 -45.87 -19.81 -13.07
N LEU B 88 -44.56 -19.99 -12.90
CA LEU B 88 -43.70 -20.26 -14.06
C LEU B 88 -43.97 -21.65 -14.62
N ARG B 89 -44.16 -22.65 -13.76
CA ARG B 89 -44.48 -23.99 -14.25
C ARG B 89 -45.71 -23.96 -15.14
N ASP B 90 -46.70 -23.13 -14.79
CA ASP B 90 -47.96 -23.04 -15.53
C ASP B 90 -47.84 -22.19 -16.79
N GLY B 91 -46.63 -21.87 -17.23
CA GLY B 91 -46.41 -21.22 -18.49
C GLY B 91 -46.20 -19.72 -18.43
N GLN B 92 -46.34 -19.11 -17.26
CA GLN B 92 -46.18 -17.67 -17.16
C GLN B 92 -44.72 -17.27 -17.27
N ARG B 93 -44.49 -16.10 -17.85
CA ARG B 93 -43.16 -15.52 -17.99
CA ARG B 93 -43.16 -15.52 -17.99
C ARG B 93 -43.18 -14.12 -17.40
N PHE B 94 -42.00 -13.59 -17.07
CA PHE B 94 -41.94 -12.30 -16.42
C PHE B 94 -41.09 -11.30 -17.17
N ALA B 95 -41.49 -10.04 -17.02
CA ALA B 95 -40.71 -8.89 -17.44
C ALA B 95 -40.03 -8.29 -16.22
N CYS B 96 -38.74 -7.98 -16.36
CA CYS B 96 -37.99 -7.27 -15.34
C CYS B 96 -37.88 -5.81 -15.74
N ILE B 97 -38.27 -4.92 -14.85
CA ILE B 97 -38.02 -3.50 -14.99
C ILE B 97 -36.95 -3.15 -13.97
N THR B 98 -35.77 -2.78 -14.43
CA THR B 98 -34.62 -2.56 -13.58
C THR B 98 -34.19 -1.11 -13.61
N HIS B 99 -33.49 -0.70 -12.56
CA HIS B 99 -32.91 0.63 -12.47
C HIS B 99 -31.47 0.48 -12.01
N SER B 100 -30.58 1.25 -12.64
CA SER B 100 -29.18 1.34 -12.24
C SER B 100 -28.56 -0.05 -12.21
N THR B 101 -28.03 -0.49 -11.07
CA THR B 101 -27.31 -1.76 -11.00
C THR B 101 -28.22 -2.95 -11.28
N GLY B 102 -29.54 -2.81 -11.11
CA GLY B 102 -30.42 -3.92 -11.38
C GLY B 102 -30.29 -4.49 -12.79
N GLY B 103 -29.92 -3.65 -13.75
CA GLY B 103 -29.71 -4.10 -15.11
C GLY B 103 -28.59 -5.10 -15.19
N PRO B 104 -27.37 -4.66 -14.88
CA PRO B 104 -26.23 -5.58 -14.81
C PRO B 104 -26.51 -6.85 -14.02
N ILE B 105 -27.32 -6.76 -12.98
CA ILE B 105 -27.55 -7.92 -12.10
C ILE B 105 -28.41 -8.96 -12.80
N VAL B 106 -29.50 -8.52 -13.43
CA VAL B 106 -30.33 -9.45 -14.19
C VAL B 106 -29.56 -10.02 -15.37
N ARG B 107 -28.66 -9.24 -15.97
CA ARG B 107 -27.86 -9.76 -17.08
C ARG B 107 -26.86 -10.81 -16.60
N LYS B 108 -26.31 -10.65 -15.39
CA LYS B 108 -25.46 -11.68 -14.81
C LYS B 108 -26.26 -12.94 -14.48
N TRP B 109 -27.49 -12.76 -13.96
CA TRP B 109 -28.36 -13.90 -13.72
C TRP B 109 -28.65 -14.66 -14.99
N MET B 110 -29.03 -13.95 -16.07
CA MET B 110 -29.20 -14.59 -17.37
C MET B 110 -27.93 -15.36 -17.76
N ASP B 111 -26.76 -14.77 -17.51
CA ASP B 111 -25.52 -15.40 -17.94
C ASP B 111 -25.23 -16.64 -17.09
N LEU B 112 -25.52 -16.58 -15.79
CA LEU B 112 -25.20 -17.70 -14.91
C LEU B 112 -26.09 -18.90 -15.20
N TYR B 113 -27.37 -18.67 -15.55
CA TYR B 113 -28.36 -19.74 -15.62
C TYR B 113 -28.86 -20.06 -17.02
N PHE B 114 -28.66 -19.19 -18.01
CA PHE B 114 -29.30 -19.42 -19.30
C PHE B 114 -28.46 -19.05 -20.51
N LYS B 115 -27.15 -18.86 -20.34
CA LYS B 115 -26.34 -18.26 -21.39
C LYS B 115 -26.54 -18.98 -22.72
N ASN B 116 -26.25 -20.27 -22.76
CA ASN B 116 -26.36 -20.98 -24.02
C ASN B 116 -27.79 -21.40 -24.35
N ASN B 117 -28.81 -20.75 -23.77
CA ASN B 117 -30.12 -21.35 -23.70
C ASN B 117 -31.20 -20.32 -23.38
N LEU B 118 -31.15 -19.16 -24.04
CA LEU B 118 -32.05 -18.08 -23.67
C LEU B 118 -33.51 -18.43 -23.93
N ALA B 119 -33.80 -19.40 -24.79
CA ALA B 119 -35.18 -19.76 -25.09
C ALA B 119 -35.87 -20.43 -23.92
N LYS B 120 -35.11 -21.00 -22.99
CA LYS B 120 -35.66 -21.57 -21.76
C LYS B 120 -35.74 -20.57 -20.62
N CYS B 121 -35.17 -19.39 -20.79
CA CYS B 121 -35.19 -18.39 -19.75
C CYS B 121 -36.63 -17.94 -19.48
N PRO B 122 -37.07 -17.89 -18.22
CA PRO B 122 -38.46 -17.48 -17.95
C PRO B 122 -38.72 -15.99 -18.13
N LEU B 123 -37.70 -15.22 -18.47
CA LEU B 123 -37.85 -13.78 -18.67
C LEU B 123 -38.26 -13.53 -20.12
N SER B 124 -39.28 -12.71 -20.31
CA SER B 124 -39.77 -12.35 -21.64
C SER B 124 -39.36 -10.95 -22.06
N HIS B 125 -39.22 -10.03 -21.11
CA HIS B 125 -38.85 -8.64 -21.37
C HIS B 125 -37.85 -8.19 -20.33
N LEU B 126 -36.82 -7.48 -20.79
CA LEU B 126 -35.83 -6.85 -19.91
C LEU B 126 -35.82 -5.37 -20.26
N ILE B 127 -36.33 -4.55 -19.34
CA ILE B 127 -36.43 -3.11 -19.51
C ILE B 127 -35.48 -2.49 -18.49
N MET B 128 -34.33 -2.02 -18.96
CA MET B 128 -33.28 -1.45 -18.11
C MET B 128 -33.38 0.06 -18.14
N LEU B 129 -33.55 0.67 -16.97
CA LEU B 129 -33.60 2.12 -16.81
C LEU B 129 -32.27 2.61 -16.27
N ALA B 130 -31.62 3.50 -17.03
CA ALA B 130 -30.29 4.05 -16.71
C ALA B 130 -29.37 2.98 -16.13
N PRO B 131 -29.21 1.84 -16.79
CA PRO B 131 -28.34 0.78 -16.27
C PRO B 131 -26.87 1.14 -16.40
N ALA B 132 -26.10 0.75 -15.37
CA ALA B 132 -24.65 0.97 -15.37
C ALA B 132 -23.94 -0.19 -16.05
N ASN B 133 -24.34 -0.43 -17.31
CA ASN B 133 -23.90 -1.64 -18.00
C ASN B 133 -22.41 -1.64 -18.29
N HIS B 134 -21.81 -0.46 -18.48
CA HIS B 134 -20.36 -0.37 -18.65
C HIS B 134 -19.71 0.38 -17.48
N GLY B 135 -20.40 0.48 -16.35
CA GLY B 135 -19.83 1.04 -15.13
C GLY B 135 -20.28 2.46 -14.86
N SER B 136 -19.85 2.96 -13.71
CA SER B 136 -20.11 4.32 -13.26
C SER B 136 -18.80 4.96 -12.83
N ALA B 137 -18.53 6.16 -13.36
CA ALA B 137 -17.31 6.87 -12.99
C ALA B 137 -17.25 7.15 -11.50
N LEU B 138 -18.40 7.19 -10.83
CA LEU B 138 -18.45 7.49 -9.41
C LEU B 138 -17.93 6.36 -8.54
N ALA B 139 -17.92 5.12 -9.05
CA ALA B 139 -17.61 3.97 -8.20
C ALA B 139 -16.20 4.06 -7.66
N GLN B 140 -15.26 4.57 -8.45
CA GLN B 140 -13.89 4.68 -7.98
C GLN B 140 -13.77 5.60 -6.77
N LEU B 141 -14.60 6.64 -6.70
CA LEU B 141 -14.62 7.51 -5.52
C LEU B 141 -14.85 6.73 -4.22
N GLY B 142 -15.23 5.44 -4.32
CA GLY B 142 -15.18 4.53 -3.19
C GLY B 142 -16.28 4.75 -2.16
N LYS B 143 -16.26 3.89 -1.14
CA LYS B 143 -17.37 3.78 -0.20
C LYS B 143 -17.56 5.05 0.63
N SER B 144 -16.50 5.53 1.29
CA SER B 144 -16.65 6.67 2.18
C SER B 144 -17.19 7.88 1.45
N ARG B 145 -16.49 8.34 0.41
CA ARG B 145 -16.92 9.53 -0.31
C ARG B 145 -18.34 9.38 -0.88
N LEU B 146 -18.67 8.18 -1.38
CA LEU B 146 -19.96 8.01 -2.05
C LEU B 146 -21.12 8.13 -1.08
N GLY B 147 -20.97 7.62 0.13
CA GLY B 147 -21.97 7.83 1.16
C GLY B 147 -22.00 9.29 1.53
N GLU B 157 -21.78 3.78 2.71
CA GLU B 157 -23.07 3.24 2.32
C GLU B 157 -22.94 2.03 1.38
N PRO B 158 -22.45 2.26 0.15
CA PRO B 158 -22.47 1.19 -0.84
C PRO B 158 -21.47 0.09 -0.52
N GLY B 159 -21.79 -1.12 -0.97
CA GLY B 159 -20.96 -2.28 -0.68
C GLY B 159 -19.73 -2.34 -1.56
N LYS B 160 -18.59 -2.65 -0.94
CA LYS B 160 -17.31 -2.53 -1.63
C LYS B 160 -17.24 -3.47 -2.83
N CYS B 161 -17.80 -4.68 -2.70
CA CYS B 161 -17.67 -5.64 -3.79
C CYS B 161 -18.50 -5.23 -5.00
N VAL B 162 -19.66 -4.63 -4.78
CA VAL B 162 -20.42 -4.11 -5.91
C VAL B 162 -19.71 -2.92 -6.55
N LEU B 163 -19.00 -2.10 -5.75
CA LEU B 163 -18.23 -1.00 -6.32
C LEU B 163 -17.09 -1.50 -7.19
N ASP B 164 -16.48 -2.63 -6.82
CA ASP B 164 -15.45 -3.21 -7.69
C ASP B 164 -16.02 -3.60 -9.05
N TRP B 165 -17.29 -4.01 -9.09
CA TRP B 165 -17.95 -4.33 -10.36
C TRP B 165 -18.24 -3.04 -11.13
N LEU B 166 -18.80 -2.05 -10.46
CA LEU B 166 -19.23 -0.84 -11.15
C LEU B 166 -18.06 0.02 -11.62
N GLU B 167 -16.87 -0.18 -11.08
CA GLU B 167 -15.73 0.66 -11.42
C GLU B 167 -15.44 0.58 -12.92
N LEU B 168 -15.29 1.75 -13.55
CA LEU B 168 -14.88 1.78 -14.95
C LEU B 168 -13.65 0.90 -15.14
N GLY B 169 -13.66 0.12 -16.22
CA GLY B 169 -12.56 -0.79 -16.49
C GLY B 169 -12.54 -2.05 -15.65
N SER B 170 -13.60 -2.32 -14.89
CA SER B 170 -13.64 -3.49 -14.03
C SER B 170 -13.44 -4.78 -14.82
N ASP B 171 -12.63 -5.68 -14.29
CA ASP B 171 -12.50 -6.99 -14.92
C ASP B 171 -13.82 -7.75 -14.93
N MET B 172 -14.67 -7.52 -13.92
CA MET B 172 -15.91 -8.30 -13.85
C MET B 172 -16.91 -7.85 -14.91
N SER B 173 -17.11 -6.54 -15.06
CA SER B 173 -18.04 -6.09 -16.09
C SER B 173 -17.51 -6.39 -17.49
N TRP B 174 -16.19 -6.31 -17.70
CA TRP B 174 -15.63 -6.70 -18.99
C TRP B 174 -16.01 -8.14 -19.33
N GLN B 175 -15.84 -9.05 -18.36
CA GLN B 175 -16.17 -10.45 -18.57
C GLN B 175 -17.64 -10.62 -18.92
N LEU B 176 -18.54 -9.98 -18.17
CA LEU B 176 -19.96 -10.12 -18.47
C LEU B 176 -20.28 -9.56 -19.85
N ASN B 177 -19.75 -8.37 -20.17
CA ASN B 177 -20.12 -7.74 -21.42
C ASN B 177 -19.45 -8.42 -22.62
N GLU B 178 -18.28 -9.03 -22.42
CA GLU B 178 -17.72 -9.82 -23.50
C GLU B 178 -18.57 -11.07 -23.74
N SER B 179 -19.02 -11.70 -22.66
CA SER B 179 -19.99 -12.79 -22.82
C SER B 179 -21.19 -12.33 -23.63
N TRP B 180 -21.69 -11.13 -23.35
CA TRP B 180 -22.94 -10.70 -23.97
C TRP B 180 -22.79 -10.39 -25.44
N LEU B 181 -21.55 -10.31 -25.95
CA LEU B 181 -21.34 -10.20 -27.38
C LEU B 181 -22.01 -11.35 -28.14
N ASP B 182 -22.11 -12.53 -27.54
CA ASP B 182 -22.64 -13.71 -28.20
C ASP B 182 -24.16 -13.86 -28.05
N TYR B 183 -24.82 -12.98 -27.32
CA TYR B 183 -26.26 -13.13 -27.09
C TYR B 183 -27.06 -12.68 -28.31
N ASP B 184 -28.19 -13.37 -28.54
CA ASP B 184 -29.24 -12.88 -29.46
C ASP B 184 -30.55 -13.05 -28.72
N CYS B 185 -30.87 -12.05 -27.91
CA CYS B 185 -32.11 -12.09 -27.14
C CYS B 185 -33.32 -12.15 -28.07
N THR B 186 -33.38 -11.24 -29.04
CA THR B 186 -34.55 -11.16 -29.90
C THR B 186 -34.83 -12.51 -30.58
N ALA B 187 -33.79 -13.19 -31.06
CA ALA B 187 -33.99 -14.45 -31.73
C ALA B 187 -34.56 -15.51 -30.81
N ASN B 188 -34.31 -15.38 -29.50
CA ASN B 188 -34.76 -16.32 -28.50
C ASN B 188 -36.04 -15.85 -27.81
N GLY B 189 -36.69 -14.81 -28.34
CA GLY B 189 -37.94 -14.37 -27.77
C GLY B 189 -37.80 -13.57 -26.50
N VAL B 190 -36.63 -13.01 -26.24
CA VAL B 190 -36.41 -12.13 -25.12
C VAL B 190 -36.26 -10.73 -25.69
N TYR B 191 -37.13 -9.83 -25.26
CA TYR B 191 -37.19 -8.47 -25.78
C TYR B 191 -36.54 -7.57 -24.75
N SER B 192 -35.36 -7.06 -25.09
CA SER B 192 -34.52 -6.27 -24.19
C SER B 192 -34.49 -4.81 -24.63
N PHE B 193 -34.50 -3.90 -23.65
CA PHE B 193 -34.54 -2.46 -23.93
C PHE B 193 -33.69 -1.72 -22.91
N VAL B 194 -33.07 -0.63 -23.36
CA VAL B 194 -32.38 0.31 -22.48
C VAL B 194 -33.04 1.68 -22.64
N LEU B 195 -33.49 2.24 -21.53
CA LEU B 195 -33.96 3.61 -21.51
C LEU B 195 -33.12 4.40 -20.52
N THR B 196 -32.74 5.61 -20.89
CA THR B 196 -32.04 6.44 -19.92
C THR B 196 -32.29 7.90 -20.26
N GLY B 197 -31.80 8.77 -19.38
CA GLY B 197 -31.89 10.20 -19.58
C GLY B 197 -30.50 10.81 -19.45
N GLN B 198 -30.41 12.09 -19.77
CA GLN B 198 -29.15 12.81 -19.70
C GLN B 198 -29.32 14.19 -19.07
N LYS B 199 -30.26 14.33 -18.17
CA LYS B 199 -30.52 15.57 -17.44
C LYS B 199 -29.85 15.49 -16.07
N ILE B 200 -29.13 16.54 -15.68
CA ILE B 200 -28.61 16.63 -14.32
C ILE B 200 -29.68 17.26 -13.45
N ASP B 201 -29.95 16.65 -12.31
CA ASP B 201 -30.77 17.33 -11.30
C ASP B 201 -29.80 18.25 -10.56
N ARG B 202 -29.82 19.53 -10.92
CA ARG B 202 -28.77 20.45 -10.49
C ARG B 202 -28.87 20.81 -9.01
N GLN B 203 -29.97 20.44 -8.35
CA GLN B 203 -30.06 20.58 -6.90
CA GLN B 203 -30.06 20.58 -6.90
C GLN B 203 -29.14 19.61 -6.18
N PHE B 204 -28.66 18.56 -6.85
CA PHE B 204 -27.89 17.51 -6.21
C PHE B 204 -26.49 17.43 -6.81
N TYR B 205 -25.93 18.57 -7.17
CA TYR B 205 -24.55 18.63 -7.61
C TYR B 205 -23.63 18.70 -6.40
N ASP B 206 -22.66 17.80 -6.32
CA ASP B 206 -21.65 17.82 -5.27
C ASP B 206 -20.46 18.60 -5.83
N ALA B 207 -20.19 19.77 -5.25
CA ALA B 207 -19.22 20.67 -5.85
C ALA B 207 -17.81 20.08 -5.85
N VAL B 208 -17.47 19.21 -4.90
CA VAL B 208 -16.13 18.65 -4.88
C VAL B 208 -16.01 17.40 -5.73
N ASN B 209 -17.13 16.88 -6.25
CA ASN B 209 -17.14 15.71 -7.14
C ASN B 209 -17.99 16.00 -8.37
N SER B 210 -17.33 16.55 -9.39
CA SER B 210 -18.02 17.08 -10.56
C SER B 210 -18.59 16.00 -11.47
N TYR B 211 -18.21 14.72 -11.28
CA TYR B 211 -18.92 13.64 -11.96
C TYR B 211 -20.43 13.74 -11.74
N THR B 212 -20.85 14.29 -10.61
CA THR B 212 -22.28 14.39 -10.33
C THR B 212 -23.00 15.37 -11.24
N GLY B 213 -22.27 16.13 -12.07
CA GLY B 213 -22.88 16.98 -13.08
C GLY B 213 -22.30 16.79 -14.48
N GLU B 214 -21.66 15.66 -14.73
CA GLU B 214 -20.90 15.46 -15.97
C GLU B 214 -21.81 15.48 -17.18
N SER B 215 -21.42 16.27 -18.18
CA SER B 215 -22.17 16.33 -19.42
C SER B 215 -22.09 14.99 -20.12
N GLY B 216 -23.22 14.54 -20.67
CA GLY B 216 -23.30 13.20 -21.21
C GLY B 216 -23.70 12.15 -20.23
N SER B 217 -24.04 12.54 -19.01
CA SER B 217 -24.46 11.63 -17.97
C SER B 217 -25.74 12.17 -17.34
N ASN B 218 -26.39 11.32 -16.54
CA ASN B 218 -27.55 11.72 -15.75
C ASN B 218 -27.19 12.02 -14.31
N GLY B 219 -25.90 12.21 -14.03
CA GLY B 219 -25.40 12.40 -12.69
C GLY B 219 -24.75 11.15 -12.11
N VAL B 220 -25.06 9.97 -12.66
CA VAL B 220 -24.52 8.74 -12.12
C VAL B 220 -23.97 7.86 -13.24
N VAL B 221 -24.69 7.73 -14.35
CA VAL B 221 -24.32 6.86 -15.45
CA VAL B 221 -24.31 6.86 -15.45
C VAL B 221 -24.25 7.68 -16.73
N ARG B 222 -23.17 7.51 -17.47
CA ARG B 222 -23.05 8.15 -18.77
C ARG B 222 -23.98 7.45 -19.76
N VAL B 223 -24.63 8.23 -20.62
CA VAL B 223 -25.48 7.64 -21.66
C VAL B 223 -24.75 6.49 -22.35
N ALA B 224 -23.50 6.75 -22.74
CA ALA B 224 -22.78 5.73 -23.47
C ALA B 224 -22.55 4.48 -22.63
N ALA B 225 -22.46 4.62 -21.31
CA ALA B 225 -22.27 3.45 -20.46
C ALA B 225 -23.55 2.67 -20.22
N THR B 226 -24.71 3.16 -20.68
CA THR B 226 -25.94 2.39 -20.54
C THR B 226 -26.19 1.50 -21.76
N ASN B 227 -25.63 1.85 -22.90
CA ASN B 227 -26.04 1.28 -24.18
C ASN B 227 -25.51 -0.13 -24.34
N MET B 228 -26.41 -1.07 -24.62
CA MET B 228 -25.98 -2.44 -24.91
C MET B 228 -25.61 -2.65 -26.37
N ASN B 229 -25.63 -1.60 -27.19
CA ASN B 229 -25.09 -1.63 -28.54
C ASN B 229 -23.64 -1.17 -28.43
N TYR B 230 -22.69 -2.12 -28.49
CA TYR B 230 -21.28 -1.77 -28.38
C TYR B 230 -20.47 -2.78 -29.19
N SER B 231 -19.20 -2.45 -29.40
CA SER B 231 -18.29 -3.31 -30.12
C SER B 231 -17.08 -3.63 -29.25
N LEU B 232 -16.48 -4.79 -29.53
CA LEU B 232 -15.19 -5.18 -28.98
C LEU B 232 -14.20 -5.24 -30.14
N LEU B 233 -13.17 -4.40 -30.08
CA LEU B 233 -12.13 -4.33 -31.10
C LEU B 233 -10.88 -4.98 -30.52
N LYS B 234 -10.40 -6.03 -31.18
CA LYS B 234 -9.17 -6.70 -30.80
C LYS B 234 -8.07 -6.29 -31.77
N LEU B 235 -6.98 -5.74 -31.22
CA LEU B 235 -5.79 -5.36 -31.97
C LEU B 235 -4.63 -6.20 -31.46
N HIS B 236 -4.12 -7.08 -32.31
CA HIS B 236 -3.08 -8.03 -31.94
C HIS B 236 -1.83 -7.73 -32.75
N GLN B 237 -0.72 -7.59 -32.05
CA GLN B 237 0.55 -7.21 -32.65
C GLN B 237 1.21 -8.45 -33.25
N GLU B 238 1.72 -8.29 -34.45
CA GLU B 238 2.47 -9.34 -35.13
C GLU B 238 3.77 -8.74 -35.64
N GLY B 239 4.73 -9.63 -35.95
CA GLY B 239 5.99 -9.20 -36.52
C GLY B 239 7.21 -9.80 -35.87
N ASP B 240 8.16 -10.25 -36.68
CA ASP B 240 9.43 -10.75 -36.17
C ASP B 240 10.36 -9.57 -35.91
N ASN B 241 11.65 -9.75 -36.19
CA ASN B 241 12.55 -8.61 -36.26
C ASN B 241 12.31 -7.88 -37.58
N GLY B 242 12.15 -6.57 -37.52
CA GLY B 242 11.86 -5.79 -38.70
C GLY B 242 10.73 -4.80 -38.53
N GLU B 243 9.49 -5.24 -38.80
CA GLU B 243 8.34 -4.36 -38.86
C GLU B 243 7.23 -4.88 -37.98
N SER B 244 6.63 -3.98 -37.19
CA SER B 244 5.50 -4.30 -36.33
C SER B 244 4.19 -4.07 -37.07
N LEU B 245 3.34 -5.10 -37.10
CA LEU B 245 2.07 -5.04 -37.80
C LEU B 245 0.95 -5.46 -36.86
N VAL B 246 -0.28 -5.08 -37.23
CA VAL B 246 -1.42 -5.15 -36.35
C VAL B 246 -2.56 -5.85 -37.09
N VAL B 247 -3.13 -6.87 -36.47
CA VAL B 247 -4.31 -7.55 -36.98
C VAL B 247 -5.50 -7.07 -36.16
N ALA B 248 -6.54 -6.63 -36.84
CA ALA B 248 -7.73 -6.10 -36.19
C ALA B 248 -8.92 -7.00 -36.42
N LYS B 249 -9.72 -7.18 -35.38
CA LYS B 249 -10.97 -7.92 -35.47
C LYS B 249 -11.98 -7.18 -34.62
N MET B 250 -13.15 -6.89 -35.18
CA MET B 250 -14.20 -6.20 -34.45
C MET B 250 -15.43 -7.07 -34.40
N THR B 251 -16.03 -7.16 -33.22
CA THR B 251 -17.27 -7.89 -33.02
C THR B 251 -18.24 -6.95 -32.32
N ARG B 252 -19.52 -7.08 -32.65
CA ARG B 252 -20.53 -6.18 -32.16
C ARG B 252 -21.70 -6.97 -31.60
N THR B 253 -22.34 -6.43 -30.57
CA THR B 253 -23.54 -7.02 -30.04
C THR B 253 -24.67 -6.94 -31.07
N GLN B 254 -25.69 -7.77 -30.88
CA GLN B 254 -26.88 -7.65 -31.69
C GLN B 254 -27.59 -6.35 -31.35
N PRO B 255 -28.38 -5.81 -32.28
CA PRO B 255 -29.09 -4.57 -31.99
C PRO B 255 -30.00 -4.71 -30.78
N MET B 256 -29.98 -3.70 -29.92
CA MET B 256 -30.91 -3.61 -28.81
C MET B 256 -31.57 -2.24 -28.80
N ALA B 257 -32.87 -2.22 -28.54
CA ALA B 257 -33.60 -0.97 -28.39
C ALA B 257 -32.89 -0.04 -27.41
N PHE B 258 -32.82 1.23 -27.77
CA PHE B 258 -32.06 2.20 -26.99
C PHE B 258 -32.71 3.56 -27.16
N GLY B 259 -33.11 4.16 -26.05
CA GLY B 259 -33.73 5.47 -26.07
C GLY B 259 -33.16 6.35 -24.99
N VAL B 260 -32.87 7.59 -25.36
CA VAL B 260 -32.53 8.65 -24.41
C VAL B 260 -33.77 9.52 -24.27
N LEU B 261 -34.42 9.43 -23.16
CA LEU B 261 -35.67 10.12 -22.90
C LEU B 261 -35.43 11.54 -22.39
N PRO B 262 -36.36 12.46 -22.65
CA PRO B 262 -36.12 13.87 -22.29
C PRO B 262 -36.41 14.20 -20.84
N GLY B 263 -35.53 15.01 -20.26
CA GLY B 263 -35.80 15.69 -19.00
C GLY B 263 -35.64 14.86 -17.76
N LEU B 264 -34.88 13.77 -17.82
CA LEU B 264 -34.84 12.78 -16.77
C LEU B 264 -33.43 12.56 -16.26
N SER B 265 -33.28 12.56 -14.93
CA SER B 265 -32.00 12.33 -14.27
C SER B 265 -31.98 10.92 -13.70
N HIS B 266 -30.95 10.59 -12.93
CA HIS B 266 -30.85 9.23 -12.39
C HIS B 266 -31.86 8.97 -11.28
N SER B 267 -32.01 9.94 -10.37
CA SER B 267 -32.67 9.72 -9.10
C SER B 267 -33.46 10.96 -8.72
N GLY B 268 -34.21 10.84 -7.64
CA GLY B 268 -34.88 11.98 -7.04
C GLY B 268 -36.33 12.10 -7.48
N LYS B 269 -37.16 12.65 -6.58
CA LYS B 269 -38.57 12.80 -6.90
C LYS B 269 -38.83 13.89 -7.94
N ASN B 270 -37.90 14.83 -8.12
CA ASN B 270 -38.09 15.89 -9.11
CA ASN B 270 -38.10 15.89 -9.11
C ASN B 270 -38.13 15.32 -10.52
N ILE B 271 -37.02 14.70 -10.95
CA ILE B 271 -36.93 14.23 -12.34
C ILE B 271 -36.20 12.90 -12.46
N GLY B 272 -36.16 12.14 -11.38
CA GLY B 272 -35.56 10.81 -11.45
C GLY B 272 -36.28 9.92 -12.45
N ILE B 273 -35.49 9.15 -13.22
CA ILE B 273 -36.06 8.41 -14.34
C ILE B 273 -37.21 7.50 -13.92
N ILE B 274 -37.17 6.93 -12.71
CA ILE B 274 -38.32 6.16 -12.22
C ILE B 274 -38.86 6.76 -10.92
N ARG B 275 -37.98 7.37 -10.12
CA ARG B 275 -38.41 7.89 -8.82
C ARG B 275 -39.48 8.97 -8.96
N SER B 276 -39.46 9.76 -10.04
CA SER B 276 -40.36 10.89 -10.19
C SER B 276 -41.75 10.52 -10.69
N ILE B 277 -42.00 9.23 -10.98
CA ILE B 277 -43.28 8.80 -11.53
C ILE B 277 -44.33 8.79 -10.42
N THR B 278 -45.45 9.47 -10.66
CA THR B 278 -46.59 9.44 -9.76
C THR B 278 -47.82 9.01 -10.54
N MET B 279 -48.86 8.58 -9.80
CA MET B 279 -50.13 8.27 -10.44
C MET B 279 -50.65 9.46 -11.22
N ALA B 280 -50.35 10.68 -10.75
CA ALA B 280 -50.95 11.86 -11.36
C ALA B 280 -50.22 12.29 -12.62
N ASN B 281 -48.90 12.06 -12.69
CA ASN B 281 -48.14 12.48 -13.85
C ASN B 281 -47.80 11.32 -14.79
N ALA B 282 -48.11 10.07 -14.41
CA ALA B 282 -47.63 8.93 -15.19
C ALA B 282 -48.09 9.00 -16.64
N ALA B 283 -49.36 9.35 -16.88
CA ALA B 283 -49.88 9.35 -18.23
C ALA B 283 -49.05 10.24 -19.16
N THR B 284 -48.33 11.22 -18.60
CA THR B 284 -47.53 12.15 -19.38
C THR B 284 -46.03 11.98 -19.12
N HIS B 285 -45.66 10.94 -18.41
CA HIS B 285 -44.28 10.75 -18.00
C HIS B 285 -43.56 9.93 -19.06
N PRO B 286 -42.42 10.39 -19.61
CA PRO B 286 -41.78 9.61 -20.67
C PRO B 286 -41.46 8.19 -20.27
N THR B 287 -40.94 7.97 -19.06
CA THR B 287 -40.58 6.61 -18.65
C THR B 287 -41.78 5.70 -18.67
N ALA B 288 -42.88 6.14 -18.05
CA ALA B 288 -44.07 5.30 -17.98
C ALA B 288 -44.63 5.01 -19.37
N ILE B 289 -44.68 6.03 -20.22
CA ILE B 289 -45.24 5.87 -21.56
C ILE B 289 -44.43 4.87 -22.36
N TRP B 290 -43.10 4.95 -22.28
CA TRP B 290 -42.30 4.06 -23.11
C TRP B 290 -42.12 2.68 -22.50
N ILE B 291 -42.22 2.56 -21.17
CA ILE B 291 -42.26 1.23 -20.55
C ILE B 291 -43.48 0.46 -21.05
N LEU B 292 -44.63 1.13 -21.13
CA LEU B 292 -45.86 0.45 -21.55
C LEU B 292 -45.73 -0.05 -22.98
N ARG B 293 -45.10 0.74 -23.86
CA ARG B 293 -44.85 0.31 -25.22
C ARG B 293 -43.95 -0.92 -25.24
N CYS B 294 -42.86 -0.88 -24.46
CA CYS B 294 -41.91 -2.00 -24.43
C CYS B 294 -42.59 -3.28 -23.96
N LEU B 295 -43.38 -3.18 -22.89
CA LEU B 295 -44.09 -4.34 -22.37
C LEU B 295 -45.09 -4.91 -23.37
N GLN B 296 -45.53 -4.11 -24.33
CA GLN B 296 -46.50 -4.56 -25.32
C GLN B 296 -45.83 -5.24 -26.52
N VAL B 297 -44.50 -5.16 -26.65
CA VAL B 297 -43.83 -5.87 -27.74
C VAL B 297 -44.06 -7.37 -27.60
N LYS B 298 -44.45 -8.00 -28.71
CA LYS B 298 -44.73 -9.42 -28.73
CA LYS B 298 -44.72 -9.43 -28.72
C LYS B 298 -44.10 -10.13 -29.92
N SER B 299 -43.27 -9.45 -30.71
CA SER B 299 -42.76 -10.04 -31.94
C SER B 299 -41.53 -9.28 -32.39
N ARG B 300 -40.81 -9.88 -33.32
CA ARG B 300 -39.67 -9.21 -33.96
C ARG B 300 -40.12 -7.91 -34.62
N ASP B 301 -41.29 -7.92 -35.26
CA ASP B 301 -41.74 -6.75 -36.01
C ASP B 301 -42.06 -5.58 -35.08
N SER B 302 -42.83 -5.84 -34.03
CA SER B 302 -43.13 -4.78 -33.08
C SER B 302 -41.87 -4.31 -32.37
N TYR B 303 -40.94 -5.21 -32.11
CA TYR B 303 -39.68 -4.82 -31.49
C TYR B 303 -38.90 -3.85 -32.37
N ASN B 304 -38.74 -4.20 -33.65
CA ASN B 304 -37.99 -3.35 -34.57
C ASN B 304 -38.68 -2.01 -34.79
N LYS B 305 -40.02 -2.02 -34.78
CA LYS B 305 -40.75 -0.75 -34.79
C LYS B 305 -40.33 0.12 -33.61
N LEU B 306 -40.31 -0.46 -32.42
CA LEU B 306 -39.93 0.30 -31.22
C LEU B 306 -38.47 0.72 -31.25
N VAL B 307 -37.58 -0.13 -31.76
CA VAL B 307 -36.17 0.26 -31.87
C VAL B 307 -36.05 1.55 -32.64
N LYS B 308 -36.78 1.65 -33.76
CA LYS B 308 -36.69 2.86 -34.59
C LYS B 308 -37.37 4.04 -33.92
N GLU B 309 -38.54 3.82 -33.30
CA GLU B 309 -39.18 4.92 -32.60
C GLU B 309 -38.28 5.49 -31.51
N LEU B 310 -37.61 4.62 -30.75
CA LEU B 310 -36.78 5.13 -29.66
C LEU B 310 -35.55 5.85 -30.18
N ASP B 311 -35.01 5.40 -31.31
CA ASP B 311 -33.89 6.11 -31.91
C ASP B 311 -34.30 7.52 -32.33
N ASN B 312 -35.50 7.68 -32.87
CA ASN B 312 -36.00 9.01 -33.18
C ASN B 312 -36.12 9.87 -31.92
N ILE B 313 -36.61 9.29 -30.83
CA ILE B 313 -36.72 10.02 -29.57
C ILE B 313 -35.33 10.43 -29.09
N THR B 314 -34.35 9.53 -29.18
CA THR B 314 -32.99 9.88 -28.81
C THR B 314 -32.48 11.08 -29.60
N LYS B 315 -32.68 11.07 -30.92
CA LYS B 315 -32.21 12.18 -31.76
C LYS B 315 -32.89 13.48 -31.35
N GLU B 316 -34.18 13.42 -31.05
CA GLU B 316 -34.93 14.62 -30.68
C GLU B 316 -34.50 15.14 -29.31
N THR B 317 -34.37 14.24 -28.34
CA THR B 317 -33.94 14.64 -27.00
C THR B 317 -32.60 15.34 -27.05
N GLN B 318 -31.64 14.78 -27.78
CA GLN B 318 -30.28 15.30 -27.68
C GLN B 318 -30.14 16.62 -28.42
N LYS B 319 -30.92 16.85 -29.47
CA LYS B 319 -30.93 18.18 -30.08
C LYS B 319 -31.56 19.21 -29.14
N ASN B 320 -32.69 18.86 -28.52
CA ASN B 320 -33.43 19.81 -27.70
C ASN B 320 -32.67 20.17 -26.42
N GLU B 321 -31.87 19.25 -25.89
CA GLU B 321 -31.16 19.45 -24.63
C GLU B 321 -29.72 19.88 -24.86
N HIS B 322 -29.34 20.14 -26.10
CA HIS B 322 -27.97 20.51 -26.43
C HIS B 322 -27.52 21.73 -25.63
N LYS B 323 -28.41 22.71 -25.44
CA LYS B 323 -28.10 23.90 -24.68
C LYS B 323 -29.14 24.08 -23.57
N GLU B 324 -28.66 24.35 -22.38
CA GLU B 324 -29.50 24.53 -21.19
C GLU B 324 -29.06 25.81 -20.51
N PHE B 325 -30.03 26.68 -20.20
CA PHE B 325 -29.77 27.94 -19.52
C PHE B 325 -30.43 27.91 -18.16
N VAL B 326 -29.64 28.13 -17.11
CA VAL B 326 -30.12 28.09 -15.73
C VAL B 326 -29.99 29.47 -15.14
N LYS B 327 -31.12 30.06 -14.76
CA LYS B 327 -31.16 31.44 -14.28
C LYS B 327 -31.40 31.46 -12.78
N THR B 328 -30.61 32.27 -12.08
CA THR B 328 -30.78 32.49 -10.66
C THR B 328 -30.81 33.99 -10.42
N LEU B 329 -31.11 34.37 -9.17
CA LEU B 329 -31.12 35.77 -8.80
C LEU B 329 -29.75 36.42 -8.93
N VAL B 330 -28.69 35.63 -9.04
CA VAL B 330 -27.33 36.15 -8.90
C VAL B 330 -26.53 35.94 -10.18
N PHE B 331 -26.84 34.89 -10.93
CA PHE B 331 -26.05 34.54 -12.11
C PHE B 331 -26.89 33.69 -13.05
N THR B 332 -26.38 33.53 -14.26
CA THR B 332 -26.96 32.66 -15.27
C THR B 332 -25.88 31.75 -15.80
N ARG B 333 -26.17 30.46 -15.86
CA ARG B 333 -25.26 29.45 -16.38
C ARG B 333 -25.75 28.97 -17.74
N GLU B 334 -24.82 28.74 -18.66
CA GLU B 334 -25.07 28.01 -19.89
C GLU B 334 -24.40 26.64 -19.79
N TYR B 335 -25.13 25.60 -20.12
CA TYR B 335 -24.61 24.24 -20.11
C TYR B 335 -24.80 23.64 -21.50
N ILE B 336 -23.73 23.08 -22.05
CA ILE B 336 -23.73 22.48 -23.37
C ILE B 336 -23.54 20.99 -23.21
N THR B 337 -24.43 20.21 -23.84
CA THR B 337 -24.41 18.76 -23.79
C THR B 337 -24.38 18.27 -25.22
N ASN B 338 -23.31 17.59 -25.62
CA ASN B 338 -23.25 17.02 -26.96
C ASN B 338 -23.58 15.54 -26.86
N ARG B 339 -22.97 14.72 -27.71
CA ARG B 339 -23.06 13.26 -27.62
C ARG B 339 -21.64 12.74 -27.44
N TYR B 340 -21.50 11.66 -26.66
CA TYR B 340 -20.20 11.22 -26.18
C TYR B 340 -19.96 9.74 -26.45
N SER B 341 -18.67 9.37 -26.56
CA SER B 341 -18.22 8.00 -26.75
C SER B 341 -17.30 7.62 -25.61
N MET B 342 -17.38 6.37 -25.17
CA MET B 342 -16.53 5.86 -24.11
C MET B 342 -15.69 4.72 -24.66
N ILE B 343 -14.40 4.76 -24.37
CA ILE B 343 -13.47 3.73 -24.78
C ILE B 343 -12.94 3.07 -23.52
N ILE B 344 -13.02 1.76 -23.45
CA ILE B 344 -12.40 0.99 -22.37
C ILE B 344 -11.24 0.23 -23.01
N PHE B 345 -10.01 0.59 -22.62
CA PHE B 345 -8.82 -0.08 -23.14
C PHE B 345 -8.40 -1.18 -22.18
N ARG B 346 -8.06 -2.33 -22.77
CA ARG B 346 -7.50 -3.46 -22.07
C ARG B 346 -6.17 -3.77 -22.72
N LEU B 347 -5.09 -3.62 -21.97
CA LEU B 347 -3.73 -3.81 -22.46
C LEU B 347 -3.14 -5.10 -21.90
N ILE B 348 -2.83 -6.03 -22.79
CA ILE B 348 -2.29 -7.33 -22.42
C ILE B 348 -1.12 -7.67 -23.34
N ASP B 349 -0.46 -8.79 -23.06
CA ASP B 349 0.55 -9.35 -23.94
C ASP B 349 0.21 -10.79 -24.23
N ASP B 350 1.00 -11.40 -25.09
CA ASP B 350 0.71 -12.74 -25.60
C ASP B 350 1.13 -13.84 -24.63
N ARG B 351 1.58 -13.51 -23.42
CA ARG B 351 1.96 -14.50 -22.42
C ARG B 351 1.06 -14.46 -21.21
N GLY B 352 -0.05 -13.74 -21.28
CA GLY B 352 -1.03 -13.73 -20.20
C GLY B 352 -0.90 -12.58 -19.22
N ASN B 353 -0.09 -11.59 -19.51
CA ASN B 353 0.11 -10.48 -18.59
C ASN B 353 -0.78 -9.31 -18.96
N HIS B 354 -1.33 -8.65 -17.95
CA HIS B 354 -1.84 -7.32 -18.12
C HIS B 354 -0.68 -6.34 -18.04
N LEU B 355 -0.68 -5.34 -18.92
CA LEU B 355 0.37 -4.35 -18.94
C LEU B 355 -0.01 -3.20 -18.03
N ILE B 356 0.91 -2.83 -17.13
CA ILE B 356 0.68 -1.76 -16.16
C ILE B 356 1.55 -0.54 -16.42
N ASP B 357 2.53 -0.62 -17.32
CA ASP B 357 3.45 0.49 -17.59
C ASP B 357 3.41 0.82 -19.08
N TYR B 358 2.67 1.85 -19.45
CA TYR B 358 2.46 2.17 -20.86
C TYR B 358 1.94 3.59 -20.99
N ASP B 359 2.19 4.18 -22.16
CA ASP B 359 1.59 5.43 -22.61
C ASP B 359 0.67 5.13 -23.80
N LEU B 360 -0.56 5.61 -23.74
CA LEU B 360 -1.56 5.38 -24.76
C LEU B 360 -1.99 6.71 -25.39
N TYR B 361 -1.90 6.78 -26.71
CA TYR B 361 -2.15 8.00 -27.45
C TYR B 361 -3.27 7.79 -28.45
N LEU B 362 -4.21 8.72 -28.47
CA LEU B 362 -5.02 8.96 -29.64
C LEU B 362 -4.20 9.74 -30.67
N THR B 363 -4.44 9.46 -31.95
CA THR B 363 -3.75 10.15 -33.02
C THR B 363 -4.75 10.58 -34.08
N ALA B 364 -4.40 11.62 -34.82
CA ALA B 364 -5.31 12.17 -35.82
C ALA B 364 -4.50 12.96 -36.84
N GLY B 365 -5.20 13.46 -37.86
CA GLY B 365 -4.55 14.23 -38.89
C GLY B 365 -3.93 13.32 -39.94
N PRO B 366 -3.42 13.90 -41.02
CA PRO B 366 -2.83 13.10 -42.09
C PRO B 366 -1.64 12.29 -41.64
N GLN B 367 -0.96 12.71 -40.58
CA GLN B 367 0.24 12.03 -40.12
C GLN B 367 0.00 11.21 -38.86
N TYR B 368 -1.25 11.03 -38.45
CA TYR B 368 -1.59 10.36 -37.20
C TYR B 368 -0.69 10.88 -36.07
N SER B 369 -0.81 12.17 -35.80
CA SER B 369 -0.08 12.81 -34.72
C SER B 369 -0.93 12.82 -33.47
N GLU B 370 -0.30 12.60 -32.32
CA GLU B 370 -0.97 12.76 -31.04
C GLU B 370 -1.28 14.21 -30.70
N GLN B 371 -0.71 15.15 -31.44
CA GLN B 371 -0.92 16.57 -31.24
C GLN B 371 -2.07 17.12 -32.07
N ALA B 372 -2.70 16.33 -32.92
CA ALA B 372 -3.66 16.85 -33.87
C ALA B 372 -5.13 16.59 -33.49
N LEU B 373 -5.42 16.12 -32.29
CA LEU B 373 -6.82 15.88 -31.96
C LEU B 373 -7.61 17.18 -31.97
N PRO B 374 -8.89 17.16 -32.36
CA PRO B 374 -9.70 18.39 -32.26
C PRO B 374 -9.71 18.93 -30.84
N ALA B 375 -9.58 20.26 -30.72
CA ALA B 375 -9.65 20.91 -29.41
C ALA B 375 -11.02 20.67 -28.77
N GLY B 376 -11.02 20.23 -27.51
CA GLY B 376 -12.26 19.90 -26.83
C GLY B 376 -12.70 18.45 -26.96
N PHE B 377 -11.88 17.59 -27.55
CA PHE B 377 -12.26 16.20 -27.74
C PHE B 377 -12.49 15.45 -26.42
N PHE B 378 -11.90 15.91 -25.34
CA PHE B 378 -11.73 15.11 -24.12
C PHE B 378 -12.68 15.55 -23.03
N VAL B 379 -13.30 14.58 -22.37
CA VAL B 379 -14.10 14.82 -21.17
C VAL B 379 -13.44 14.25 -19.93
N ASP B 380 -13.01 12.99 -19.96
CA ASP B 380 -12.53 12.32 -18.76
C ASP B 380 -11.59 11.17 -19.09
N ARG B 381 -10.77 10.81 -18.12
CA ARG B 381 -10.05 9.55 -18.15
C ARG B 381 -9.98 8.99 -16.75
N GLN B 382 -10.00 7.66 -16.65
CA GLN B 382 -9.94 6.97 -15.37
C GLN B 382 -9.16 5.70 -15.59
N ARG B 383 -8.33 5.33 -14.62
CA ARG B 383 -7.62 4.07 -14.66
C ARG B 383 -8.09 3.23 -13.49
N ASN B 384 -8.43 1.98 -13.77
CA ASN B 384 -8.97 1.10 -12.75
C ASN B 384 -7.93 0.85 -11.67
N LEU B 385 -8.38 0.91 -10.41
CA LEU B 385 -7.46 0.77 -9.29
C LEU B 385 -7.09 -0.68 -9.02
N ASN B 386 -7.91 -1.65 -9.44
CA ASN B 386 -7.58 -3.05 -9.25
C ASN B 386 -6.76 -3.62 -10.40
N ASN B 387 -6.91 -3.08 -11.62
CA ASN B 387 -6.18 -3.56 -12.79
C ASN B 387 -5.70 -2.33 -13.55
N ARG B 388 -4.40 -2.03 -13.48
CA ARG B 388 -3.87 -0.82 -14.12
CA ARG B 388 -3.88 -0.83 -14.12
C ARG B 388 -3.76 -0.97 -15.63
N GLY B 389 -3.98 -2.15 -16.18
CA GLY B 389 -4.10 -2.29 -17.61
C GLY B 389 -5.48 -1.93 -18.14
N LYS B 390 -6.34 -1.33 -17.30
CA LYS B 390 -7.68 -0.96 -17.71
C LYS B 390 -7.82 0.54 -17.61
N LEU B 391 -8.06 1.18 -18.74
CA LEU B 391 -8.03 2.63 -18.85
C LEU B 391 -9.25 3.07 -19.65
N THR B 392 -10.06 3.97 -19.08
CA THR B 392 -11.30 4.39 -19.72
C THR B 392 -11.20 5.87 -20.10
N TYR B 393 -11.38 6.16 -21.38
CA TYR B 393 -11.48 7.53 -21.88
C TYR B 393 -12.92 7.84 -22.24
N PHE B 394 -13.32 9.07 -21.97
CA PHE B 394 -14.64 9.59 -22.28
C PHE B 394 -14.45 10.80 -23.18
N LEU B 395 -15.05 10.75 -24.37
CA LEU B 395 -14.75 11.70 -25.43
C LEU B 395 -16.04 12.33 -25.93
N ASP B 396 -15.91 13.56 -26.42
CA ASP B 396 -17.00 14.27 -27.08
C ASP B 396 -17.02 13.83 -28.53
N TYR B 397 -18.02 13.05 -28.90
CA TYR B 397 -18.06 12.51 -30.25
C TYR B 397 -18.30 13.61 -31.28
N ASP B 398 -19.16 14.56 -30.97
CA ASP B 398 -19.49 15.57 -31.98
C ASP B 398 -18.29 16.49 -32.23
N ILE B 399 -17.47 16.74 -31.22
CA ILE B 399 -16.29 17.55 -31.44
C ILE B 399 -15.25 16.76 -32.22
N MET B 400 -15.10 15.47 -31.91
CA MET B 400 -14.17 14.61 -32.64
C MET B 400 -14.56 14.52 -34.11
N GLU B 401 -15.81 14.15 -34.38
CA GLU B 401 -16.26 13.97 -35.75
C GLU B 401 -16.11 15.26 -36.55
N GLY B 402 -16.58 16.38 -35.99
CA GLY B 402 -16.51 17.64 -36.71
C GLY B 402 -15.09 18.05 -37.04
N GLY B 403 -14.15 17.74 -36.16
CA GLY B 403 -12.78 18.15 -36.38
C GLY B 403 -11.96 17.20 -37.24
N ILE B 404 -12.29 15.92 -37.21
CA ILE B 404 -11.52 14.93 -37.96
C ILE B 404 -12.05 14.79 -39.38
N ASN B 405 -13.36 14.92 -39.59
CA ASN B 405 -13.94 14.72 -40.92
C ASN B 405 -13.97 16.07 -41.64
N THR B 406 -12.77 16.57 -41.93
CA THR B 406 -12.54 17.77 -42.71
C THR B 406 -11.53 17.43 -43.79
N PRO B 407 -11.46 18.22 -44.86
CA PRO B 407 -10.45 17.96 -45.90
C PRO B 407 -9.05 17.84 -45.34
N LYS B 408 -8.65 18.73 -44.42
CA LYS B 408 -7.27 18.73 -43.96
C LYS B 408 -7.00 17.56 -43.02
N MET B 409 -8.01 17.10 -42.30
CA MET B 409 -7.79 16.04 -41.32
C MET B 409 -8.07 14.64 -41.88
N GLN B 410 -8.67 14.56 -43.07
CA GLN B 410 -8.82 13.35 -43.88
C GLN B 410 -9.65 12.28 -43.20
N GLY B 411 -10.26 12.57 -42.07
CA GLY B 411 -11.03 11.57 -41.36
C GLY B 411 -10.21 10.63 -40.51
N ASN B 412 -8.90 10.88 -40.36
CA ASN B 412 -8.02 9.94 -39.70
C ASN B 412 -8.21 9.94 -38.19
N LEU B 413 -8.22 8.74 -37.62
CA LEU B 413 -8.16 8.55 -36.17
C LEU B 413 -7.42 7.26 -35.90
N GLY B 414 -6.53 7.28 -34.91
CA GLY B 414 -5.75 6.11 -34.59
C GLY B 414 -5.36 6.03 -33.13
N PHE B 415 -4.70 4.91 -32.80
CA PHE B 415 -4.12 4.69 -31.48
C PHE B 415 -2.63 4.43 -31.62
N ARG B 416 -1.87 4.87 -30.63
CA ARG B 416 -0.49 4.46 -30.48
C ARG B 416 -0.28 4.07 -29.03
N VAL B 417 0.30 2.89 -28.82
CA VAL B 417 0.55 2.34 -27.49
C VAL B 417 2.04 2.11 -27.37
N LYS B 418 2.64 2.74 -26.38
CA LYS B 418 4.04 2.56 -26.03
CA LYS B 418 4.04 2.54 -26.02
C LYS B 418 4.08 1.87 -24.67
N ALA B 419 4.46 0.59 -24.64
CA ALA B 419 4.57 -0.13 -23.39
C ALA B 419 6.05 -0.16 -22.98
N TYR B 420 6.28 -0.31 -21.67
CA TYR B 420 7.64 -0.30 -21.15
C TYR B 420 7.92 -1.60 -20.42
N PRO B 421 9.18 -2.08 -20.43
CA PRO B 421 10.34 -1.47 -21.13
C PRO B 421 10.19 -1.55 -22.65
N GLU B 422 10.84 -0.65 -23.37
CA GLU B 422 10.62 -0.50 -24.81
C GLU B 422 11.80 -0.93 -25.67
N SER B 423 12.91 -1.39 -25.09
CA SER B 423 14.03 -1.82 -25.90
C SER B 423 14.89 -2.81 -25.13
N SER B 424 15.69 -3.56 -25.87
CA SER B 424 16.66 -4.48 -25.26
C SER B 424 17.59 -3.76 -24.30
N ASP B 425 17.96 -2.52 -24.63
CA ASP B 425 18.91 -1.77 -23.81
C ASP B 425 18.33 -1.44 -22.43
N GLN B 426 17.01 -1.35 -22.33
CA GLN B 426 16.34 -1.08 -21.06
C GLN B 426 16.09 -2.36 -20.27
N ALA B 427 15.66 -3.42 -20.95
CA ALA B 427 15.43 -4.71 -20.32
C ALA B 427 15.52 -5.78 -21.39
N LEU B 428 15.82 -7.01 -20.95
CA LEU B 428 15.93 -8.13 -21.87
C LEU B 428 14.56 -8.67 -22.30
N ALA B 429 13.49 -8.32 -21.57
CA ALA B 429 12.12 -8.55 -21.99
C ALA B 429 11.46 -7.20 -22.18
N TYR B 430 10.93 -6.95 -23.38
CA TYR B 430 10.47 -5.61 -23.74
C TYR B 430 9.39 -5.71 -24.80
N TYR B 431 8.82 -4.55 -25.15
CA TYR B 431 7.69 -4.45 -26.05
C TYR B 431 7.95 -3.43 -27.13
N ARG B 432 7.52 -3.74 -28.34
CA ARG B 432 7.61 -2.84 -29.47
C ARG B 432 6.32 -2.01 -29.55
N LEU B 433 6.47 -0.73 -29.88
CA LEU B 433 5.34 0.18 -30.04
C LEU B 433 4.31 -0.39 -31.00
N LEU B 434 3.03 -0.13 -30.73
CA LEU B 434 1.95 -0.51 -31.64
C LEU B 434 1.25 0.75 -32.13
N ASP B 435 0.98 0.80 -33.44
CA ASP B 435 0.25 1.87 -34.10
C ASP B 435 -0.95 1.27 -34.81
N PHE B 436 -2.12 1.84 -34.59
CA PHE B 436 -3.33 1.42 -35.28
C PHE B 436 -3.89 2.63 -36.00
N HIS B 437 -4.13 2.49 -37.30
CA HIS B 437 -4.64 3.57 -38.13
C HIS B 437 -6.06 3.23 -38.56
N SER B 438 -6.99 4.14 -38.26
CA SER B 438 -8.37 3.95 -38.63
C SER B 438 -8.92 5.25 -39.20
N SER B 439 -10.24 5.33 -39.29
CA SER B 439 -10.94 6.46 -39.89
C SER B 439 -12.26 6.66 -39.15
N LEU B 440 -12.70 7.92 -39.08
CA LEU B 440 -14.05 8.26 -38.67
C LEU B 440 -14.94 8.59 -39.86
N ALA B 441 -14.46 8.37 -41.08
CA ALA B 441 -15.23 8.69 -42.27
C ALA B 441 -15.92 7.48 -42.91
N ASP B 442 -15.64 6.28 -42.46
CA ASP B 442 -16.23 5.08 -43.03
C ASP B 442 -17.35 4.57 -42.13
N ILE B 443 -18.02 3.50 -42.57
CA ILE B 443 -18.98 2.80 -41.71
C ILE B 443 -18.30 1.76 -40.84
N HIS B 444 -17.00 1.54 -41.02
CA HIS B 444 -16.23 0.63 -40.18
C HIS B 444 -15.56 1.35 -39.01
N LYS B 445 -16.13 2.47 -38.55
CA LYS B 445 -15.48 3.29 -37.54
C LYS B 445 -15.62 2.67 -36.16
N ILE B 446 -14.68 3.00 -35.27
CA ILE B 446 -14.66 2.41 -33.93
C ILE B 446 -15.41 3.24 -32.90
N LEU B 447 -15.75 4.50 -33.20
CA LEU B 447 -16.48 5.37 -32.30
C LEU B 447 -17.87 5.63 -32.84
N HIS B 448 -18.86 5.59 -31.95
CA HIS B 448 -20.23 5.95 -32.27
C HIS B 448 -20.75 6.80 -31.12
N PRO B 449 -21.59 7.79 -31.42
CA PRO B 449 -22.20 8.56 -30.35
C PRO B 449 -23.07 7.69 -29.47
N ASN B 450 -23.06 7.98 -28.18
CA ASN B 450 -23.82 7.25 -27.18
C ASN B 450 -23.42 5.79 -27.06
N GLU B 451 -22.20 5.42 -27.48
CA GLU B 451 -21.73 4.04 -27.37
C GLU B 451 -20.39 3.96 -26.66
N THR B 452 -20.21 2.86 -25.93
CA THR B 452 -18.93 2.39 -25.42
C THR B 452 -18.31 1.46 -26.46
N VAL B 453 -16.99 1.51 -26.63
CA VAL B 453 -16.25 0.52 -27.41
C VAL B 453 -15.17 -0.07 -26.52
N MET B 454 -15.09 -1.41 -26.50
CA MET B 454 -14.04 -2.11 -25.76
C MET B 454 -12.89 -2.40 -26.71
N VAL B 455 -11.68 -2.02 -26.31
CA VAL B 455 -10.51 -2.11 -27.18
C VAL B 455 -9.50 -2.97 -26.43
N GLU B 456 -9.30 -4.19 -26.91
CA GLU B 456 -8.30 -5.07 -26.32
C GLU B 456 -7.06 -5.02 -27.20
N ILE B 457 -5.94 -4.55 -26.64
CA ILE B 457 -4.69 -4.47 -27.38
C ILE B 457 -3.73 -5.50 -26.79
N MET B 458 -3.31 -6.47 -27.61
CA MET B 458 -2.36 -7.49 -27.21
C MET B 458 -1.03 -7.26 -27.90
N LEU B 459 0.01 -6.95 -27.11
CA LEU B 459 1.36 -6.77 -27.62
C LEU B 459 2.16 -8.06 -27.52
N GLN B 460 3.17 -8.18 -28.39
CA GLN B 460 4.07 -9.31 -28.36
C GLN B 460 5.16 -9.05 -27.32
N ARG B 461 5.36 -10.00 -26.42
CA ARG B 461 6.45 -9.91 -25.45
C ARG B 461 7.72 -10.39 -26.15
N ARG B 462 8.67 -9.49 -26.33
CA ARG B 462 9.93 -9.81 -27.01
C ARG B 462 10.96 -10.15 -25.94
N VAL B 463 11.65 -11.27 -26.12
CA VAL B 463 12.66 -11.73 -25.18
C VAL B 463 13.97 -11.89 -25.94
N ASP B 464 14.98 -11.15 -25.52
CA ASP B 464 16.29 -11.22 -26.17
C ASP B 464 16.96 -12.56 -25.92
N ARG B 465 17.69 -13.03 -26.92
CA ARG B 465 18.33 -14.33 -26.82
C ARG B 465 19.33 -14.42 -25.68
N THR B 466 19.80 -13.28 -25.16
CA THR B 466 20.76 -13.33 -24.07
C THR B 466 20.18 -13.93 -22.80
N VAL B 467 18.85 -13.90 -22.63
CA VAL B 467 18.25 -14.44 -21.43
C VAL B 467 18.71 -15.87 -21.16
N PHE B 468 19.04 -16.62 -22.21
CA PHE B 468 19.59 -17.96 -22.04
C PHE B 468 20.44 -18.31 -23.24
N ARG B 469 21.69 -18.66 -22.98
CA ARG B 469 22.61 -19.16 -24.00
C ARG B 469 23.27 -20.43 -23.46
N ILE B 470 23.73 -21.29 -24.38
CA ILE B 470 24.56 -22.44 -24.02
C ILE B 470 25.80 -22.44 -24.89
N SER B 471 26.92 -22.86 -24.31
CA SER B 471 28.21 -22.88 -24.98
C SER B 471 29.00 -24.08 -24.53
N ASN B 472 29.73 -24.71 -25.45
CA ASN B 472 30.57 -25.86 -25.11
C ASN B 472 32.01 -25.46 -24.80
N ASN B 473 32.29 -24.18 -24.67
CA ASN B 473 33.51 -23.70 -24.04
C ASN B 473 33.40 -23.92 -22.54
N LEU B 474 34.18 -24.85 -22.01
CA LEU B 474 34.08 -25.20 -20.60
C LEU B 474 34.91 -24.30 -19.71
N THR B 475 35.58 -23.30 -20.26
CA THR B 475 36.30 -22.32 -19.44
C THR B 475 35.27 -21.45 -18.72
N PRO B 476 35.25 -21.44 -17.39
CA PRO B 476 34.28 -20.60 -16.68
C PRO B 476 34.51 -19.13 -16.97
N ALA B 477 33.41 -18.38 -17.06
CA ALA B 477 33.51 -16.96 -17.37
C ALA B 477 32.32 -16.22 -16.79
N LYS B 478 32.52 -14.93 -16.55
CA LYS B 478 31.41 -14.09 -16.12
C LYS B 478 30.30 -14.15 -17.15
N ILE B 479 29.07 -13.94 -16.68
CA ILE B 479 27.88 -13.98 -17.52
C ILE B 479 27.52 -12.55 -17.89
N SER B 480 27.50 -12.27 -19.19
CA SER B 480 27.14 -10.95 -19.70
C SER B 480 25.64 -10.85 -19.92
N GLY B 481 25.10 -9.68 -19.59
CA GLY B 481 23.71 -9.34 -19.87
C GLY B 481 23.53 -8.45 -21.09
N LYS B 482 24.59 -8.21 -21.86
CA LYS B 482 24.50 -7.38 -23.05
C LYS B 482 23.56 -8.02 -24.07
N PRO B 483 22.52 -7.31 -24.53
CA PRO B 483 21.60 -7.92 -25.50
C PRO B 483 22.29 -8.32 -26.79
N THR B 484 21.78 -9.40 -27.41
CA THR B 484 22.20 -9.75 -28.75
C THR B 484 21.53 -8.88 -29.81
N GLY B 485 20.36 -8.31 -29.51
CA GLY B 485 19.59 -7.60 -30.50
C GLY B 485 18.66 -8.47 -31.31
N LYS B 486 18.68 -9.78 -31.10
CA LYS B 486 17.77 -10.73 -31.74
C LYS B 486 16.88 -11.36 -30.68
N LYS B 487 15.60 -11.52 -31.01
CA LYS B 487 14.63 -12.06 -30.07
C LYS B 487 14.49 -13.56 -30.26
N ILE B 488 13.94 -14.22 -29.22
CA ILE B 488 13.65 -15.64 -29.32
C ILE B 488 12.33 -15.85 -30.05
N ASP B 489 12.12 -17.07 -30.53
CA ASP B 489 10.82 -17.45 -31.08
C ASP B 489 9.81 -17.54 -29.94
N THR C 15 -8.96 12.63 53.72
CA THR C 15 -9.48 11.28 53.38
C THR C 15 -9.15 10.93 51.94
N MET C 16 -9.38 9.66 51.60
CA MET C 16 -8.96 9.09 50.34
C MET C 16 -10.17 8.84 49.45
N ILE C 17 -10.01 9.15 48.17
CA ILE C 17 -10.91 8.72 47.12
C ILE C 17 -10.18 7.67 46.30
N VAL C 18 -10.90 6.67 45.81
CA VAL C 18 -10.34 5.65 44.94
C VAL C 18 -11.09 5.69 43.61
N ILE C 19 -10.34 5.61 42.51
CA ILE C 19 -10.91 5.57 41.17
C ILE C 19 -10.33 4.38 40.41
N PHE C 20 -11.21 3.49 39.95
CA PHE C 20 -10.83 2.35 39.13
C PHE C 20 -10.82 2.72 37.65
N VAL C 21 -9.82 2.22 36.92
CA VAL C 21 -9.62 2.53 35.51
C VAL C 21 -9.26 1.25 34.77
N HIS C 22 -10.03 0.90 33.75
CA HIS C 22 -9.95 -0.43 33.18
C HIS C 22 -9.03 -0.48 31.96
N GLY C 23 -9.03 -1.62 31.26
CA GLY C 23 -8.17 -1.86 30.13
C GLY C 23 -8.90 -1.75 28.80
N TRP C 24 -8.19 -2.12 27.74
CA TRP C 24 -8.72 -2.00 26.40
C TRP C 24 -9.70 -3.12 26.11
N SER C 25 -10.65 -2.84 25.21
CA SER C 25 -11.69 -3.74 24.75
C SER C 25 -12.70 -4.09 25.81
N VAL C 26 -12.72 -3.37 26.93
CA VAL C 26 -13.66 -3.62 28.02
C VAL C 26 -15.02 -3.01 27.66
N THR C 27 -16.09 -3.76 27.95
CA THR C 27 -17.45 -3.28 27.72
C THR C 27 -18.33 -3.39 28.96
N HIS C 28 -17.77 -3.72 30.12
CA HIS C 28 -18.55 -3.97 31.32
C HIS C 28 -17.67 -3.73 32.53
N THR C 29 -18.18 -2.99 33.52
CA THR C 29 -17.35 -2.66 34.68
C THR C 29 -17.18 -3.84 35.64
N ASN C 30 -17.77 -5.01 35.34
CA ASN C 30 -17.39 -6.21 36.09
C ASN C 30 -15.95 -6.60 35.80
N THR C 31 -15.30 -5.92 34.86
CA THR C 31 -13.88 -6.12 34.62
C THR C 31 -13.06 -5.94 35.90
N TYR C 32 -13.59 -5.21 36.87
CA TYR C 32 -12.91 -4.94 38.13
C TYR C 32 -13.15 -6.04 39.17
N GLY C 33 -13.84 -7.12 38.79
CA GLY C 33 -14.15 -8.14 39.76
C GLY C 33 -14.95 -7.52 40.90
N GLU C 34 -14.74 -8.03 42.09
CA GLU C 34 -15.40 -7.48 43.28
C GLU C 34 -14.46 -6.68 44.17
N LEU C 35 -13.32 -6.24 43.62
CA LEU C 35 -12.38 -5.47 44.42
C LEU C 35 -12.96 -4.14 44.92
N PRO C 36 -13.75 -3.39 44.14
CA PRO C 36 -14.33 -2.16 44.70
C PRO C 36 -15.17 -2.41 45.94
N GLN C 37 -16.05 -3.41 45.90
CA GLN C 37 -16.86 -3.72 47.08
C GLN C 37 -15.99 -4.19 48.23
N TRP C 38 -14.91 -4.91 47.94
CA TRP C 38 -14.02 -5.35 49.01
C TRP C 38 -13.31 -4.16 49.65
N LEU C 39 -12.83 -3.21 48.84
CA LEU C 39 -12.16 -2.04 49.41
C LEU C 39 -13.14 -1.23 50.25
N GLU C 40 -14.40 -1.16 49.82
CA GLU C 40 -15.41 -0.49 50.62
C GLU C 40 -15.56 -1.15 51.98
N ASN C 41 -15.49 -2.48 52.03
CA ASN C 41 -15.60 -3.17 53.32
C ASN C 41 -14.35 -2.97 54.16
N GLN C 42 -13.18 -3.02 53.54
CA GLN C 42 -11.95 -2.80 54.29
C GLN C 42 -11.95 -1.43 54.95
N SER C 43 -12.51 -0.42 54.28
CA SER C 43 -12.59 0.91 54.87
C SER C 43 -13.50 0.92 56.10
N LYS C 44 -14.63 0.20 56.04
CA LYS C 44 -15.51 0.15 57.21
CA LYS C 44 -15.52 0.14 57.20
C LYS C 44 -14.85 -0.53 58.38
N GLN C 45 -13.93 -1.46 58.13
CA GLN C 45 -13.22 -2.15 59.20
C GLN C 45 -12.07 -1.34 59.77
N GLY C 46 -11.81 -0.16 59.22
CA GLY C 46 -10.76 0.70 59.73
C GLY C 46 -9.41 0.55 59.07
N LYS C 47 -9.27 -0.31 58.06
CA LYS C 47 -7.99 -0.49 57.40
C LYS C 47 -7.71 0.61 56.37
N LEU C 48 -8.75 1.29 55.90
CA LEU C 48 -8.63 2.39 54.96
C LEU C 48 -9.50 3.54 55.42
N ASP C 49 -9.14 4.74 54.97
CA ASP C 49 -9.87 5.95 55.29
C ASP C 49 -10.66 6.42 54.08
N ILE C 50 -11.60 5.60 53.62
CA ILE C 50 -12.41 5.92 52.45
C ILE C 50 -13.86 6.04 52.89
N GLN C 51 -14.42 7.24 52.75
CA GLN C 51 -15.82 7.43 53.09
C GLN C 51 -16.69 6.65 52.10
N VAL C 52 -17.84 6.19 52.61
CA VAL C 52 -18.83 5.56 51.75
C VAL C 52 -19.19 6.52 50.64
N GLY C 53 -19.12 6.05 49.39
CA GLY C 53 -19.39 6.89 48.25
C GLY C 53 -18.16 7.53 47.65
N ASN C 54 -16.97 7.27 48.19
CA ASN C 54 -15.74 7.81 47.64
C ASN C 54 -14.92 6.76 46.88
N ILE C 55 -15.56 5.66 46.46
CA ILE C 55 -14.97 4.70 45.54
C ILE C 55 -15.71 4.81 44.21
N TYR C 56 -14.96 5.08 43.14
CA TYR C 56 -15.54 5.36 41.85
C TYR C 56 -15.10 4.33 40.82
N LEU C 57 -16.04 3.95 39.95
CA LEU C 57 -15.75 3.09 38.82
C LEU C 57 -15.56 3.98 37.59
N GLY C 58 -14.36 3.94 37.03
CA GLY C 58 -14.14 4.60 35.75
C GLY C 58 -14.62 3.73 34.60
N ARG C 59 -15.15 4.40 33.57
CA ARG C 59 -15.50 3.73 32.32
C ARG C 59 -15.16 4.64 31.15
N TYR C 60 -14.39 4.11 30.21
CA TYR C 60 -14.00 4.86 29.03
C TYR C 60 -14.21 3.98 27.81
N ILE C 61 -14.19 4.62 26.65
CA ILE C 61 -14.50 3.99 25.38
C ILE C 61 -13.18 3.61 24.73
N SER C 62 -12.92 2.31 24.61
CA SER C 62 -11.74 1.81 23.93
C SER C 62 -12.07 1.14 22.62
N PHE C 63 -13.35 1.12 22.22
CA PHE C 63 -13.80 0.43 21.02
C PHE C 63 -14.28 1.41 19.96
N ASP C 64 -13.68 2.60 19.90
CA ASP C 64 -14.03 3.61 18.91
C ASP C 64 -12.77 3.97 18.15
N ASP C 65 -12.79 3.72 16.84
CA ASP C 65 -11.57 3.87 16.05
C ASP C 65 -11.09 5.31 15.97
N THR C 66 -11.94 6.29 16.27
CA THR C 66 -11.53 7.68 16.20
C THR C 66 -10.89 8.18 17.49
N VAL C 67 -11.07 7.47 18.60
CA VAL C 67 -10.66 7.97 19.91
C VAL C 67 -9.18 7.65 20.12
N THR C 68 -8.42 8.66 20.54
CA THR C 68 -6.99 8.50 20.84
C THR C 68 -6.75 8.46 22.35
N VAL C 69 -5.51 8.10 22.71
CA VAL C 69 -5.15 8.08 24.12
C VAL C 69 -5.13 9.49 24.67
N ASP C 70 -4.67 10.44 23.85
CA ASP C 70 -4.81 11.86 24.15
C ASP C 70 -6.26 12.22 24.47
N ASP C 71 -7.19 11.79 23.63
CA ASP C 71 -8.62 12.02 23.86
C ASP C 71 -9.06 11.47 25.22
N ILE C 72 -8.70 10.22 25.50
CA ILE C 72 -9.17 9.58 26.72
C ILE C 72 -8.60 10.29 27.93
N ALA C 73 -7.31 10.64 27.90
CA ALA C 73 -6.69 11.31 29.04
C ALA C 73 -7.31 12.68 29.28
N ARG C 74 -7.62 13.42 28.19
CA ARG C 74 -8.32 14.68 28.34
C ARG C 74 -9.72 14.48 28.90
N ALA C 75 -10.39 13.40 28.50
CA ALA C 75 -11.73 13.12 28.99
C ALA C 75 -11.71 12.71 30.46
N PHE C 76 -10.63 12.06 30.91
CA PHE C 76 -10.47 11.75 32.32
C PHE C 76 -10.47 13.03 33.16
N ASP C 77 -9.71 14.04 32.70
CA ASP C 77 -9.68 15.30 33.43
C ASP C 77 -11.09 15.87 33.60
N GLN C 78 -11.91 15.76 32.55
CA GLN C 78 -13.26 16.29 32.61
C GLN C 78 -14.16 15.42 33.45
N ALA C 79 -13.96 14.09 33.41
CA ALA C 79 -14.77 13.19 34.23
C ALA C 79 -14.51 13.43 35.71
N VAL C 80 -13.23 13.63 36.07
CA VAL C 80 -12.86 13.94 37.45
C VAL C 80 -13.51 15.26 37.88
N ARG C 81 -13.31 16.32 37.10
CA ARG C 81 -13.88 17.62 37.47
C ARG C 81 -15.41 17.54 37.55
N ASP C 82 -16.04 16.79 36.64
CA ASP C 82 -17.50 16.76 36.61
C ASP C 82 -18.08 16.12 37.87
N GLU C 83 -17.36 15.22 38.53
CA GLU C 83 -17.91 14.40 39.59
C GLU C 83 -17.37 14.68 40.98
N ILE C 84 -16.10 15.05 41.12
CA ILE C 84 -15.52 15.24 42.44
C ILE C 84 -14.78 16.56 42.59
N ALA C 85 -15.05 17.52 41.69
CA ALA C 85 -14.39 18.81 41.80
C ALA C 85 -14.51 19.36 43.21
N ASP C 86 -15.73 19.33 43.76
CA ASP C 86 -15.95 19.81 45.13
C ASP C 86 -15.07 19.09 46.13
N LYS C 87 -14.96 17.76 46.02
CA LYS C 87 -14.20 17.00 47.01
C LYS C 87 -12.70 17.30 46.91
N LEU C 88 -12.22 17.62 45.71
CA LEU C 88 -10.80 17.93 45.56
C LEU C 88 -10.48 19.31 46.10
N ARG C 89 -11.40 20.26 45.98
CA ARG C 89 -11.19 21.57 46.59
C ARG C 89 -11.22 21.48 48.11
N ASP C 90 -12.05 20.57 48.65
CA ASP C 90 -12.16 20.35 50.09
C ASP C 90 -10.97 19.60 50.67
N GLY C 91 -9.93 19.32 49.87
CA GLY C 91 -8.71 18.73 50.36
C GLY C 91 -8.47 17.29 49.95
N GLN C 92 -9.46 16.59 49.44
CA GLN C 92 -9.31 15.16 49.19
C GLN C 92 -8.48 14.90 47.94
N ARG C 93 -7.72 13.81 47.99
CA ARG C 93 -6.96 13.34 46.85
C ARG C 93 -7.40 11.93 46.53
N PHE C 94 -7.10 11.47 45.32
CA PHE C 94 -7.58 10.18 44.89
C PHE C 94 -6.44 9.25 44.52
N ALA C 95 -6.68 7.96 44.75
CA ALA C 95 -5.83 6.91 44.25
C ALA C 95 -6.49 6.32 43.01
N CYS C 96 -5.70 6.16 41.94
CA CYS C 96 -6.12 5.44 40.75
C CYS C 96 -5.60 4.02 40.81
N ILE C 97 -6.51 3.06 40.67
CA ILE C 97 -6.18 1.66 40.49
C ILE C 97 -6.50 1.35 39.04
N THR C 98 -5.47 1.07 38.24
CA THR C 98 -5.60 0.91 36.81
C THR C 98 -5.32 -0.54 36.43
N HIS C 99 -5.87 -0.93 35.30
CA HIS C 99 -5.58 -2.23 34.71
C HIS C 99 -5.23 -2.02 33.25
N SER C 100 -4.16 -2.67 32.79
CA SER C 100 -3.83 -2.69 31.36
C SER C 100 -3.63 -1.26 30.85
N THR C 101 -4.28 -0.86 29.75
CA THR C 101 -4.04 0.46 29.17
C THR C 101 -4.41 1.60 30.11
N GLY C 102 -5.21 1.34 31.15
CA GLY C 102 -5.53 2.37 32.12
C GLY C 102 -4.30 2.99 32.77
N GLY C 103 -3.23 2.23 32.91
CA GLY C 103 -2.00 2.76 33.43
C GLY C 103 -1.41 3.84 32.55
N PRO C 104 -1.09 3.49 31.30
CA PRO C 104 -0.64 4.51 30.35
C PRO C 104 -1.56 5.71 30.24
N ILE C 105 -2.87 5.47 30.28
CA ILE C 105 -3.83 6.57 30.12
C ILE C 105 -3.69 7.57 31.28
N VAL C 106 -3.62 7.06 32.51
CA VAL C 106 -3.46 7.95 33.66
C VAL C 106 -2.08 8.63 33.63
N ARG C 107 -1.04 7.93 33.18
CA ARG C 107 0.27 8.56 33.03
C ARG C 107 0.25 9.66 31.97
N LYS C 108 -0.54 9.48 30.91
CA LYS C 108 -0.68 10.53 29.90
C LYS C 108 -1.42 11.73 30.47
N TRP C 109 -2.47 11.48 31.24
CA TRP C 109 -3.18 12.57 31.90
C TRP C 109 -2.24 13.37 32.80
N MET C 110 -1.47 12.67 33.64
CA MET C 110 -0.50 13.37 34.47
C MET C 110 0.44 14.20 33.62
N ASP C 111 0.81 13.69 32.45
CA ASP C 111 1.79 14.37 31.64
C ASP C 111 1.18 15.59 30.96
N LEU C 112 -0.09 15.50 30.56
CA LEU C 112 -0.76 16.62 29.90
C LEU C 112 -1.04 17.76 30.86
N TYR C 113 -1.36 17.46 32.12
CA TYR C 113 -1.88 18.46 33.05
C TYR C 113 -0.96 18.75 34.22
N PHE C 114 0.05 17.93 34.49
CA PHE C 114 0.82 18.16 35.71
C PHE C 114 2.31 17.88 35.58
N LYS C 115 2.85 17.76 34.36
CA LYS C 115 4.22 17.31 34.22
C LYS C 115 5.18 18.13 35.08
N ASN C 116 5.12 19.44 34.97
CA ASN C 116 6.10 20.27 35.66
C ASN C 116 5.66 20.65 37.06
N ASN C 117 4.64 19.96 37.62
CA ASN C 117 4.06 20.35 38.89
C ASN C 117 3.31 19.18 39.53
N LEU C 118 4.00 18.06 39.74
CA LEU C 118 3.31 16.90 40.27
C LEU C 118 2.74 17.16 41.66
N ALA C 119 3.36 18.07 42.42
CA ALA C 119 2.90 18.34 43.77
C ALA C 119 1.49 18.90 43.81
N LYS C 120 1.04 19.51 42.71
CA LYS C 120 -0.33 20.01 42.62
C LYS C 120 -1.28 18.97 42.04
N CYS C 121 -0.79 17.82 41.66
CA CYS C 121 -1.65 16.78 41.09
C CYS C 121 -2.58 16.24 42.18
N PRO C 122 -3.88 16.14 41.92
CA PRO C 122 -4.80 15.62 42.95
C PRO C 122 -4.66 14.14 43.19
N LEU C 123 -3.81 13.46 42.45
CA LEU C 123 -3.61 12.03 42.61
C LEU C 123 -2.53 11.80 43.66
N SER C 124 -2.82 10.93 44.62
CA SER C 124 -1.88 10.59 45.67
C SER C 124 -1.26 9.21 45.51
N HIS C 125 -1.93 8.30 44.82
CA HIS C 125 -1.45 6.93 44.61
C HIS C 125 -1.82 6.50 43.20
N LEU C 126 -0.88 5.86 42.53
CA LEU C 126 -1.06 5.29 41.20
C LEU C 126 -0.69 3.82 41.29
N ILE C 127 -1.69 2.93 41.37
CA ILE C 127 -1.48 1.49 41.45
C ILE C 127 -1.87 0.88 40.11
N MET C 128 -0.86 0.50 39.33
CA MET C 128 -1.03 -0.01 37.97
C MET C 128 -0.96 -1.52 37.99
N LEU C 129 -2.01 -2.16 37.50
CA LEU C 129 -2.09 -3.61 37.42
C LEU C 129 -1.85 -4.04 35.98
N ALA C 130 -0.81 -4.85 35.79
CA ALA C 130 -0.42 -5.34 34.47
C ALA C 130 -0.50 -4.23 33.41
N PRO C 131 0.16 -3.09 33.64
CA PRO C 131 0.09 -2.01 32.65
C PRO C 131 0.92 -2.28 31.40
N ALA C 132 0.35 -1.93 30.24
CA ALA C 132 1.07 -1.99 28.96
C ALA C 132 1.92 -0.72 28.79
N ASN C 133 2.82 -0.49 29.76
CA ASN C 133 3.57 0.75 29.81
C ASN C 133 4.53 0.90 28.64
N HIS C 134 5.12 -0.21 28.17
CA HIS C 134 5.93 -0.22 26.97
C HIS C 134 5.28 -1.01 25.84
N GLY C 135 3.96 -1.18 25.88
CA GLY C 135 3.23 -1.71 24.75
C GLY C 135 2.89 -3.18 24.94
N SER C 136 2.12 -3.67 23.97
CA SER C 136 1.70 -5.07 23.87
C SER C 136 2.10 -5.61 22.50
N ALA C 137 2.77 -6.76 22.50
CA ALA C 137 3.11 -7.41 21.24
C ALA C 137 1.87 -7.76 20.42
N LEU C 138 0.72 -7.95 21.09
CA LEU C 138 -0.50 -8.34 20.39
C LEU C 138 -1.10 -7.19 19.57
N ALA C 139 -0.75 -5.94 19.87
CA ALA C 139 -1.41 -4.82 19.21
C ALA C 139 -1.20 -4.86 17.71
N GLN C 140 0.00 -5.23 17.26
CA GLN C 140 0.26 -5.26 15.83
C GLN C 140 -0.68 -6.20 15.09
N LEU C 141 -1.12 -7.30 15.73
CA LEU C 141 -2.06 -8.21 15.10
C LEU C 141 -3.35 -7.51 14.68
N GLY C 142 -3.64 -6.33 15.22
CA GLY C 142 -4.61 -5.43 14.62
C GLY C 142 -6.06 -5.75 14.97
N LYS C 143 -6.94 -4.85 14.52
CA LYS C 143 -8.32 -4.83 14.99
C LYS C 143 -9.03 -6.16 14.75
N SER C 144 -9.11 -6.58 13.48
CA SER C 144 -9.88 -7.77 13.15
C SER C 144 -9.39 -8.99 13.92
N ARG C 145 -8.11 -9.32 13.79
CA ARG C 145 -7.62 -10.54 14.45
C ARG C 145 -7.80 -10.48 15.97
N LEU C 146 -7.69 -9.29 16.57
CA LEU C 146 -7.72 -9.21 18.03
C LEU C 146 -9.15 -9.30 18.58
N GLY C 147 -10.14 -8.85 17.83
CA GLY C 147 -11.51 -9.03 18.24
C GLY C 147 -11.95 -10.46 17.99
N GLU C 157 -12.71 -5.37 17.33
CA GLU C 157 -13.15 -4.93 18.65
C GLU C 157 -12.41 -3.68 19.12
N PRO C 158 -11.10 -3.78 19.37
CA PRO C 158 -10.36 -2.61 19.88
C PRO C 158 -10.26 -1.50 18.85
N GLY C 159 -9.95 -0.31 19.34
CA GLY C 159 -9.92 0.89 18.51
C GLY C 159 -8.55 1.11 17.88
N LYS C 160 -8.55 1.45 16.60
CA LYS C 160 -7.30 1.49 15.85
C LYS C 160 -6.31 2.47 16.46
N CYS C 161 -6.79 3.65 16.86
CA CYS C 161 -5.85 4.65 17.38
C CYS C 161 -5.23 4.22 18.70
N VAL C 162 -5.94 3.47 19.53
CA VAL C 162 -5.32 2.98 20.74
C VAL C 162 -4.30 1.87 20.42
N LEU C 163 -4.58 1.06 19.40
CA LEU C 163 -3.61 0.05 18.98
C LEU C 163 -2.33 0.70 18.46
N ASP C 164 -2.46 1.84 17.76
CA ASP C 164 -1.28 2.59 17.36
C ASP C 164 -0.41 2.95 18.55
N TRP C 165 -1.04 3.26 19.69
CA TRP C 165 -0.27 3.59 20.89
C TRP C 165 0.36 2.35 21.50
N LEU C 166 -0.40 1.27 21.60
CA LEU C 166 0.08 0.05 22.25
C LEU C 166 1.09 -0.73 21.42
N GLU C 167 1.13 -0.51 20.11
CA GLU C 167 2.05 -1.24 19.25
C GLU C 167 3.48 -1.09 19.77
N LEU C 168 4.20 -2.21 19.87
CA LEU C 168 5.59 -2.15 20.28
C LEU C 168 6.34 -1.21 19.34
N GLY C 169 7.16 -0.36 19.95
CA GLY C 169 7.93 0.61 19.18
C GLY C 169 7.17 1.86 18.81
N SER C 170 5.96 2.05 19.33
CA SER C 170 5.13 3.19 18.98
C SER C 170 5.85 4.50 19.27
N ASP C 171 5.69 5.47 18.36
CA ASP C 171 6.24 6.80 18.60
C ASP C 171 5.54 7.47 19.77
N MET C 172 4.26 7.17 20.00
CA MET C 172 3.52 7.81 21.08
C MET C 172 3.99 7.31 22.45
N SER C 173 4.13 5.99 22.62
CA SER C 173 4.57 5.49 23.93
C SER C 173 6.02 5.89 24.20
N TRP C 174 6.86 5.91 23.17
CA TRP C 174 8.22 6.38 23.34
C TRP C 174 8.23 7.81 23.86
N GLN C 175 7.46 8.69 23.24
CA GLN C 175 7.41 10.08 23.68
C GLN C 175 6.94 10.18 25.12
N LEU C 176 5.90 9.44 25.49
CA LEU C 176 5.41 9.50 26.88
C LEU C 176 6.46 8.94 27.84
N ASN C 177 7.06 7.80 27.49
CA ASN C 177 8.03 7.20 28.39
C ASN C 177 9.34 7.97 28.41
N GLU C 178 9.67 8.70 27.34
CA GLU C 178 10.84 9.57 27.44
C GLU C 178 10.55 10.74 28.37
N SER C 179 9.33 11.28 28.31
CA SER C 179 8.95 12.35 29.23
C SER C 179 9.04 11.88 30.68
N TRP C 180 8.66 10.64 30.95
CA TRP C 180 8.62 10.14 32.31
C TRP C 180 10.00 9.90 32.91
N LEU C 181 11.05 9.86 32.09
CA LEU C 181 12.41 9.80 32.63
C LEU C 181 12.68 10.90 33.65
N ASP C 182 12.05 12.07 33.50
CA ASP C 182 12.31 13.23 34.35
C ASP C 182 11.40 13.31 35.58
N TYR C 183 10.43 12.41 35.72
CA TYR C 183 9.50 12.47 36.84
C TYR C 183 10.19 12.07 38.14
N ASP C 184 9.73 12.65 39.24
CA ASP C 184 9.99 12.12 40.57
C ASP C 184 8.68 12.10 41.33
N CYS C 185 7.89 11.04 41.14
CA CYS C 185 6.60 10.96 41.82
C CYS C 185 6.77 10.95 43.35
N THR C 186 7.66 10.09 43.86
CA THR C 186 7.84 10.00 45.30
C THR C 186 8.19 11.35 45.93
N ALA C 187 9.14 12.07 45.32
CA ALA C 187 9.56 13.35 45.86
C ALA C 187 8.42 14.36 45.92
N ASN C 188 7.39 14.18 45.08
CA ASN C 188 6.25 15.07 45.02
C ASN C 188 5.04 14.53 45.77
N GLY C 189 5.23 13.45 46.53
CA GLY C 189 4.14 12.90 47.30
C GLY C 189 3.17 12.08 46.50
N VAL C 190 3.57 11.58 45.34
CA VAL C 190 2.77 10.67 44.53
C VAL C 190 3.42 9.30 44.63
N TYR C 191 2.69 8.35 45.18
CA TYR C 191 3.22 7.00 45.39
C TYR C 191 2.68 6.12 44.28
N SER C 192 3.58 5.70 43.39
CA SER C 192 3.26 4.94 42.20
C SER C 192 3.78 3.52 42.33
N PHE C 193 2.96 2.55 41.88
CA PHE C 193 3.26 1.12 41.99
C PHE C 193 2.88 0.40 40.72
N VAL C 194 3.69 -0.58 40.33
CA VAL C 194 3.35 -1.53 39.27
C VAL C 194 3.27 -2.93 39.87
N LEU C 195 2.12 -3.57 39.73
CA LEU C 195 1.95 -4.97 40.05
C LEU C 195 1.56 -5.73 38.78
N THR C 196 2.15 -6.91 38.59
CA THR C 196 1.77 -7.73 37.45
C THR C 196 2.00 -9.19 37.78
N GLY C 197 1.54 -10.06 36.88
CA GLY C 197 1.77 -11.48 36.99
C GLY C 197 2.36 -12.01 35.69
N GLN C 198 2.73 -13.29 35.72
CA GLN C 198 3.36 -13.93 34.56
C GLN C 198 2.85 -15.34 34.36
N LYS C 199 1.61 -15.60 34.79
CA LYS C 199 0.94 -16.87 34.60
C LYS C 199 0.07 -16.79 33.35
N ILE C 200 0.18 -17.78 32.47
CA ILE C 200 -0.75 -17.89 31.36
C ILE C 200 -2.00 -18.61 31.84
N ASP C 201 -3.16 -18.05 31.52
CA ASP C 201 -4.41 -18.81 31.63
C ASP C 201 -4.52 -19.66 30.37
N ARG C 202 -4.11 -20.91 30.48
CA ARG C 202 -3.91 -21.77 29.32
C ARG C 202 -5.23 -22.18 28.65
N GLN C 203 -6.37 -21.99 29.31
CA GLN C 203 -7.64 -22.21 28.63
C GLN C 203 -7.92 -21.17 27.56
N PHE C 204 -7.15 -20.09 27.51
CA PHE C 204 -7.41 -18.98 26.61
C PHE C 204 -6.24 -18.75 25.66
N TYR C 205 -5.56 -19.83 25.29
CA TYR C 205 -4.46 -19.78 24.34
C TYR C 205 -5.01 -19.80 22.92
N ASP C 206 -4.65 -18.80 22.11
CA ASP C 206 -5.02 -18.81 20.70
C ASP C 206 -3.93 -19.52 19.93
N ALA C 207 -4.25 -20.72 19.43
CA ALA C 207 -3.21 -21.56 18.83
C ALA C 207 -2.57 -20.90 17.62
N VAL C 208 -3.29 -20.01 16.94
CA VAL C 208 -2.76 -19.34 15.75
C VAL C 208 -1.94 -18.12 16.10
N ASN C 209 -2.03 -17.65 17.35
CA ASN C 209 -1.34 -16.45 17.83
C ASN C 209 -0.65 -16.75 19.16
N SER C 210 0.57 -17.28 19.07
CA SER C 210 1.29 -17.79 20.23
C SER C 210 1.74 -16.71 21.20
N TYR C 211 1.62 -15.42 20.85
CA TYR C 211 1.82 -14.38 21.85
C TYR C 211 0.90 -14.57 23.06
N THR C 212 -0.26 -15.19 22.85
CA THR C 212 -1.21 -15.35 23.95
C THR C 212 -0.72 -16.33 25.01
N GLY C 213 0.42 -16.98 24.78
CA GLY C 213 1.05 -17.86 25.76
C GLY C 213 2.54 -17.62 25.91
N GLU C 214 3.00 -16.43 25.58
CA GLU C 214 4.44 -16.16 25.53
C GLU C 214 5.02 -16.17 26.93
N SER C 215 6.09 -16.95 27.10
CA SER C 215 6.78 -16.95 28.38
C SER C 215 7.34 -15.56 28.66
N GLY C 216 7.23 -15.14 29.91
CA GLY C 216 7.61 -13.80 30.28
C GLY C 216 6.50 -12.80 30.15
N SER C 217 5.28 -13.25 29.85
CA SER C 217 4.10 -12.42 29.76
C SER C 217 2.99 -13.10 30.56
N ASN C 218 1.89 -12.37 30.72
CA ASN C 218 0.66 -12.89 31.30
C ASN C 218 -0.39 -13.17 30.23
N GLY C 219 0.02 -13.28 28.97
CA GLY C 219 -0.87 -13.49 27.86
C GLY C 219 -1.18 -12.24 27.06
N VAL C 220 -0.97 -11.06 27.64
CA VAL C 220 -1.24 -9.80 26.95
C VAL C 220 -0.04 -8.87 27.04
N VAL C 221 0.51 -8.70 28.25
CA VAL C 221 1.63 -7.78 28.46
C VAL C 221 2.83 -8.56 28.98
N ARG C 222 4.01 -8.21 28.47
CA ARG C 222 5.24 -8.78 29.00
C ARG C 222 5.61 -8.14 30.34
N VAL C 223 6.11 -8.97 31.27
CA VAL C 223 6.51 -8.43 32.57
C VAL C 223 7.45 -7.24 32.37
N ALA C 224 8.41 -7.38 31.45
CA ALA C 224 9.34 -6.27 31.26
C ALA C 224 8.64 -5.05 30.68
N ALA C 225 7.55 -5.25 29.95
CA ALA C 225 6.82 -4.11 29.40
C ALA C 225 5.93 -3.38 30.43
N THR C 226 5.73 -3.94 31.63
CA THR C 226 4.97 -3.26 32.67
C THR C 226 5.83 -2.35 33.54
N ASN C 227 7.12 -2.63 33.61
CA ASN C 227 7.98 -2.05 34.63
C ASN C 227 8.31 -0.59 34.30
N MET C 228 8.05 0.31 35.25
CA MET C 228 8.43 1.71 35.09
C MET C 228 9.87 1.99 35.52
N ASN C 229 10.62 0.95 35.88
CA ASN C 229 12.07 1.04 36.04
C ASN C 229 12.68 0.66 34.72
N TYR C 230 13.19 1.67 33.99
CA TYR C 230 13.80 1.45 32.69
C TYR C 230 14.83 2.55 32.43
N SER C 231 15.70 2.31 31.46
CA SER C 231 16.72 3.26 31.07
C SER C 231 16.52 3.67 29.61
N LEU C 232 16.98 4.88 29.28
CA LEU C 232 17.13 5.31 27.90
C LEU C 232 18.62 5.46 27.63
N LEU C 233 19.12 4.66 26.70
CA LEU C 233 20.53 4.66 26.32
C LEU C 233 20.63 5.36 24.97
N LYS C 234 21.39 6.44 24.92
CA LYS C 234 21.65 7.16 23.68
C LYS C 234 23.06 6.84 23.20
N LEU C 235 23.17 6.44 21.95
CA LEU C 235 24.44 6.15 21.29
C LEU C 235 24.52 7.03 20.05
N HIS C 236 25.43 7.99 20.07
CA HIS C 236 25.56 8.97 18.99
C HIS C 236 26.90 8.78 18.32
N GLN C 237 26.86 8.61 17.01
CA GLN C 237 28.06 8.38 16.22
C GLN C 237 28.79 9.70 16.00
N GLU C 238 30.11 9.67 16.17
CA GLU C 238 30.97 10.83 15.96
C GLU C 238 32.17 10.42 15.12
N GLY C 239 32.92 11.42 14.67
CA GLY C 239 34.13 11.17 13.88
C GLY C 239 34.62 12.41 13.16
N GLY C 242 38.34 9.95 9.73
CA GLY C 242 37.88 8.77 9.01
C GLY C 242 37.75 7.55 9.90
N GLU C 243 37.42 7.78 11.17
CA GLU C 243 37.30 6.69 12.14
C GLU C 243 36.03 6.91 12.96
N SER C 244 35.15 5.90 12.96
CA SER C 244 33.86 6.00 13.64
C SER C 244 33.99 5.79 15.14
N LEU C 245 33.42 6.72 15.91
CA LEU C 245 33.38 6.67 17.36
C LEU C 245 31.93 6.72 17.83
N VAL C 246 31.73 6.55 19.14
CA VAL C 246 30.40 6.42 19.73
C VAL C 246 30.40 7.06 21.11
N VAL C 247 29.50 8.00 21.33
CA VAL C 247 29.30 8.64 22.62
C VAL C 247 28.03 8.06 23.23
N ALA C 248 28.14 7.52 24.45
CA ALA C 248 27.04 6.85 25.11
C ALA C 248 26.56 7.68 26.30
N LYS C 249 25.24 7.73 26.47
CA LYS C 249 24.62 8.44 27.57
CA LYS C 249 24.61 8.46 27.56
C LYS C 249 23.41 7.64 28.01
N MET C 250 23.37 7.29 29.29
CA MET C 250 22.25 6.50 29.83
C MET C 250 21.58 7.26 30.96
N THR C 251 20.26 7.38 30.87
CA THR C 251 19.43 8.00 31.88
C THR C 251 18.37 7.01 32.31
N ARG C 252 17.99 7.06 33.58
CA ARG C 252 17.11 6.04 34.15
C ARG C 252 16.01 6.71 34.93
N THR C 253 14.81 6.13 34.89
CA THR C 253 13.72 6.62 35.71
C THR C 253 14.08 6.51 37.19
N GLN C 254 13.39 7.30 38.00
CA GLN C 254 13.47 7.14 39.44
C GLN C 254 12.89 5.78 39.85
N PRO C 255 13.34 5.22 40.98
CA PRO C 255 12.84 3.92 41.40
C PRO C 255 11.33 3.93 41.63
N MET C 256 10.66 2.92 41.09
CA MET C 256 9.24 2.73 41.35
C MET C 256 9.02 1.32 41.87
N ALA C 257 8.08 1.19 42.80
CA ALA C 257 7.69 -0.12 43.31
C ALA C 257 7.29 -1.05 42.18
N PHE C 258 7.80 -2.28 42.22
CA PHE C 258 7.57 -3.24 41.15
C PHE C 258 7.42 -4.63 41.75
N GLY C 259 6.28 -5.27 41.50
CA GLY C 259 6.01 -6.58 42.03
C GLY C 259 5.44 -7.54 41.02
N VAL C 260 6.10 -8.69 40.84
CA VAL C 260 5.54 -9.79 40.08
C VAL C 260 4.87 -10.72 41.09
N LEU C 261 3.51 -10.73 41.10
CA LEU C 261 2.69 -11.50 42.01
C LEU C 261 2.43 -12.91 41.46
N PRO C 262 2.25 -13.91 42.35
CA PRO C 262 2.18 -15.30 41.89
C PRO C 262 0.80 -15.73 41.41
N GLY C 263 0.80 -16.54 40.35
CA GLY C 263 -0.38 -17.25 39.90
C GLY C 263 -1.43 -16.43 39.20
N LEU C 264 -1.04 -15.32 38.56
CA LEU C 264 -2.00 -14.35 38.04
C LEU C 264 -1.74 -14.07 36.57
N SER C 265 -2.82 -14.12 35.78
CA SER C 265 -2.80 -13.83 34.35
C SER C 265 -3.42 -12.45 34.14
N HIS C 266 -3.57 -12.06 32.87
CA HIS C 266 -4.04 -10.72 32.59
C HIS C 266 -5.53 -10.57 32.92
N SER C 267 -6.35 -11.53 32.52
CA SER C 267 -7.79 -11.35 32.56
C SER C 267 -8.44 -12.68 32.88
N GLY C 268 -9.76 -12.64 33.05
CA GLY C 268 -10.52 -13.85 33.28
C GLY C 268 -10.84 -14.07 34.75
N LYS C 269 -11.95 -14.78 34.99
CA LYS C 269 -12.40 -14.99 36.35
C LYS C 269 -11.55 -16.02 37.09
N ASN C 270 -10.82 -16.87 36.38
CA ASN C 270 -9.98 -17.89 37.02
C ASN C 270 -8.83 -17.25 37.79
N ILE C 271 -7.92 -16.61 37.06
CA ILE C 271 -6.70 -16.08 37.64
C ILE C 271 -6.38 -14.69 37.09
N GLY C 272 -7.38 -13.97 36.61
CA GLY C 272 -7.15 -12.61 36.16
C GLY C 272 -6.70 -11.72 37.32
N ILE C 273 -5.71 -10.86 37.05
CA ILE C 273 -5.05 -10.12 38.12
C ILE C 273 -6.04 -9.30 38.94
N ILE C 274 -7.06 -8.73 38.30
CA ILE C 274 -8.11 -8.06 39.07
C ILE C 274 -9.46 -8.76 38.86
N ARG C 275 -9.68 -9.31 37.66
CA ARG C 275 -10.97 -9.93 37.33
C ARG C 275 -11.32 -11.07 38.29
N SER C 276 -10.33 -11.80 38.80
CA SER C 276 -10.63 -12.97 39.61
C SER C 276 -10.92 -12.66 41.07
N ILE C 277 -10.87 -11.39 41.49
CA ILE C 277 -11.04 -11.06 42.89
C ILE C 277 -12.51 -11.16 43.26
N THR C 278 -12.82 -11.91 44.30
CA THR C 278 -14.16 -12.00 44.85
C THR C 278 -14.15 -11.61 46.31
N MET C 279 -15.34 -11.34 46.86
CA MET C 279 -15.43 -11.11 48.30
C MET C 279 -14.89 -12.29 49.09
N ALA C 280 -15.08 -13.51 48.57
CA ALA C 280 -14.68 -14.70 49.30
C ALA C 280 -13.17 -14.92 49.31
N ASN C 281 -12.51 -14.71 48.17
CA ASN C 281 -11.09 -15.03 48.07
C ASN C 281 -10.17 -13.82 48.31
N ALA C 282 -10.72 -12.61 48.47
CA ALA C 282 -9.87 -11.43 48.46
C ALA C 282 -8.83 -11.46 49.58
N ALA C 283 -9.22 -11.91 50.77
CA ALA C 283 -8.27 -11.95 51.88
C ALA C 283 -7.05 -12.82 51.56
N THR C 284 -7.16 -13.75 50.62
CA THR C 284 -6.06 -14.62 50.20
C THR C 284 -5.57 -14.30 48.80
N HIS C 285 -6.12 -13.28 48.16
CA HIS C 285 -5.78 -12.97 46.79
C HIS C 285 -4.57 -12.03 46.79
N PRO C 286 -3.47 -12.37 46.11
CA PRO C 286 -2.30 -11.47 46.16
C PRO C 286 -2.62 -10.03 45.76
N THR C 287 -3.40 -9.84 44.69
CA THR C 287 -3.66 -8.48 44.22
C THR C 287 -4.31 -7.63 45.30
N ALA C 288 -5.34 -8.18 45.96
CA ALA C 288 -6.05 -7.43 46.98
C ALA C 288 -5.16 -7.15 48.17
N ILE C 289 -4.35 -8.14 48.58
CA ILE C 289 -3.45 -7.95 49.71
C ILE C 289 -2.47 -6.82 49.45
N TRP C 290 -1.85 -6.82 48.26
CA TRP C 290 -0.79 -5.85 48.01
C TRP C 290 -1.33 -4.48 47.60
N ILE C 291 -2.53 -4.41 47.02
CA ILE C 291 -3.16 -3.12 46.77
C ILE C 291 -3.46 -2.40 48.07
N LEU C 292 -3.99 -3.14 49.05
CA LEU C 292 -4.25 -2.55 50.36
C LEU C 292 -2.98 -2.01 50.98
N ARG C 293 -1.89 -2.77 50.89
CA ARG C 293 -0.62 -2.27 51.38
C ARG C 293 -0.23 -0.99 50.65
N CYS C 294 -0.32 -0.99 49.32
CA CYS C 294 0.09 0.19 48.55
C CYS C 294 -0.74 1.41 48.95
N LEU C 295 -2.04 1.23 49.15
CA LEU C 295 -2.89 2.35 49.53
C LEU C 295 -2.50 2.91 50.89
N GLN C 296 -1.96 2.07 51.78
CA GLN C 296 -1.60 2.52 53.11
C GLN C 296 -0.28 3.30 53.14
N VAL C 297 0.44 3.38 52.02
CA VAL C 297 1.70 4.11 52.01
C VAL C 297 1.43 5.60 52.17
N LYS C 298 2.09 6.23 53.16
CA LYS C 298 1.89 7.64 53.43
C LYS C 298 3.20 8.42 53.52
N SER C 299 4.33 7.80 53.21
CA SER C 299 5.63 8.43 53.45
C SER C 299 6.66 7.78 52.55
N ARG C 300 7.78 8.49 52.37
CA ARG C 300 8.90 7.91 51.65
C ARG C 300 9.36 6.61 52.31
N ASP C 301 9.42 6.59 53.64
CA ASP C 301 9.89 5.40 54.34
C ASP C 301 8.95 4.23 54.15
N SER C 302 7.64 4.46 54.33
CA SER C 302 6.65 3.43 54.05
C SER C 302 6.76 2.95 52.60
N TYR C 303 6.91 3.88 51.66
CA TYR C 303 7.06 3.51 50.27
C TYR C 303 8.28 2.61 50.07
N ASN C 304 9.43 3.03 50.60
CA ASN C 304 10.66 2.26 50.38
C ASN C 304 10.56 0.87 50.99
N LYS C 305 9.95 0.75 52.18
CA LYS C 305 9.74 -0.57 52.73
C LYS C 305 8.98 -1.46 51.75
N LEU C 306 7.93 -0.93 51.12
CA LEU C 306 7.13 -1.71 50.19
C LEU C 306 7.91 -2.03 48.92
N VAL C 307 8.76 -1.10 48.45
CA VAL C 307 9.60 -1.41 47.29
C VAL C 307 10.38 -2.67 47.54
N LYS C 308 11.01 -2.76 48.71
CA LYS C 308 11.83 -3.93 49.04
C LYS C 308 10.98 -5.18 49.16
N GLU C 309 9.88 -5.12 49.92
CA GLU C 309 9.02 -6.30 50.05
C GLU C 309 8.57 -6.80 48.69
N LEU C 310 8.13 -5.90 47.81
CA LEU C 310 7.64 -6.37 46.52
C LEU C 310 8.77 -6.98 45.69
N ASP C 311 9.98 -6.42 45.78
CA ASP C 311 11.11 -7.02 45.08
C ASP C 311 11.37 -8.44 45.56
N ASN C 312 11.24 -8.68 46.87
CA ASN C 312 11.39 -10.03 47.38
C ASN C 312 10.30 -10.95 46.85
N ILE C 313 9.05 -10.47 46.81
CA ILE C 313 7.96 -11.25 46.24
C ILE C 313 8.25 -11.58 44.79
N THR C 314 8.80 -10.63 44.03
CA THR C 314 9.16 -10.88 42.65
C THR C 314 10.14 -12.04 42.53
N LYS C 315 11.22 -11.99 43.31
CA LYS C 315 12.23 -13.05 43.25
C LYS C 315 11.63 -14.40 43.60
N GLU C 316 10.78 -14.43 44.62
CA GLU C 316 10.12 -15.68 45.02
C GLU C 316 9.21 -16.19 43.91
N THR C 317 8.35 -15.33 43.36
CA THR C 317 7.43 -15.75 42.31
C THR C 317 8.18 -16.34 41.13
N GLN C 318 9.25 -15.68 40.70
CA GLN C 318 9.87 -16.12 39.47
C GLN C 318 10.68 -17.40 39.65
N LYS C 319 11.16 -17.67 40.87
CA LYS C 319 11.75 -18.99 41.14
C LYS C 319 10.68 -20.08 41.18
N ASN C 320 9.56 -19.82 41.88
CA ASN C 320 8.57 -20.87 42.05
C ASN C 320 7.88 -21.23 40.74
N GLU C 321 7.72 -20.28 39.82
CA GLU C 321 7.03 -20.48 38.56
C GLU C 321 7.98 -20.81 37.42
N HIS C 322 9.26 -21.01 37.73
CA HIS C 322 10.25 -21.27 36.68
C HIS C 322 9.87 -22.48 35.86
N LYS C 323 9.35 -23.52 36.50
CA LYS C 323 8.95 -24.76 35.85
C LYS C 323 7.50 -25.06 36.18
N GLU C 324 6.71 -25.33 35.14
CA GLU C 324 5.29 -25.58 35.26
C GLU C 324 4.98 -26.85 34.49
N PHE C 325 4.27 -27.78 35.13
CA PHE C 325 3.90 -29.04 34.52
C PHE C 325 2.38 -29.06 34.41
N VAL C 326 1.88 -29.30 33.20
CA VAL C 326 0.45 -29.39 32.92
C VAL C 326 0.19 -30.76 32.34
N LYS C 327 -0.57 -31.60 33.06
CA LYS C 327 -0.84 -32.94 32.58
C LYS C 327 -2.33 -33.09 32.31
N THR C 328 -2.64 -33.66 31.16
CA THR C 328 -3.98 -33.97 30.72
C THR C 328 -4.15 -35.48 30.68
N LEU C 329 -5.33 -35.93 30.23
CA LEU C 329 -5.54 -37.36 30.06
C LEU C 329 -4.78 -37.92 28.85
N VAL C 330 -4.06 -37.08 28.10
CA VAL C 330 -3.51 -37.47 26.81
C VAL C 330 -2.02 -37.17 26.75
N PHE C 331 -1.58 -36.14 27.45
CA PHE C 331 -0.21 -35.67 27.35
C PHE C 331 0.13 -34.81 28.56
N THR C 332 1.42 -34.54 28.71
CA THR C 332 1.95 -33.70 29.79
C THR C 332 2.94 -32.72 29.20
N ARG C 333 2.70 -31.43 29.44
CA ARG C 333 3.55 -30.36 28.95
CA ARG C 333 3.55 -30.36 28.95
C ARG C 333 4.41 -29.84 30.10
N GLU C 334 5.65 -29.48 29.78
CA GLU C 334 6.54 -28.76 30.68
C GLU C 334 6.76 -27.38 30.07
N TYR C 335 6.48 -26.34 30.85
CA TYR C 335 6.71 -24.97 30.43
C TYR C 335 7.77 -24.36 31.33
N ILE C 336 8.79 -23.77 30.71
CA ILE C 336 9.89 -23.09 31.39
C ILE C 336 9.68 -21.59 31.24
N THR C 337 9.77 -20.86 32.34
CA THR C 337 9.65 -19.41 32.37
C THR C 337 10.87 -18.87 33.10
N ASN C 338 11.72 -18.14 32.39
CA ASN C 338 12.87 -17.49 33.01
C ASN C 338 12.50 -16.04 33.28
N ARG C 339 13.48 -15.14 33.23
CA ARG C 339 13.24 -13.71 33.27
C ARG C 339 13.79 -13.07 32.01
N TYR C 340 13.15 -11.98 31.57
CA TYR C 340 13.32 -11.47 30.22
C TYR C 340 13.59 -9.98 30.22
N SER C 341 14.26 -9.55 29.16
CA SER C 341 14.56 -8.15 28.90
C SER C 341 14.03 -7.78 27.53
N MET C 342 13.51 -6.55 27.41
CA MET C 342 12.98 -6.03 26.16
C MET C 342 13.82 -4.82 25.75
N ILE C 343 14.24 -4.79 24.49
CA ILE C 343 14.97 -3.66 23.93
C ILE C 343 14.09 -3.02 22.87
N ILE C 344 13.86 -1.72 22.99
CA ILE C 344 13.22 -0.94 21.91
C ILE C 344 14.32 -0.10 21.27
N PHE C 345 14.62 -0.37 20.01
CA PHE C 345 15.62 0.39 19.26
C PHE C 345 14.95 1.50 18.47
N ARG C 346 15.61 2.65 18.42
CA ARG C 346 15.19 3.80 17.63
C ARG C 346 16.38 4.27 16.82
N LEU C 347 16.32 4.08 15.50
CA LEU C 347 17.41 4.43 14.60
C LEU C 347 17.10 5.72 13.87
N ILE C 348 17.94 6.73 14.09
CA ILE C 348 17.79 8.05 13.48
C ILE C 348 19.16 8.49 12.98
N ASP C 349 19.19 9.61 12.26
CA ASP C 349 20.43 10.28 11.90
C ASP C 349 20.41 11.72 12.39
N ASP C 350 21.53 12.43 12.18
CA ASP C 350 21.73 13.77 12.69
C ASP C 350 21.08 14.83 11.81
N ARG C 351 20.24 14.45 10.85
CA ARG C 351 19.49 15.42 10.03
C ARG C 351 17.99 15.26 10.21
N GLY C 352 17.54 14.58 11.26
CA GLY C 352 16.12 14.49 11.56
C GLY C 352 15.40 13.34 10.89
N ASN C 353 16.12 12.37 10.33
CA ASN C 353 15.51 11.24 9.64
C ASN C 353 15.44 10.05 10.56
N HIS C 354 14.30 9.35 10.53
CA HIS C 354 14.26 7.98 11.01
C HIS C 354 14.80 7.06 9.91
N LEU C 355 15.61 6.08 10.32
CA LEU C 355 16.25 5.18 9.38
C LEU C 355 15.38 3.94 9.20
N ILE C 356 15.15 3.55 7.94
CA ILE C 356 14.28 2.43 7.63
C ILE C 356 15.03 1.26 6.99
N ASP C 357 16.24 1.46 6.48
CA ASP C 357 16.98 0.39 5.81
C ASP C 357 18.27 0.15 6.61
N TYR C 358 18.29 -0.93 7.38
CA TYR C 358 19.43 -1.20 8.26
C TYR C 358 19.37 -2.64 8.73
N ASP C 359 20.52 -3.13 9.18
CA ASP C 359 20.68 -4.42 9.85
C ASP C 359 21.21 -4.17 11.25
N LEU C 360 20.56 -4.73 12.27
CA LEU C 360 20.96 -4.52 13.65
C LEU C 360 21.40 -5.84 14.26
N TYR C 361 22.64 -5.88 14.75
CA TYR C 361 23.22 -7.09 15.34
C TYR C 361 23.47 -6.89 16.83
N LEU C 362 23.07 -7.87 17.62
CA LEU C 362 23.70 -8.09 18.92
C LEU C 362 25.01 -8.83 18.71
N THR C 363 25.98 -8.57 19.59
CA THR C 363 27.30 -9.18 19.47
C THR C 363 27.79 -9.59 20.85
N ALA C 364 28.67 -10.59 20.90
CA ALA C 364 29.16 -11.11 22.17
C ALA C 364 30.48 -11.83 21.96
N GLY C 365 31.08 -12.25 23.09
CA GLY C 365 32.34 -12.94 23.04
C GLY C 365 33.50 -11.97 23.00
N PRO C 366 34.72 -12.49 23.08
CA PRO C 366 35.88 -11.61 23.13
C PRO C 366 36.04 -10.76 21.89
N GLN C 367 35.50 -11.20 20.75
CA GLN C 367 35.66 -10.49 19.49
C GLN C 367 34.40 -9.71 19.08
N TYR C 368 33.40 -9.63 19.97
CA TYR C 368 32.12 -9.02 19.67
C TYR C 368 31.59 -9.52 18.33
N SER C 369 31.37 -10.82 18.28
CA SER C 369 30.85 -11.49 17.10
C SER C 369 29.35 -11.62 17.18
N GLU C 370 28.67 -11.34 16.06
CA GLU C 370 27.24 -11.59 15.97
C GLU C 370 26.89 -13.07 15.99
N GLN C 371 27.87 -13.96 15.88
CA GLN C 371 27.63 -15.39 15.88
C GLN C 371 27.81 -16.02 17.26
N ALA C 372 28.15 -15.24 18.27
CA ALA C 372 28.55 -15.78 19.57
C ALA C 372 27.50 -15.60 20.66
N LEU C 373 26.29 -15.18 20.33
CA LEU C 373 25.27 -15.06 21.38
C LEU C 373 24.96 -16.42 22.00
N PRO C 374 24.64 -16.47 23.29
CA PRO C 374 24.27 -17.75 23.89
C PRO C 374 23.05 -18.35 23.22
N ALA C 375 23.08 -19.66 23.01
CA ALA C 375 21.96 -20.34 22.36
C ALA C 375 20.72 -20.25 23.23
N GLY C 376 19.61 -19.82 22.63
CA GLY C 376 18.36 -19.61 23.35
C GLY C 376 18.16 -18.21 23.85
N PHE C 377 19.06 -17.27 23.53
CA PHE C 377 18.92 -15.90 23.98
C PHE C 377 17.65 -15.24 23.50
N PHE C 378 17.05 -15.68 22.40
CA PHE C 378 16.03 -14.91 21.69
C PHE C 378 14.64 -15.43 22.02
N VAL C 379 13.70 -14.52 22.21
CA VAL C 379 12.30 -14.86 22.29
C VAL C 379 11.53 -14.28 21.11
N ASP C 380 11.70 -12.99 20.82
CA ASP C 380 10.85 -12.38 19.81
C ASP C 380 11.51 -11.13 19.23
N ARG C 381 11.05 -10.76 18.02
CA ARG C 381 11.35 -9.46 17.45
C ARG C 381 10.11 -8.97 16.71
N GLN C 382 9.88 -7.67 16.78
CA GLN C 382 8.79 -7.05 16.05
C GLN C 382 9.23 -5.69 15.55
N ARG C 383 8.81 -5.31 14.35
CA ARG C 383 9.14 -4.01 13.80
C ARG C 383 7.86 -3.21 13.64
N ASN C 384 7.86 -1.99 14.17
CA ASN C 384 6.67 -1.15 14.14
C ASN C 384 6.22 -0.91 12.70
N LEU C 385 4.92 -1.07 12.47
CA LEU C 385 4.37 -0.92 11.12
C LEU C 385 4.24 0.54 10.69
N ASN C 386 4.15 1.47 11.65
CA ASN C 386 4.05 2.89 11.32
C ASN C 386 5.41 3.59 11.21
N ASN C 387 6.45 3.05 11.86
CA ASN C 387 7.79 3.62 11.83
C ASN C 387 8.79 2.48 11.79
N ARG C 388 9.35 2.20 10.61
CA ARG C 388 10.28 1.08 10.45
C ARG C 388 11.62 1.33 11.11
N GLY C 389 11.85 2.49 11.68
CA GLY C 389 13.03 2.67 12.51
C GLY C 389 12.85 2.19 13.92
N LYS C 390 11.73 1.56 14.24
CA LYS C 390 11.43 1.10 15.60
C LYS C 390 11.39 -0.42 15.58
N LEU C 391 12.31 -1.04 16.33
CA LEU C 391 12.50 -2.47 16.36
C LEU C 391 12.58 -2.91 17.80
N THR C 392 11.78 -3.89 18.17
CA THR C 392 11.72 -4.38 19.54
C THR C 392 12.18 -5.83 19.58
N TYR C 393 13.25 -6.07 20.34
CA TYR C 393 13.73 -7.42 20.61
C TYR C 393 13.35 -7.81 22.02
N PHE C 394 12.98 -9.07 22.19
CA PHE C 394 12.60 -9.64 23.47
C PHE C 394 13.51 -10.82 23.75
N LEU C 395 14.22 -10.76 24.87
CA LEU C 395 15.34 -11.65 25.11
C LEU C 395 15.21 -12.34 26.46
N ASP C 396 15.82 -13.51 26.55
CA ASP C 396 15.86 -14.27 27.79
C ASP C 396 17.10 -13.82 28.55
N TYR C 397 16.90 -13.07 29.63
CA TYR C 397 18.02 -12.49 30.35
C TYR C 397 18.85 -13.56 31.05
N ASP C 398 18.21 -14.58 31.59
CA ASP C 398 18.97 -15.55 32.37
C ASP C 398 19.83 -16.42 31.46
N ILE C 399 19.36 -16.72 30.26
CA ILE C 399 20.17 -17.41 29.28
C ILE C 399 21.32 -16.53 28.79
N MET C 400 21.04 -15.24 28.56
CA MET C 400 22.10 -14.32 28.11
C MET C 400 23.18 -14.16 29.17
N GLU C 401 22.78 -13.83 30.41
CA GLU C 401 23.78 -13.63 31.47
C GLU C 401 24.58 -14.89 31.70
N GLY C 402 23.93 -16.06 31.71
CA GLY C 402 24.65 -17.29 31.99
C GLY C 402 25.64 -17.66 30.91
N GLY C 403 25.36 -17.30 29.67
CA GLY C 403 26.30 -17.61 28.61
C GLY C 403 27.37 -16.56 28.41
N ILE C 404 27.08 -15.31 28.75
CA ILE C 404 28.03 -14.23 28.49
C ILE C 404 29.00 -14.05 29.65
N ASN C 405 28.52 -14.18 30.88
CA ASN C 405 29.39 -13.98 32.04
C ASN C 405 30.07 -15.30 32.39
N THR C 406 30.95 -15.73 31.49
CA THR C 406 31.80 -16.89 31.65
C THR C 406 33.22 -16.46 31.30
N PRO C 407 34.22 -17.19 31.77
CA PRO C 407 35.61 -16.83 31.45
C PRO C 407 35.86 -16.65 29.96
N LYS C 408 35.32 -17.53 29.12
CA LYS C 408 35.67 -17.49 27.70
C LYS C 408 34.94 -16.39 26.98
N MET C 409 33.80 -15.97 27.49
CA MET C 409 32.99 -14.95 26.84
C MET C 409 33.24 -13.57 27.42
N GLN C 410 33.86 -13.49 28.59
CA GLN C 410 34.38 -12.26 29.18
C GLN C 410 33.30 -11.25 29.53
N GLY C 411 32.03 -11.63 29.47
CA GLY C 411 30.97 -10.71 29.83
C GLY C 411 30.60 -9.72 28.74
N ASN C 412 31.18 -9.84 27.55
CA ASN C 412 30.97 -8.85 26.51
C ASN C 412 29.58 -8.94 25.92
N LEU C 413 28.97 -7.78 25.71
CA LEU C 413 27.74 -7.65 24.95
C LEU C 413 27.78 -6.30 24.23
N GLY C 414 27.37 -6.29 22.98
CA GLY C 414 27.40 -5.03 22.23
C GLY C 414 26.38 -5.04 21.10
N PHE C 415 26.34 -3.92 20.40
CA PHE C 415 25.50 -3.74 19.23
C PHE C 415 26.36 -3.39 18.03
N ARG C 416 25.93 -3.84 16.85
CA ARG C 416 26.44 -3.32 15.59
C ARG C 416 25.24 -2.99 14.71
N VAL C 417 25.24 -1.79 14.13
CA VAL C 417 24.20 -1.32 13.23
CA VAL C 417 24.20 -1.38 13.21
C VAL C 417 24.84 -1.00 11.89
N LYS C 418 24.33 -1.59 10.82
CA LYS C 418 24.74 -1.25 9.46
C LYS C 418 23.51 -0.65 8.79
N ALA C 419 23.54 0.66 8.56
CA ALA C 419 22.48 1.34 7.85
C ALA C 419 22.87 1.48 6.38
N TYR C 420 21.86 1.58 5.52
CA TYR C 420 22.04 1.63 4.09
C TYR C 420 21.48 2.93 3.54
N PRO C 421 22.10 3.50 2.51
CA PRO C 421 23.32 3.00 1.84
C PRO C 421 24.57 3.17 2.70
N GLU C 422 25.59 2.34 2.46
CA GLU C 422 26.71 2.23 3.37
C GLU C 422 28.01 2.75 2.80
N SER C 423 28.01 3.35 1.61
CA SER C 423 29.27 3.84 1.07
C SER C 423 29.01 4.75 -0.12
N SER C 424 30.03 5.56 -0.43
CA SER C 424 29.96 6.50 -1.54
C SER C 424 29.55 5.81 -2.84
N ASP C 425 30.25 4.72 -3.19
CA ASP C 425 29.96 4.05 -4.46
C ASP C 425 28.50 3.61 -4.55
N GLN C 426 27.86 3.35 -3.41
CA GLN C 426 26.45 2.98 -3.42
C GLN C 426 25.57 4.21 -3.65
N ALA C 427 25.73 5.22 -2.81
CA ALA C 427 25.00 6.48 -2.95
C ALA C 427 25.84 7.58 -2.36
N LEU C 428 25.59 8.80 -2.84
CA LEU C 428 26.38 9.95 -2.41
C LEU C 428 25.97 10.48 -1.04
N ALA C 429 24.85 9.99 -0.48
CA ALA C 429 24.55 10.12 0.93
C ALA C 429 24.48 8.72 1.52
N TYR C 430 25.18 8.49 2.63
CA TYR C 430 25.39 7.13 3.12
C TYR C 430 25.75 7.18 4.61
N TYR C 431 25.88 6.01 5.20
CA TYR C 431 26.13 5.88 6.63
C TYR C 431 27.28 4.92 6.86
N ARG C 432 28.07 5.24 7.89
CA ARG C 432 29.14 4.36 8.33
C ARG C 432 28.63 3.47 9.45
N LEU C 433 29.12 2.24 9.48
CA LEU C 433 28.76 1.26 10.49
C LEU C 433 29.00 1.81 11.89
N LEU C 434 28.12 1.47 12.82
CA LEU C 434 28.34 1.80 14.22
C LEU C 434 28.51 0.52 15.02
N ASP C 435 29.53 0.50 15.88
CA ASP C 435 29.80 -0.57 16.82
C ASP C 435 29.77 0.00 18.23
N PHE C 436 29.00 -0.63 19.11
CA PHE C 436 28.96 -0.27 20.53
C PHE C 436 29.40 -1.46 21.36
N HIS C 437 30.36 -1.25 22.26
CA HIS C 437 30.91 -2.35 23.06
C HIS C 437 30.56 -2.13 24.53
N SER C 438 29.90 -3.12 25.14
CA SER C 438 29.50 -3.03 26.54
C SER C 438 29.77 -4.36 27.23
N SER C 439 29.20 -4.49 28.43
CA SER C 439 29.44 -5.63 29.30
C SER C 439 28.16 -5.95 30.06
N LEU C 440 27.96 -7.23 30.36
CA LEU C 440 26.98 -7.68 31.34
C LEU C 440 27.63 -8.01 32.67
N ALA C 441 28.91 -7.68 32.86
CA ALA C 441 29.64 -8.12 34.03
C ALA C 441 29.76 -7.06 35.11
N ASP C 442 29.36 -5.82 34.85
CA ASP C 442 29.48 -4.74 35.84
C ASP C 442 28.13 -4.05 36.01
N ILE C 443 28.10 -3.05 36.89
CA ILE C 443 26.86 -2.39 37.30
C ILE C 443 26.32 -1.42 36.28
N HIS C 444 27.10 -1.03 35.27
CA HIS C 444 26.66 -0.11 34.24
C HIS C 444 26.04 -0.82 33.03
N LYS C 445 25.46 -2.00 33.24
CA LYS C 445 25.00 -2.81 32.12
C LYS C 445 23.68 -2.28 31.57
N ILE C 446 23.42 -2.61 30.30
CA ILE C 446 22.25 -2.08 29.62
C ILE C 446 21.02 -2.97 29.76
N LEU C 447 21.20 -4.26 30.07
CA LEU C 447 20.10 -5.21 30.22
C LEU C 447 19.90 -5.54 31.68
N HIS C 448 18.64 -5.54 32.11
CA HIS C 448 18.26 -5.98 33.44
C HIS C 448 17.09 -6.93 33.33
N PRO C 449 16.99 -7.90 34.25
CA PRO C 449 15.82 -8.78 34.24
C PRO C 449 14.55 -8.03 34.58
N ASN C 450 13.47 -8.39 33.90
CA ASN C 450 12.17 -7.76 34.02
C ASN C 450 12.15 -6.28 33.62
N GLU C 451 13.08 -5.83 32.79
CA GLU C 451 13.10 -4.42 32.40
C GLU C 451 13.14 -4.29 30.88
N THR C 452 12.51 -3.21 30.41
CA THR C 452 12.67 -2.71 29.06
C THR C 452 13.84 -1.72 29.08
N VAL C 453 14.62 -1.68 28.01
CA VAL C 453 15.61 -0.62 27.81
C VAL C 453 15.35 0.03 26.45
N MET C 454 15.32 1.36 26.43
CA MET C 454 15.15 2.13 25.20
C MET C 454 16.53 2.51 24.68
N VAL C 455 16.79 2.23 23.41
CA VAL C 455 18.11 2.46 22.80
C VAL C 455 17.92 3.33 21.56
N GLU C 456 18.34 4.58 21.65
CA GLU C 456 18.31 5.50 20.53
C GLU C 456 19.71 5.59 19.95
N ILE C 457 19.85 5.25 18.67
CA ILE C 457 21.14 5.26 17.99
C ILE C 457 21.08 6.32 16.88
N MET C 458 21.92 7.34 16.97
CA MET C 458 21.95 8.41 15.97
C MET C 458 23.23 8.26 15.14
N LEU C 459 23.06 7.96 13.85
CA LEU C 459 24.18 7.89 12.92
C LEU C 459 24.42 9.25 12.27
N GLN C 460 25.66 9.47 11.85
CA GLN C 460 25.99 10.64 11.05
C GLN C 460 25.65 10.39 9.58
N ARG C 461 24.87 11.28 9.00
CA ARG C 461 24.59 11.25 7.57
C ARG C 461 25.80 11.82 6.84
N ARG C 462 26.52 10.98 6.11
CA ARG C 462 27.68 11.38 5.35
C ARG C 462 27.26 11.70 3.92
N VAL C 463 27.65 12.87 3.43
CA VAL C 463 27.33 13.33 2.09
C VAL C 463 28.64 13.62 1.39
N ASP C 464 28.85 12.98 0.25
CA ASP C 464 30.08 13.18 -0.50
C ASP C 464 30.09 14.55 -1.16
N ARG C 465 31.29 15.12 -1.27
CA ARG C 465 31.42 16.46 -1.81
C ARG C 465 30.94 16.57 -3.26
N THR C 466 30.87 15.45 -3.98
CA THR C 466 30.38 15.52 -5.35
C THR C 466 28.95 16.02 -5.43
N VAL C 467 28.18 15.97 -4.33
CA VAL C 467 26.80 16.40 -4.42
C VAL C 467 26.71 17.85 -4.91
N PHE C 468 27.75 18.66 -4.65
CA PHE C 468 27.76 20.03 -5.13
C PHE C 468 29.22 20.48 -5.25
N ARG C 469 29.58 20.90 -6.45
CA ARG C 469 30.89 21.48 -6.74
C ARG C 469 30.67 22.76 -7.54
N ILE C 470 31.62 23.69 -7.45
CA ILE C 470 31.65 24.85 -8.32
C ILE C 470 33.03 24.93 -8.95
N SER C 471 33.06 25.44 -10.18
CA SER C 471 34.30 25.60 -10.95
C SER C 471 34.20 26.86 -11.79
N ASN C 472 35.33 27.58 -11.94
CA ASN C 472 35.38 28.72 -12.84
C ASN C 472 35.92 28.36 -14.22
N ASN C 473 35.93 27.08 -14.57
CA ASN C 473 36.05 26.66 -15.96
C ASN C 473 34.68 26.83 -16.62
N LEU C 474 34.57 27.79 -17.53
CA LEU C 474 33.27 28.13 -18.11
C LEU C 474 32.92 27.23 -19.30
N THR C 475 33.80 26.32 -19.69
CA THR C 475 33.51 25.38 -20.77
C THR C 475 32.50 24.35 -20.29
N PRO C 476 31.31 24.27 -20.89
CA PRO C 476 30.28 23.35 -20.37
C PRO C 476 30.74 21.90 -20.49
N ALA C 477 30.23 21.06 -19.59
CA ALA C 477 30.63 19.66 -19.59
C ALA C 477 29.62 18.82 -18.84
N LYS C 478 29.57 17.54 -19.18
CA LYS C 478 28.72 16.62 -18.44
CA LYS C 478 28.72 16.62 -18.44
C LYS C 478 29.08 16.67 -16.96
N ILE C 479 28.06 16.46 -16.13
CA ILE C 479 28.21 16.44 -14.69
C ILE C 479 28.43 15.00 -14.24
N SER C 480 29.55 14.75 -13.56
CA SER C 480 29.90 13.40 -13.10
C SER C 480 29.39 13.19 -11.68
N GLY C 481 28.79 12.01 -11.44
CA GLY C 481 28.38 11.59 -10.11
C GLY C 481 29.43 10.80 -9.37
N LYS C 482 30.66 10.77 -9.87
CA LYS C 482 31.72 9.98 -9.26
C LYS C 482 32.05 10.54 -7.88
N PRO C 483 32.10 9.71 -6.84
CA PRO C 483 32.40 10.24 -5.51
C PRO C 483 33.85 10.73 -5.42
N THR C 484 34.05 11.81 -4.67
CA THR C 484 35.38 12.26 -4.32
C THR C 484 36.00 11.39 -3.24
N GLY C 485 35.19 10.68 -2.46
CA GLY C 485 35.66 9.99 -1.28
C GLY C 485 35.81 10.86 -0.06
N LYS C 486 35.55 12.17 -0.17
CA LYS C 486 35.61 13.12 0.93
C LYS C 486 34.21 13.63 1.21
N LYS C 487 33.83 13.67 2.49
CA LYS C 487 32.52 14.12 2.88
C LYS C 487 32.50 15.62 3.17
N ILE C 488 31.31 16.20 3.05
CA ILE C 488 31.13 17.60 3.45
C ILE C 488 31.10 17.69 4.97
N ASP C 489 31.42 18.88 5.48
CA ASP C 489 31.21 19.18 6.89
C ASP C 489 29.74 19.04 7.26
N THR D 15 34.46 43.89 -5.22
CA THR D 15 34.17 43.24 -6.52
C THR D 15 33.22 42.06 -6.32
N MET D 16 32.66 41.60 -7.43
CA MET D 16 31.56 40.64 -7.41
C MET D 16 32.04 39.29 -7.94
N ILE D 17 31.55 38.23 -7.31
CA ILE D 17 31.66 36.86 -7.82
C ILE D 17 30.27 36.42 -8.25
N VAL D 18 30.19 35.69 -9.35
CA VAL D 18 28.93 35.14 -9.84
C VAL D 18 28.99 33.63 -9.79
N ILE D 19 27.95 33.00 -9.28
CA ILE D 19 27.83 31.55 -9.22
C ILE D 19 26.51 31.14 -9.86
N PHE D 20 26.60 30.28 -10.87
CA PHE D 20 25.43 29.72 -11.53
C PHE D 20 25.01 28.42 -10.86
N VAL D 21 23.70 28.26 -10.68
CA VAL D 21 23.10 27.08 -10.03
C VAL D 21 21.93 26.63 -10.88
N HIS D 22 21.91 25.34 -11.28
CA HIS D 22 20.97 24.81 -12.24
C HIS D 22 19.78 24.13 -11.57
N GLY D 23 18.95 23.48 -12.38
CA GLY D 23 17.72 22.86 -11.94
C GLY D 23 17.79 21.34 -11.91
N TRP D 24 16.60 20.73 -11.76
CA TRP D 24 16.55 19.31 -11.53
C TRP D 24 16.68 18.53 -12.83
N SER D 25 17.19 17.30 -12.71
CA SER D 25 17.39 16.38 -13.83
C SER D 25 18.41 16.86 -14.83
N VAL D 26 19.27 17.78 -14.44
CA VAL D 26 20.31 18.32 -15.32
C VAL D 26 21.54 17.41 -15.26
N THR D 27 22.13 17.14 -16.41
CA THR D 27 23.36 16.34 -16.47
C THR D 27 24.50 17.03 -17.22
N HIS D 28 24.35 18.30 -17.57
CA HIS D 28 25.35 18.99 -18.38
C HIS D 28 25.22 20.48 -18.09
N THR D 29 26.37 21.14 -17.86
CA THR D 29 26.36 22.56 -17.53
C THR D 29 26.06 23.46 -18.74
N ASN D 30 25.84 22.90 -19.93
CA ASN D 30 25.27 23.71 -20.99
C ASN D 30 23.85 24.14 -20.67
N THR D 31 23.29 23.66 -19.56
CA THR D 31 21.99 24.14 -19.11
C THR D 31 21.97 25.65 -18.92
N TYR D 32 23.13 26.28 -18.71
CA TYR D 32 23.23 27.73 -18.52
C TYR D 32 23.32 28.50 -19.83
N GLY D 33 23.14 27.84 -20.96
CA GLY D 33 23.31 28.52 -22.23
C GLY D 33 24.71 29.07 -22.33
N GLU D 34 24.83 30.26 -22.96
CA GLU D 34 26.09 30.99 -23.03
C GLU D 34 26.08 32.24 -22.16
N LEU D 35 25.18 32.31 -21.19
CA LEU D 35 25.13 33.51 -20.35
C LEU D 35 26.39 33.70 -19.52
N PRO D 36 27.06 32.66 -19.01
CA PRO D 36 28.30 32.90 -18.25
C PRO D 36 29.36 33.61 -19.06
N GLN D 37 29.56 33.17 -20.31
CA GLN D 37 30.54 33.82 -21.17
C GLN D 37 30.14 35.26 -21.47
N TRP D 38 28.84 35.50 -21.66
CA TRP D 38 28.40 36.86 -21.94
C TRP D 38 28.66 37.77 -20.75
N LEU D 39 28.29 37.33 -19.54
CA LEU D 39 28.57 38.13 -18.35
C LEU D 39 30.05 38.45 -18.25
N GLU D 40 30.89 37.47 -18.57
CA GLU D 40 32.33 37.72 -18.61
C GLU D 40 32.65 38.90 -19.53
N ASN D 41 32.04 38.93 -20.72
CA ASN D 41 32.33 40.01 -21.67
C ASN D 41 31.78 41.34 -21.19
N GLN D 42 30.54 41.35 -20.67
CA GLN D 42 29.98 42.58 -20.12
C GLN D 42 30.91 43.18 -19.07
N SER D 43 31.47 42.34 -18.20
CA SER D 43 32.42 42.82 -17.21
C SER D 43 33.63 43.49 -17.87
N LYS D 44 34.17 42.87 -18.93
CA LYS D 44 35.29 43.49 -19.66
C LYS D 44 34.90 44.82 -20.29
N GLN D 45 33.62 45.04 -20.56
CA GLN D 45 33.14 46.28 -21.15
C GLN D 45 32.79 47.34 -20.11
N GLY D 46 33.03 47.07 -18.83
CA GLY D 46 32.77 48.04 -17.78
C GLY D 46 31.36 48.03 -17.21
N LYS D 47 30.47 47.17 -17.69
CA LYS D 47 29.11 47.14 -17.17
C LYS D 47 28.98 46.32 -15.89
N LEU D 48 29.96 45.48 -15.58
CA LEU D 48 30.02 44.76 -14.31
C LEU D 48 31.46 44.75 -13.83
N ASP D 49 31.62 44.57 -12.53
CA ASP D 49 32.94 44.54 -11.90
C ASP D 49 33.26 43.13 -11.44
N ILE D 50 33.40 42.23 -12.41
CA ILE D 50 33.70 40.83 -12.17
C ILE D 50 35.07 40.54 -12.75
N GLN D 51 36.03 40.23 -11.89
CA GLN D 51 37.36 39.90 -12.37
C GLN D 51 37.30 38.63 -13.21
N VAL D 52 38.21 38.54 -14.18
CA VAL D 52 38.36 37.30 -14.92
C VAL D 52 38.63 36.18 -13.92
N GLY D 53 37.87 35.10 -14.02
CA GLY D 53 37.99 33.99 -13.09
C GLY D 53 37.07 34.06 -11.89
N ASN D 54 36.18 35.06 -11.81
CA ASN D 54 35.23 35.14 -10.71
C ASN D 54 33.80 34.78 -11.13
N ILE D 55 33.64 34.09 -12.26
CA ILE D 55 32.36 33.51 -12.65
C ILE D 55 32.46 32.00 -12.51
N TYR D 56 31.54 31.41 -11.76
CA TYR D 56 31.60 29.99 -11.40
C TYR D 56 30.34 29.27 -11.86
N LEU D 57 30.54 28.06 -12.37
CA LEU D 57 29.44 27.17 -12.74
C LEU D 57 29.25 26.16 -11.62
N GLY D 58 28.06 26.16 -11.01
CA GLY D 58 27.73 25.13 -10.06
C GLY D 58 27.22 23.88 -10.76
N ARG D 59 27.51 22.74 -10.17
CA ARG D 59 26.98 21.47 -10.63
C ARG D 59 26.67 20.61 -9.41
N TYR D 60 25.43 20.17 -9.32
CA TYR D 60 24.98 19.34 -8.21
C TYR D 60 24.21 18.16 -8.76
N ILE D 61 24.11 17.12 -7.94
CA ILE D 61 23.53 15.84 -8.37
C ILE D 61 22.05 15.88 -8.02
N SER D 62 21.22 15.85 -9.05
CA SER D 62 19.77 15.82 -8.92
C SER D 62 19.19 14.44 -9.22
N PHE D 63 20.00 13.51 -9.73
CA PHE D 63 19.54 12.22 -10.19
C PHE D 63 19.95 11.08 -9.26
N ASP D 64 20.09 11.35 -7.97
CA ASP D 64 20.40 10.34 -6.96
C ASP D 64 19.23 10.27 -5.99
N ASP D 65 18.59 9.10 -5.91
CA ASP D 65 17.40 8.94 -5.08
C ASP D 65 17.66 9.13 -3.59
N THR D 66 18.92 9.12 -3.15
CA THR D 66 19.22 9.25 -1.73
C THR D 66 19.50 10.69 -1.31
N VAL D 67 19.72 11.59 -2.26
CA VAL D 67 20.15 12.95 -1.98
C VAL D 67 18.93 13.82 -1.74
N THR D 68 18.91 14.51 -0.60
CA THR D 68 17.85 15.44 -0.22
C THR D 68 18.25 16.88 -0.52
N VAL D 69 17.25 17.76 -0.49
CA VAL D 69 17.52 19.19 -0.67
C VAL D 69 18.38 19.71 0.46
N ASP D 70 18.11 19.24 1.68
CA ASP D 70 19.02 19.50 2.80
C ASP D 70 20.44 19.11 2.45
N ASP D 71 20.65 17.87 1.97
CA ASP D 71 21.97 17.42 1.54
C ASP D 71 22.59 18.40 0.53
N ILE D 72 21.84 18.80 -0.49
CA ILE D 72 22.41 19.65 -1.53
C ILE D 72 22.79 21.01 -0.96
N ALA D 73 21.92 21.60 -0.12
CA ALA D 73 22.20 22.92 0.45
C ALA D 73 23.43 22.87 1.35
N ARG D 74 23.60 21.79 2.12
CA ARG D 74 24.81 21.62 2.92
C ARG D 74 26.04 21.47 2.02
N ALA D 75 25.89 20.80 0.88
CA ALA D 75 27.01 20.57 -0.02
C ALA D 75 27.42 21.86 -0.72
N PHE D 76 26.46 22.75 -0.97
CA PHE D 76 26.79 24.06 -1.55
C PHE D 76 27.67 24.85 -0.60
N ASP D 77 27.33 24.86 0.70
CA ASP D 77 28.19 25.53 1.67
C ASP D 77 29.62 25.01 1.58
N GLN D 78 29.78 23.68 1.47
CA GLN D 78 31.10 23.09 1.34
C GLN D 78 31.75 23.48 0.01
N ALA D 79 30.99 23.45 -1.09
CA ALA D 79 31.56 23.79 -2.39
C ALA D 79 32.08 25.21 -2.41
N VAL D 80 31.36 26.12 -1.74
CA VAL D 80 31.77 27.52 -1.67
C VAL D 80 33.05 27.65 -0.86
N ARG D 81 33.11 27.02 0.32
CA ARG D 81 34.31 27.13 1.13
C ARG D 81 35.50 26.49 0.45
N ASP D 82 35.29 25.40 -0.30
CA ASP D 82 36.42 24.73 -0.95
C ASP D 82 37.05 25.58 -2.04
N GLU D 83 36.28 26.46 -2.68
CA GLU D 83 36.73 27.16 -3.87
C GLU D 83 36.96 28.66 -3.68
N ILE D 84 36.16 29.36 -2.89
CA ILE D 84 36.28 30.81 -2.83
C ILE D 84 36.39 31.31 -1.39
N ALA D 85 36.86 30.45 -0.48
CA ALA D 85 36.98 30.89 0.91
C ALA D 85 37.94 32.07 1.03
N ASP D 86 39.07 32.00 0.32
CA ASP D 86 40.03 33.10 0.34
C ASP D 86 39.38 34.38 -0.18
N LYS D 87 38.66 34.29 -1.30
CA LYS D 87 38.08 35.49 -1.89
C LYS D 87 37.03 36.10 -0.97
N LEU D 88 36.27 35.27 -0.25
CA LEU D 88 35.28 35.80 0.67
C LEU D 88 35.94 36.45 1.86
N ARG D 89 37.01 35.85 2.39
CA ARG D 89 37.74 36.49 3.49
C ARG D 89 38.26 37.86 3.10
N ASP D 90 38.60 38.05 1.82
CA ASP D 90 39.08 39.33 1.33
CA ASP D 90 39.08 39.33 1.33
C ASP D 90 37.96 40.31 1.01
N GLY D 91 36.73 40.03 1.46
CA GLY D 91 35.62 40.95 1.33
C GLY D 91 34.71 40.72 0.13
N GLN D 92 35.05 39.79 -0.75
CA GLN D 92 34.20 39.57 -1.92
C GLN D 92 32.88 38.93 -1.53
N ARG D 93 31.80 39.36 -2.17
CA ARG D 93 30.50 38.73 -2.03
C ARG D 93 30.10 38.19 -3.39
N PHE D 94 29.22 37.19 -3.39
CA PHE D 94 28.81 36.56 -4.63
C PHE D 94 27.33 36.75 -4.90
N ALA D 95 27.00 36.75 -6.18
CA ALA D 95 25.63 36.73 -6.68
C ALA D 95 25.34 35.36 -7.23
N CYS D 96 24.21 34.78 -6.81
CA CYS D 96 23.74 33.50 -7.32
C CYS D 96 22.68 33.74 -8.39
N ILE D 97 22.88 33.14 -9.56
CA ILE D 97 21.88 33.11 -10.61
C ILE D 97 21.39 31.67 -10.66
N THR D 98 20.15 31.44 -10.26
CA THR D 98 19.61 30.09 -10.13
C THR D 98 18.54 29.84 -11.17
N HIS D 99 18.34 28.57 -11.48
CA HIS D 99 17.30 28.13 -12.39
C HIS D 99 16.55 26.98 -11.74
N SER D 100 15.23 27.03 -11.85
CA SER D 100 14.36 25.97 -11.38
C SER D 100 14.67 25.63 -9.91
N THR D 101 14.97 24.37 -9.61
CA THR D 101 15.22 23.97 -8.23
C THR D 101 16.37 24.73 -7.57
N GLY D 102 17.29 25.30 -8.35
CA GLY D 102 18.39 26.05 -7.77
C GLY D 102 17.97 27.15 -6.80
N GLY D 103 16.86 27.83 -7.09
CA GLY D 103 16.34 28.82 -6.19
C GLY D 103 16.04 28.28 -4.81
N PRO D 104 15.10 27.34 -4.72
CA PRO D 104 14.82 26.69 -3.44
C PRO D 104 16.07 26.21 -2.72
N ILE D 105 17.03 25.61 -3.42
CA ILE D 105 18.22 25.08 -2.76
C ILE D 105 19.03 26.21 -2.12
N VAL D 106 19.25 27.29 -2.85
CA VAL D 106 19.96 28.43 -2.30
C VAL D 106 19.18 29.04 -1.15
N ARG D 107 17.85 29.15 -1.30
CA ARG D 107 17.04 29.66 -0.19
C ARG D 107 17.17 28.78 1.04
N LYS D 108 17.26 27.45 0.86
CA LYS D 108 17.46 26.54 1.98
C LYS D 108 18.85 26.72 2.59
N TRP D 109 19.87 26.88 1.75
CA TRP D 109 21.21 27.16 2.27
C TRP D 109 21.22 28.41 3.16
N MET D 110 20.62 29.49 2.67
CA MET D 110 20.45 30.69 3.48
C MET D 110 19.76 30.37 4.80
N ASP D 111 18.72 29.55 4.75
CA ASP D 111 17.97 29.25 5.96
C ASP D 111 18.80 28.39 6.93
N LEU D 112 19.65 27.51 6.40
CA LEU D 112 20.43 26.61 7.25
C LEU D 112 21.58 27.32 7.93
N TYR D 113 22.15 28.33 7.28
CA TYR D 113 23.38 28.95 7.76
C TYR D 113 23.25 30.41 8.13
N PHE D 114 22.22 31.13 7.67
CA PHE D 114 22.20 32.57 7.91
C PHE D 114 20.84 33.14 8.29
N LYS D 115 19.87 32.31 8.67
CA LYS D 115 18.51 32.78 8.84
C LYS D 115 18.44 34.01 9.72
N ASN D 116 18.99 33.91 10.92
CA ASN D 116 18.84 34.99 11.88
C ASN D 116 19.91 36.07 11.71
N ASN D 117 20.56 36.12 10.55
CA ASN D 117 21.81 36.84 10.43
C ASN D 117 22.16 37.12 8.97
N LEU D 118 21.20 37.59 8.18
CA LEU D 118 21.43 37.72 6.75
C LEU D 118 22.55 38.70 6.42
N ALA D 119 22.85 39.63 7.32
CA ALA D 119 23.84 40.66 7.01
C ALA D 119 25.23 40.06 6.85
N LYS D 120 25.51 38.92 7.48
CA LYS D 120 26.79 38.26 7.36
C LYS D 120 26.79 37.17 6.29
N CYS D 121 25.69 36.99 5.59
CA CYS D 121 25.65 36.06 4.47
C CYS D 121 26.54 36.58 3.34
N PRO D 122 27.46 35.76 2.80
CA PRO D 122 28.35 36.26 1.75
C PRO D 122 27.65 36.49 0.42
N LEU D 123 26.36 36.19 0.34
CA LEU D 123 25.59 36.42 -0.87
C LEU D 123 25.08 37.85 -0.85
N SER D 124 25.18 38.51 -2.00
CA SER D 124 24.69 39.87 -2.20
C SER D 124 23.48 39.95 -3.10
N HIS D 125 23.38 39.06 -4.08
CA HIS D 125 22.28 39.06 -5.04
C HIS D 125 21.79 37.64 -5.23
N LEU D 126 20.49 37.46 -5.18
CA LEU D 126 19.85 36.19 -5.51
C LEU D 126 18.92 36.46 -6.69
N ILE D 127 19.27 35.91 -7.84
CA ILE D 127 18.49 36.07 -9.06
C ILE D 127 17.96 34.68 -9.41
N MET D 128 16.69 34.44 -9.13
CA MET D 128 16.06 33.15 -9.34
C MET D 128 15.31 33.17 -10.67
N LEU D 129 15.67 32.25 -11.56
CA LEU D 129 15.01 32.12 -12.84
C LEU D 129 14.05 30.94 -12.78
N ALA D 130 12.77 31.23 -13.02
CA ALA D 130 11.71 30.24 -13.03
C ALA D 130 11.88 29.28 -11.85
N PRO D 131 11.98 29.79 -10.63
CA PRO D 131 12.21 28.91 -9.47
C PRO D 131 10.93 28.22 -9.02
N ALA D 132 11.08 26.96 -8.62
CA ALA D 132 9.96 26.16 -8.12
C ALA D 132 9.74 26.43 -6.64
N ASN D 133 9.57 27.71 -6.32
CA ASN D 133 9.55 28.14 -4.92
C ASN D 133 8.36 27.57 -4.17
N HIS D 134 7.21 27.40 -4.82
CA HIS D 134 6.07 26.73 -4.20
C HIS D 134 5.75 25.40 -4.87
N GLY D 135 6.73 24.79 -5.53
CA GLY D 135 6.61 23.45 -6.06
C GLY D 135 6.23 23.44 -7.52
N SER D 136 6.24 22.22 -8.07
CA SER D 136 5.89 21.93 -9.45
C SER D 136 4.82 20.84 -9.47
N ALA D 137 3.75 21.08 -10.24
CA ALA D 137 2.67 20.10 -10.33
C ALA D 137 3.13 18.79 -10.93
N LEU D 138 4.26 18.81 -11.65
CA LEU D 138 4.77 17.63 -12.33
CA LEU D 138 4.75 17.63 -12.33
C LEU D 138 5.42 16.64 -11.37
N ALA D 139 5.93 17.13 -10.23
CA ALA D 139 6.65 16.26 -9.31
C ALA D 139 5.84 15.03 -8.91
N GLN D 140 4.56 15.21 -8.67
CA GLN D 140 3.74 14.08 -8.26
C GLN D 140 3.75 12.97 -9.31
N LEU D 141 3.89 13.31 -10.59
CA LEU D 141 3.93 12.29 -11.63
C LEU D 141 5.05 11.28 -11.42
N GLY D 142 6.06 11.61 -10.60
CA GLY D 142 7.00 10.63 -10.09
C GLY D 142 8.17 10.36 -11.03
N LYS D 143 9.11 9.55 -10.53
CA LYS D 143 10.39 9.37 -11.22
C LYS D 143 10.21 8.71 -12.57
N SER D 144 9.55 7.54 -12.61
CA SER D 144 9.39 6.81 -13.86
C SER D 144 8.79 7.68 -14.95
N ARG D 145 7.59 8.21 -14.70
CA ARG D 145 6.92 9.03 -15.71
C ARG D 145 7.76 10.26 -16.07
N LEU D 146 8.38 10.90 -15.08
CA LEU D 146 9.05 12.17 -15.37
C LEU D 146 10.29 11.96 -16.22
N GLY D 147 10.92 10.79 -16.12
CA GLY D 147 12.05 10.47 -16.97
C GLY D 147 11.57 10.08 -18.36
N GLU D 157 14.53 9.52 -13.89
CA GLU D 157 15.62 10.51 -13.97
C GLU D 157 15.73 11.30 -12.65
N PRO D 158 14.68 12.01 -12.23
CA PRO D 158 14.81 12.84 -11.02
C PRO D 158 14.92 11.99 -9.76
N GLY D 159 15.65 12.54 -8.78
CA GLY D 159 15.80 11.86 -7.51
C GLY D 159 14.54 11.95 -6.65
N LYS D 160 14.20 10.82 -6.02
CA LYS D 160 12.90 10.70 -5.38
C LYS D 160 12.77 11.68 -4.23
N CYS D 161 13.84 11.88 -3.45
CA CYS D 161 13.77 12.79 -2.32
C CYS D 161 13.58 14.24 -2.76
N VAL D 162 14.19 14.64 -3.87
CA VAL D 162 13.97 16.01 -4.33
C VAL D 162 12.56 16.18 -4.90
N LEU D 163 11.99 15.14 -5.48
CA LEU D 163 10.59 15.21 -5.89
C LEU D 163 9.67 15.36 -4.69
N ASP D 164 10.00 14.72 -3.56
CA ASP D 164 9.20 14.92 -2.36
C ASP D 164 9.17 16.38 -1.94
N TRP D 165 10.29 17.08 -2.13
CA TRP D 165 10.33 18.52 -1.84
C TRP D 165 9.50 19.29 -2.85
N LEU D 166 9.64 18.96 -4.13
CA LEU D 166 8.97 19.73 -5.17
C LEU D 166 7.47 19.47 -5.25
N GLU D 167 6.99 18.34 -4.75
CA GLU D 167 5.57 18.03 -4.84
C GLU D 167 4.73 19.17 -4.25
N LEU D 168 3.72 19.62 -4.99
CA LEU D 168 2.79 20.60 -4.45
C LEU D 168 2.31 20.17 -3.08
N GLY D 169 2.25 21.13 -2.15
CA GLY D 169 1.82 20.81 -0.80
C GLY D 169 2.84 20.12 0.05
N SER D 170 4.09 20.03 -0.39
CA SER D 170 5.14 19.37 0.38
C SER D 170 5.27 19.97 1.78
N ASP D 171 5.44 19.10 2.77
CA ASP D 171 5.71 19.58 4.13
C ASP D 171 7.04 20.32 4.18
N MET D 172 7.99 19.94 3.34
CA MET D 172 9.31 20.58 3.37
C MET D 172 9.31 21.97 2.76
N SER D 173 8.65 22.15 1.60
CA SER D 173 8.58 23.49 1.03
C SER D 173 7.72 24.40 1.92
N TRP D 174 6.65 23.87 2.51
CA TRP D 174 5.88 24.67 3.46
C TRP D 174 6.77 25.20 4.56
N GLN D 175 7.60 24.32 5.14
CA GLN D 175 8.45 24.71 6.25
C GLN D 175 9.44 25.80 5.83
N LEU D 176 10.08 25.63 4.66
CA LEU D 176 11.02 26.64 4.21
C LEU D 176 10.32 27.96 3.95
N ASN D 177 9.16 27.91 3.30
CA ASN D 177 8.49 29.15 2.91
C ASN D 177 7.84 29.83 4.10
N GLU D 178 7.46 29.06 5.13
CA GLU D 178 6.98 29.70 6.34
C GLU D 178 8.12 30.39 7.06
N SER D 179 9.30 29.78 7.06
CA SER D 179 10.49 30.43 7.63
C SER D 179 10.78 31.74 6.91
N TRP D 180 10.55 31.80 5.60
CA TRP D 180 10.90 32.96 4.80
C TRP D 180 9.95 34.13 4.98
N LEU D 181 8.77 33.91 5.56
CA LEU D 181 7.88 35.00 5.96
C LEU D 181 8.59 36.05 6.80
N ASP D 182 9.53 35.64 7.64
CA ASP D 182 10.25 36.52 8.55
C ASP D 182 11.46 37.20 7.92
N TYR D 183 11.86 36.82 6.72
CA TYR D 183 13.06 37.38 6.12
C TYR D 183 12.84 38.84 5.71
N ASP D 184 13.92 39.62 5.75
CA ASP D 184 13.97 40.94 5.10
C ASP D 184 15.34 41.03 4.45
N CYS D 185 15.44 40.46 3.25
CA CYS D 185 16.70 40.48 2.50
C CYS D 185 17.15 41.91 2.22
N THR D 186 16.24 42.74 1.71
CA THR D 186 16.62 44.08 1.29
C THR D 186 17.25 44.86 2.44
N ALA D 187 16.68 44.74 3.64
CA ALA D 187 17.19 45.49 4.78
C ALA D 187 18.57 45.02 5.22
N ASN D 188 18.93 43.78 4.88
CA ASN D 188 20.23 43.22 5.20
C ASN D 188 21.22 43.31 4.03
N GLY D 189 20.90 44.12 3.02
CA GLY D 189 21.82 44.27 1.91
C GLY D 189 21.85 43.11 0.96
N VAL D 190 20.83 42.25 0.98
CA VAL D 190 20.71 41.12 0.06
C VAL D 190 19.58 41.46 -0.91
N TYR D 191 19.92 41.55 -2.20
CA TYR D 191 18.97 41.92 -3.24
C TYR D 191 18.52 40.65 -3.95
N SER D 192 17.25 40.33 -3.79
CA SER D 192 16.66 39.10 -4.31
C SER D 192 15.66 39.44 -5.40
N PHE D 193 15.66 38.61 -6.45
CA PHE D 193 14.82 38.82 -7.61
C PHE D 193 14.28 37.49 -8.10
N VAL D 194 13.05 37.51 -8.60
CA VAL D 194 12.46 36.38 -9.31
C VAL D 194 12.10 36.85 -10.71
N LEU D 195 12.63 36.15 -11.70
CA LEU D 195 12.29 36.33 -13.08
C LEU D 195 11.75 35.02 -13.60
N THR D 196 10.72 35.08 -14.41
CA THR D 196 10.19 33.84 -14.99
C THR D 196 9.44 34.19 -16.26
N GLY D 197 9.03 33.14 -16.98
CA GLY D 197 8.23 33.30 -18.17
C GLY D 197 6.96 32.47 -18.07
N GLN D 198 6.10 32.63 -19.06
CA GLN D 198 4.86 31.87 -19.11
C GLN D 198 4.56 31.39 -20.53
N LYS D 199 5.59 31.18 -21.32
CA LYS D 199 5.44 30.63 -22.66
C LYS D 199 5.62 29.11 -22.62
N ILE D 200 4.73 28.39 -23.29
CA ILE D 200 4.93 26.97 -23.50
C ILE D 200 5.78 26.78 -24.74
N ASP D 201 6.85 25.99 -24.64
CA ASP D 201 7.51 25.51 -25.85
C ASP D 201 6.67 24.34 -26.35
N ARG D 202 5.83 24.61 -27.34
CA ARG D 202 4.78 23.69 -27.73
C ARG D 202 5.33 22.48 -28.47
N GLN D 203 6.60 22.50 -28.87
CA GLN D 203 7.26 21.30 -29.40
C GLN D 203 7.52 20.26 -28.33
N PHE D 204 7.43 20.62 -27.05
CA PHE D 204 7.75 19.71 -25.95
C PHE D 204 6.51 19.35 -25.11
N TYR D 205 5.34 19.39 -25.72
CA TYR D 205 4.09 19.03 -25.04
C TYR D 205 3.95 17.52 -24.98
N ASP D 206 3.86 16.98 -23.78
CA ASP D 206 3.61 15.54 -23.57
C ASP D 206 2.10 15.34 -23.54
N ALA D 207 1.57 14.70 -24.58
CA ALA D 207 0.12 14.67 -24.76
C ALA D 207 -0.60 13.94 -23.64
N VAL D 208 0.06 12.99 -22.96
CA VAL D 208 -0.62 12.28 -21.89
C VAL D 208 -0.41 12.94 -20.54
N ASN D 209 0.38 14.02 -20.48
CA ASN D 209 0.60 14.79 -19.25
C ASN D 209 0.47 16.29 -19.54
N SER D 210 -0.76 16.78 -19.47
CA SER D 210 -1.11 18.12 -19.92
C SER D 210 -0.56 19.22 -19.04
N TYR D 211 -0.06 18.90 -17.84
CA TYR D 211 0.69 19.88 -17.08
C TYR D 211 1.80 20.52 -17.92
N THR D 212 2.40 19.76 -18.84
CA THR D 212 3.49 20.30 -19.63
C THR D 212 3.04 21.41 -20.59
N GLY D 213 1.74 21.68 -20.68
CA GLY D 213 1.24 22.83 -21.42
C GLY D 213 0.27 23.70 -20.65
N GLU D 214 0.35 23.65 -19.31
CA GLU D 214 -0.67 24.29 -18.47
C GLU D 214 -0.61 25.81 -18.58
N SER D 215 -1.77 26.41 -18.86
CA SER D 215 -1.83 27.87 -18.89
C SER D 215 -1.46 28.44 -17.55
N GLY D 216 -0.70 29.53 -17.57
CA GLY D 216 -0.18 30.09 -16.34
C GLY D 216 1.11 29.46 -15.87
N SER D 217 1.73 28.63 -16.71
CA SER D 217 3.01 28.01 -16.41
C SER D 217 3.93 28.18 -17.62
N ASN D 218 5.19 27.81 -17.43
CA ASN D 218 6.15 27.75 -18.52
C ASN D 218 6.39 26.31 -18.97
N GLY D 219 5.46 25.41 -18.63
CA GLY D 219 5.60 23.98 -18.88
C GLY D 219 6.06 23.17 -17.67
N VAL D 220 6.60 23.81 -16.64
CA VAL D 220 7.21 23.12 -15.52
C VAL D 220 6.76 23.77 -14.22
N VAL D 221 6.89 25.09 -14.12
CA VAL D 221 6.51 25.82 -12.92
CA VAL D 221 6.52 25.83 -12.92
C VAL D 221 5.45 26.86 -13.26
N ARG D 222 4.45 26.96 -12.40
CA ARG D 222 3.43 27.99 -12.54
C ARG D 222 4.00 29.35 -12.11
N VAL D 223 3.60 30.40 -12.85
CA VAL D 223 4.07 31.74 -12.51
C VAL D 223 3.81 32.03 -11.04
N ALA D 224 2.64 31.64 -10.55
CA ALA D 224 2.30 31.90 -9.15
C ALA D 224 3.20 31.11 -8.20
N ALA D 225 3.70 29.95 -8.64
CA ALA D 225 4.60 29.17 -7.81
C ALA D 225 6.05 29.67 -7.83
N THR D 226 6.38 30.66 -8.68
CA THR D 226 7.73 31.24 -8.65
C THR D 226 7.81 32.43 -7.68
N ASN D 227 6.68 33.04 -7.38
CA ASN D 227 6.66 34.35 -6.75
C ASN D 227 6.95 34.26 -5.26
N MET D 228 7.91 35.06 -4.80
CA MET D 228 8.23 35.11 -3.37
C MET D 228 7.43 36.18 -2.64
N ASN D 229 6.52 36.84 -3.34
CA ASN D 229 5.52 37.72 -2.73
C ASN D 229 4.29 36.86 -2.47
N TYR D 230 4.14 36.37 -1.23
CA TYR D 230 3.00 35.52 -0.90
C TYR D 230 2.57 35.80 0.53
N SER D 231 1.41 35.27 0.89
CA SER D 231 0.84 35.42 2.22
C SER D 231 0.63 34.04 2.86
N LEU D 232 0.66 34.01 4.19
CA LEU D 232 0.15 32.87 4.95
C LEU D 232 -1.04 33.33 5.76
N LEU D 233 -2.19 32.68 5.55
CA LEU D 233 -3.44 32.99 6.23
C LEU D 233 -3.74 31.83 7.18
N LYS D 234 -3.78 32.13 8.47
CA LYS D 234 -4.16 31.16 9.48
C LYS D 234 -5.60 31.44 9.89
N LEU D 235 -6.44 30.40 9.83
CA LEU D 235 -7.82 30.45 10.29
C LEU D 235 -7.96 29.41 11.39
N HIS D 236 -8.21 29.86 12.60
CA HIS D 236 -8.31 28.98 13.75
C HIS D 236 -9.73 29.02 14.28
N GLN D 237 -10.32 27.83 14.45
CA GLN D 237 -11.70 27.70 14.89
C GLN D 237 -11.81 27.89 16.39
N GLU D 238 -12.73 28.73 16.82
CA GLU D 238 -13.01 28.92 18.23
C GLU D 238 -14.48 28.66 18.48
N GLY D 239 -14.84 28.52 19.76
CA GLY D 239 -16.19 28.22 20.13
C GLY D 239 -16.29 27.74 21.58
N ASP D 240 -17.47 27.89 22.16
CA ASP D 240 -17.78 27.33 23.47
C ASP D 240 -18.89 26.30 23.25
N ASN D 241 -19.94 26.35 24.07
CA ASN D 241 -21.18 25.64 23.76
C ASN D 241 -22.03 26.56 22.90
N GLY D 242 -22.35 26.11 21.68
CA GLY D 242 -23.16 26.91 20.79
C GLY D 242 -22.79 26.79 19.33
N GLU D 243 -21.98 27.73 18.83
CA GLU D 243 -21.69 27.80 17.40
C GLU D 243 -20.23 28.18 17.19
N SER D 244 -19.73 27.81 15.99
CA SER D 244 -18.33 27.97 15.63
C SER D 244 -18.00 29.41 15.23
N LEU D 245 -16.82 29.86 15.67
CA LEU D 245 -16.25 31.15 15.31
C LEU D 245 -14.87 30.96 14.71
N VAL D 246 -14.38 31.97 13.99
CA VAL D 246 -13.15 31.85 13.22
C VAL D 246 -12.29 33.10 13.46
N VAL D 247 -11.06 32.87 13.91
CA VAL D 247 -10.08 33.95 14.05
C VAL D 247 -9.11 33.83 12.89
N ALA D 248 -8.85 34.94 12.22
CA ALA D 248 -8.01 34.94 11.04
C ALA D 248 -6.80 35.85 11.27
N LYS D 249 -5.65 35.42 10.76
CA LYS D 249 -4.42 36.20 10.85
C LYS D 249 -3.65 36.02 9.56
N MET D 250 -3.31 37.12 8.89
CA MET D 250 -2.54 37.05 7.67
C MET D 250 -1.19 37.71 7.88
N THR D 251 -0.14 37.02 7.49
CA THR D 251 1.20 37.57 7.44
C THR D 251 1.73 37.45 6.02
N ARG D 252 2.53 38.41 5.61
CA ARG D 252 2.97 38.48 4.22
C ARG D 252 4.48 38.64 4.17
N THR D 253 5.12 38.04 3.16
CA THR D 253 6.54 38.24 2.96
C THR D 253 6.83 39.70 2.64
N GLN D 254 8.09 40.09 2.86
CA GLN D 254 8.54 41.40 2.42
C GLN D 254 8.55 41.48 0.90
N PRO D 255 8.37 42.68 0.34
CA PRO D 255 8.35 42.81 -1.12
C PRO D 255 9.65 42.28 -1.74
N MET D 256 9.51 41.54 -2.84
CA MET D 256 10.64 41.09 -3.63
C MET D 256 10.36 41.35 -5.10
N ALA D 257 11.40 41.81 -5.80
CA ALA D 257 11.32 42.02 -7.24
C ALA D 257 10.77 40.79 -7.96
N PHE D 258 9.83 41.03 -8.86
CA PHE D 258 9.16 39.93 -9.53
C PHE D 258 8.83 40.37 -10.95
N GLY D 259 9.35 39.63 -11.93
CA GLY D 259 9.11 39.97 -13.31
C GLY D 259 8.72 38.79 -14.18
N VAL D 260 7.63 38.91 -14.93
CA VAL D 260 7.23 37.92 -15.92
C VAL D 260 7.74 38.45 -17.26
N LEU D 261 8.79 37.85 -17.78
CA LEU D 261 9.41 38.27 -19.01
C LEU D 261 8.73 37.64 -20.22
N PRO D 262 8.79 38.30 -21.38
CA PRO D 262 8.04 37.83 -22.55
C PRO D 262 8.74 36.73 -23.34
N GLY D 263 7.94 35.75 -23.77
CA GLY D 263 8.35 34.79 -24.78
C GLY D 263 9.28 33.70 -24.33
N LEU D 264 9.29 33.37 -23.04
CA LEU D 264 10.28 32.47 -22.48
C LEU D 264 9.62 31.29 -21.80
N SER D 265 10.15 30.09 -22.05
CA SER D 265 9.70 28.86 -21.43
C SER D 265 10.72 28.40 -20.39
N HIS D 266 10.46 27.25 -19.80
CA HIS D 266 11.35 26.76 -18.75
C HIS D 266 12.71 26.36 -19.32
N SER D 267 12.73 25.55 -20.38
CA SER D 267 13.93 24.87 -20.83
C SER D 267 14.00 24.95 -22.35
N GLY D 268 15.14 24.52 -22.88
CA GLY D 268 15.25 24.34 -24.32
C GLY D 268 16.02 25.46 -25.00
N LYS D 269 16.68 25.11 -26.10
CA LYS D 269 17.46 26.09 -26.84
C LYS D 269 16.59 27.08 -27.60
N ASN D 270 15.30 26.77 -27.82
CA ASN D 270 14.42 27.67 -28.56
C ASN D 270 14.11 28.91 -27.73
N ILE D 271 13.43 28.72 -26.60
CA ILE D 271 12.98 29.84 -25.80
C ILE D 271 13.15 29.58 -24.31
N GLY D 272 14.03 28.63 -23.96
CA GLY D 272 14.32 28.41 -22.56
C GLY D 272 14.86 29.67 -21.89
N ILE D 273 14.36 29.94 -20.68
CA ILE D 273 14.63 31.22 -20.02
C ILE D 273 16.13 31.49 -19.90
N ILE D 274 16.93 30.45 -19.67
CA ILE D 274 18.38 30.66 -19.66
C ILE D 274 19.03 29.81 -20.76
N ARG D 275 18.43 28.65 -21.06
CA ARG D 275 19.04 27.74 -22.03
C ARG D 275 19.19 28.38 -23.41
N SER D 276 18.31 29.30 -23.77
CA SER D 276 18.31 29.85 -25.11
C SER D 276 19.23 31.05 -25.29
N ILE D 277 19.96 31.46 -24.25
CA ILE D 277 20.84 32.62 -24.36
C ILE D 277 22.09 32.22 -25.13
N THR D 278 22.44 33.03 -26.14
CA THR D 278 23.68 32.88 -26.87
C THR D 278 24.40 34.22 -26.88
N MET D 279 25.69 34.16 -27.21
CA MET D 279 26.46 35.40 -27.39
C MET D 279 25.82 36.26 -28.47
N ALA D 280 25.27 35.63 -29.50
CA ALA D 280 24.71 36.40 -30.61
C ALA D 280 23.44 37.14 -30.19
N ASN D 281 22.57 36.47 -29.43
CA ASN D 281 21.26 37.05 -29.14
C ASN D 281 21.16 37.69 -27.76
N ALA D 282 22.22 37.62 -26.94
CA ALA D 282 22.08 38.03 -25.54
C ALA D 282 21.66 39.50 -25.41
N ALA D 283 22.27 40.37 -26.21
CA ALA D 283 21.97 41.81 -26.12
C ALA D 283 20.48 42.10 -26.19
N THR D 284 19.72 41.29 -26.95
CA THR D 284 18.29 41.48 -27.08
C THR D 284 17.49 40.44 -26.32
N HIS D 285 18.16 39.62 -25.51
CA HIS D 285 17.47 38.56 -24.79
C HIS D 285 16.92 39.10 -23.48
N PRO D 286 15.61 38.98 -23.22
CA PRO D 286 15.07 39.59 -21.99
C PRO D 286 15.78 39.12 -20.74
N THR D 287 16.11 37.84 -20.65
CA THR D 287 16.77 37.32 -19.45
C THR D 287 18.13 37.97 -19.23
N ALA D 288 18.96 38.01 -20.29
CA ALA D 288 20.28 38.61 -20.15
C ALA D 288 20.16 40.08 -19.81
N ILE D 289 19.27 40.79 -20.51
CA ILE D 289 19.06 42.21 -20.26
C ILE D 289 18.73 42.46 -18.79
N TRP D 290 17.76 41.72 -18.25
CA TRP D 290 17.30 42.06 -16.91
C TRP D 290 18.21 41.50 -15.83
N ILE D 291 18.90 40.38 -16.09
CA ILE D 291 19.90 39.89 -15.14
C ILE D 291 20.98 40.94 -14.93
N LEU D 292 21.41 41.58 -16.01
CA LEU D 292 22.42 42.64 -15.93
C LEU D 292 21.93 43.78 -15.05
N ARG D 293 20.66 44.19 -15.22
CA ARG D 293 20.11 45.24 -14.36
C ARG D 293 20.11 44.79 -12.90
N CYS D 294 19.60 43.59 -12.63
CA CYS D 294 19.54 43.09 -11.26
C CYS D 294 20.90 43.13 -10.60
N LEU D 295 21.93 42.67 -11.31
CA LEU D 295 23.28 42.62 -10.75
C LEU D 295 23.82 44.01 -10.47
N GLN D 296 23.33 45.02 -11.19
CA GLN D 296 23.83 46.38 -10.96
C GLN D 296 23.16 47.06 -9.76
N VAL D 297 22.14 46.45 -9.17
CA VAL D 297 21.51 47.06 -8.01
C VAL D 297 22.52 47.09 -6.86
N LYS D 298 22.61 48.26 -6.19
CA LYS D 298 23.50 48.39 -5.04
C LYS D 298 22.85 49.11 -3.87
N SER D 299 21.55 49.35 -3.90
CA SER D 299 20.92 50.16 -2.88
C SER D 299 19.43 49.88 -2.85
N ARG D 300 18.79 50.28 -1.74
CA ARG D 300 17.34 50.19 -1.62
C ARG D 300 16.66 50.98 -2.72
N ASP D 301 17.18 52.16 -3.06
CA ASP D 301 16.54 52.99 -4.07
C ASP D 301 16.61 52.36 -5.44
N SER D 302 17.80 51.86 -5.83
CA SER D 302 17.91 51.17 -7.10
C SER D 302 17.06 49.91 -7.12
N TYR D 303 17.10 49.11 -6.05
CA TYR D 303 16.23 47.95 -5.98
C TYR D 303 14.78 48.32 -6.25
N ASN D 304 14.26 49.32 -5.52
CA ASN D 304 12.84 49.62 -5.61
C ASN D 304 12.43 50.13 -6.99
N LYS D 305 13.32 50.83 -7.67
CA LYS D 305 13.04 51.24 -9.04
C LYS D 305 12.93 50.02 -9.95
N LEU D 306 13.83 49.05 -9.77
CA LEU D 306 13.75 47.83 -10.57
C LEU D 306 12.51 47.02 -10.22
N VAL D 307 12.12 47.00 -8.94
CA VAL D 307 10.84 46.36 -8.59
C VAL D 307 9.73 46.93 -9.47
N LYS D 308 9.60 48.25 -9.51
CA LYS D 308 8.53 48.86 -10.29
C LYS D 308 8.70 48.58 -11.78
N GLU D 309 9.92 48.73 -12.30
CA GLU D 309 10.18 48.42 -13.70
C GLU D 309 9.80 46.98 -14.04
N LEU D 310 10.13 46.01 -13.17
CA LEU D 310 9.75 44.64 -13.46
C LEU D 310 8.25 44.43 -13.34
N ASP D 311 7.57 45.15 -12.44
CA ASP D 311 6.12 45.01 -12.38
C ASP D 311 5.47 45.52 -13.66
N ASN D 312 5.95 46.63 -14.20
CA ASN D 312 5.42 47.12 -15.47
C ASN D 312 5.67 46.12 -16.59
N ILE D 313 6.86 45.51 -16.62
CA ILE D 313 7.11 44.48 -17.63
C ILE D 313 6.12 43.33 -17.46
N THR D 314 5.88 42.89 -16.22
CA THR D 314 4.90 41.82 -16.00
C THR D 314 3.56 42.16 -16.64
N LYS D 315 3.02 43.33 -16.32
CA LYS D 315 1.72 43.72 -16.84
C LYS D 315 1.72 43.74 -18.36
N GLU D 316 2.79 44.27 -18.96
CA GLU D 316 2.89 44.27 -20.41
C GLU D 316 2.90 42.86 -20.96
N THR D 317 3.78 42.01 -20.43
CA THR D 317 3.89 40.64 -20.92
C THR D 317 2.55 39.92 -20.90
N GLN D 318 1.83 40.03 -19.79
CA GLN D 318 0.64 39.21 -19.63
C GLN D 318 -0.51 39.70 -20.49
N LYS D 319 -0.58 41.01 -20.76
CA LYS D 319 -1.54 41.48 -21.74
C LYS D 319 -1.17 41.04 -23.16
N ASN D 320 0.10 41.16 -23.53
CA ASN D 320 0.50 40.81 -24.88
C ASN D 320 0.36 39.32 -25.16
N GLU D 321 0.55 38.47 -24.17
CA GLU D 321 0.48 37.03 -24.35
C GLU D 321 -0.87 36.43 -23.99
N HIS D 322 -1.89 37.28 -23.73
CA HIS D 322 -3.19 36.78 -23.29
C HIS D 322 -3.80 35.82 -24.32
N LYS D 323 -3.63 36.12 -25.60
CA LYS D 323 -4.15 35.28 -26.69
C LYS D 323 -2.99 34.87 -27.57
N GLU D 324 -2.94 33.59 -27.91
CA GLU D 324 -1.90 33.02 -28.76
C GLU D 324 -2.59 32.19 -29.83
N PHE D 325 -2.18 32.39 -31.08
CA PHE D 325 -2.71 31.66 -32.22
C PHE D 325 -1.57 30.86 -32.83
N VAL D 326 -1.74 29.55 -32.91
CA VAL D 326 -0.74 28.65 -33.44
C VAL D 326 -1.30 28.05 -34.71
N LYS D 327 -0.61 28.28 -35.83
CA LYS D 327 -1.10 27.91 -37.15
C LYS D 327 -0.30 26.73 -37.70
N THR D 328 -0.99 25.74 -38.24
CA THR D 328 -0.36 24.59 -38.88
C THR D 328 -1.06 24.32 -40.21
N LEU D 329 -0.46 23.42 -40.99
CA LEU D 329 -1.03 23.02 -42.28
C LEU D 329 -2.38 22.33 -42.14
N VAL D 330 -2.78 21.96 -40.93
CA VAL D 330 -3.92 21.10 -40.72
C VAL D 330 -4.97 21.81 -39.86
N PHE D 331 -4.50 22.62 -38.91
CA PHE D 331 -5.40 23.21 -37.93
C PHE D 331 -4.76 24.49 -37.38
N THR D 332 -5.61 25.30 -36.74
CA THR D 332 -5.19 26.49 -36.03
C THR D 332 -5.74 26.40 -34.62
N ARG D 333 -4.90 26.70 -33.64
CA ARG D 333 -5.28 26.64 -32.24
C ARG D 333 -5.29 28.04 -31.66
N GLU D 334 -6.26 28.32 -30.80
CA GLU D 334 -6.23 29.50 -29.96
C GLU D 334 -5.95 29.05 -28.53
N TYR D 335 -5.02 29.74 -27.88
CA TYR D 335 -4.70 29.51 -26.48
C TYR D 335 -4.89 30.81 -25.72
N ILE D 336 -5.62 30.73 -24.60
CA ILE D 336 -5.92 31.87 -23.74
C ILE D 336 -5.12 31.71 -22.46
N THR D 337 -4.38 32.76 -22.08
CA THR D 337 -3.56 32.76 -20.88
C THR D 337 -3.98 33.98 -20.06
N ASN D 338 -4.64 33.75 -18.94
CA ASN D 338 -4.99 34.82 -18.03
C ASN D 338 -3.91 34.93 -16.95
N ARG D 339 -4.28 35.39 -15.76
CA ARG D 339 -3.41 35.38 -14.58
C ARG D 339 -4.05 34.48 -13.52
N TYR D 340 -3.22 33.83 -12.71
CA TYR D 340 -3.69 32.73 -11.89
C TYR D 340 -3.21 32.90 -10.46
N SER D 341 -3.93 32.24 -9.56
CA SER D 341 -3.59 32.16 -8.15
C SER D 341 -3.55 30.70 -7.72
N MET D 342 -2.70 30.41 -6.75
CA MET D 342 -2.53 29.06 -6.22
C MET D 342 -2.75 29.11 -4.73
N ILE D 343 -3.66 28.27 -4.25
CA ILE D 343 -3.94 28.13 -2.83
C ILE D 343 -3.36 26.79 -2.38
N ILE D 344 -2.52 26.81 -1.36
CA ILE D 344 -2.07 25.59 -0.69
C ILE D 344 -2.76 25.52 0.66
N PHE D 345 -3.67 24.56 0.82
CA PHE D 345 -4.39 24.39 2.07
C PHE D 345 -3.68 23.40 2.97
N ARG D 346 -3.60 23.74 4.26
CA ARG D 346 -3.09 22.87 5.30
C ARG D 346 -4.18 22.72 6.35
N LEU D 347 -4.70 21.50 6.52
CA LEU D 347 -5.79 21.23 7.47
C LEU D 347 -5.25 20.48 8.68
N ILE D 348 -5.40 21.07 9.87
CA ILE D 348 -4.89 20.52 11.12
C ILE D 348 -5.96 20.74 12.18
N ASP D 349 -5.74 20.13 13.35
CA ASP D 349 -6.55 20.39 14.53
C ASP D 349 -5.62 20.85 15.66
N ASP D 350 -6.22 21.22 16.77
CA ASP D 350 -5.49 21.78 17.89
C ASP D 350 -4.82 20.73 18.76
N ARG D 351 -4.72 19.48 18.32
CA ARG D 351 -4.02 18.43 19.07
C ARG D 351 -2.85 17.88 18.28
N GLY D 352 -2.47 18.52 17.19
CA GLY D 352 -1.30 18.11 16.44
C GLY D 352 -1.55 17.11 15.33
N ASN D 353 -2.78 16.99 14.87
CA ASN D 353 -3.13 16.08 13.79
C ASN D 353 -3.29 16.86 12.50
N HIS D 354 -2.77 16.29 11.41
CA HIS D 354 -3.19 16.69 10.09
C HIS D 354 -4.48 15.94 9.76
N LEU D 355 -5.46 16.67 9.25
CA LEU D 355 -6.74 16.08 8.88
C LEU D 355 -6.62 15.44 7.51
N ILE D 356 -7.06 14.20 7.39
CA ILE D 356 -7.04 13.50 6.11
C ILE D 356 -8.42 13.28 5.52
N ASP D 357 -9.48 13.39 6.32
CA ASP D 357 -10.85 13.14 5.83
C ASP D 357 -11.63 14.45 5.95
N TYR D 358 -11.87 15.08 4.80
CA TYR D 358 -12.54 16.39 4.81
C TYR D 358 -12.97 16.76 3.40
N ASP D 359 -14.01 17.60 3.32
CA ASP D 359 -14.44 18.28 2.10
C ASP D 359 -14.16 19.77 2.25
N LEU D 360 -13.54 20.38 1.24
CA LEU D 360 -13.19 21.78 1.30
C LEU D 360 -13.85 22.53 0.14
N TYR D 361 -14.62 23.54 0.46
CA TYR D 361 -15.42 24.29 -0.50
C TYR D 361 -14.91 25.73 -0.60
N LEU D 362 -14.85 26.21 -1.82
CA LEU D 362 -14.89 27.64 -2.06
C LEU D 362 -16.36 28.08 -2.07
N THR D 363 -16.60 29.32 -1.67
CA THR D 363 -17.94 29.86 -1.64
C THR D 363 -17.96 31.28 -2.19
N ALA D 364 -19.11 31.68 -2.73
CA ALA D 364 -19.22 33.01 -3.33
C ALA D 364 -20.70 33.41 -3.36
N GLY D 365 -20.94 34.63 -3.83
CA GLY D 365 -22.28 35.16 -3.90
C GLY D 365 -22.73 35.74 -2.57
N PRO D 366 -23.90 36.37 -2.58
CA PRO D 366 -24.40 37.02 -1.35
C PRO D 366 -24.58 36.05 -0.20
N GLN D 367 -24.80 34.77 -0.47
CA GLN D 367 -25.05 33.78 0.58
C GLN D 367 -23.89 32.80 0.76
N TYR D 368 -22.73 33.10 0.20
CA TYR D 368 -21.55 32.24 0.29
C TYR D 368 -21.92 30.78 -0.01
N SER D 369 -22.31 30.58 -1.26
CA SER D 369 -22.72 29.30 -1.76
C SER D 369 -21.57 28.63 -2.51
N GLU D 370 -21.39 27.34 -2.27
CA GLU D 370 -20.41 26.57 -3.05
C GLU D 370 -20.80 26.44 -4.51
N GLN D 371 -22.05 26.74 -4.84
CA GLN D 371 -22.57 26.64 -6.20
C GLN D 371 -22.44 27.93 -6.99
N ALA D 372 -21.91 28.99 -6.39
CA ALA D 372 -21.95 30.31 -7.01
C ALA D 372 -20.61 30.80 -7.53
N LEU D 373 -19.59 29.94 -7.61
CA LEU D 373 -18.32 30.40 -8.17
C LEU D 373 -18.46 30.74 -9.65
N PRO D 374 -17.71 31.72 -10.14
CA PRO D 374 -17.78 32.05 -11.57
C PRO D 374 -17.35 30.88 -12.43
N ALA D 375 -18.10 30.63 -13.51
CA ALA D 375 -17.77 29.53 -14.41
C ALA D 375 -16.39 29.76 -15.01
N GLY D 376 -15.56 28.72 -14.98
CA GLY D 376 -14.19 28.81 -15.43
C GLY D 376 -13.20 29.17 -14.35
N PHE D 377 -13.62 29.29 -13.08
CA PHE D 377 -12.68 29.68 -12.03
C PHE D 377 -11.53 28.69 -11.87
N PHE D 378 -11.71 27.43 -12.27
CA PHE D 378 -10.84 26.34 -11.85
C PHE D 378 -9.87 25.95 -12.96
N VAL D 379 -8.62 25.72 -12.57
CA VAL D 379 -7.62 25.15 -13.46
C VAL D 379 -7.21 23.75 -13.01
N ASP D 380 -6.91 23.58 -11.72
CA ASP D 380 -6.31 22.33 -11.26
C ASP D 380 -6.49 22.15 -9.75
N ARG D 381 -6.49 20.89 -9.32
CA ARG D 381 -6.34 20.56 -7.91
C ARG D 381 -5.43 19.35 -7.80
N GLN D 382 -4.62 19.31 -6.74
CA GLN D 382 -3.73 18.18 -6.48
C GLN D 382 -3.61 18.02 -4.98
N ARG D 383 -3.63 16.78 -4.52
CA ARG D 383 -3.49 16.49 -3.10
C ARG D 383 -2.18 15.74 -2.88
N ASN D 384 -1.40 16.22 -1.92
CA ASN D 384 -0.08 15.66 -1.66
C ASN D 384 -0.21 14.19 -1.29
N LEU D 385 0.66 13.37 -1.88
CA LEU D 385 0.62 11.93 -1.65
C LEU D 385 1.21 11.54 -0.31
N ASN D 386 2.09 12.35 0.26
CA ASN D 386 2.67 12.04 1.57
C ASN D 386 1.91 12.67 2.72
N ASN D 387 1.12 13.71 2.47
CA ASN D 387 0.32 14.36 3.50
C ASN D 387 -1.02 14.71 2.87
N ARG D 388 -2.05 13.90 3.17
CA ARG D 388 -3.38 14.12 2.61
C ARG D 388 -4.09 15.33 3.21
N GLY D 389 -3.51 15.96 4.22
CA GLY D 389 -4.01 17.25 4.66
C GLY D 389 -3.53 18.41 3.84
N LYS D 390 -2.76 18.17 2.78
CA LYS D 390 -2.20 19.22 1.94
C LYS D 390 -2.88 19.16 0.58
N LEU D 391 -3.56 20.23 0.21
CA LEU D 391 -4.38 20.26 -0.98
C LEU D 391 -4.11 21.57 -1.68
N THR D 392 -3.76 21.51 -2.96
CA THR D 392 -3.41 22.69 -3.73
C THR D 392 -4.44 22.91 -4.84
N TYR D 393 -5.06 24.08 -4.84
CA TYR D 393 -5.97 24.52 -5.88
C TYR D 393 -5.28 25.59 -6.73
N PHE D 394 -5.53 25.56 -8.02
CA PHE D 394 -4.96 26.49 -8.98
C PHE D 394 -6.13 27.12 -9.71
N LEU D 395 -6.24 28.44 -9.63
CA LEU D 395 -7.45 29.17 -10.00
C LEU D 395 -7.14 30.26 -11.00
N ASP D 396 -8.12 30.59 -11.82
CA ASP D 396 -8.02 31.71 -12.77
C ASP D 396 -8.43 32.99 -12.05
N TYR D 397 -7.46 33.84 -11.73
CA TYR D 397 -7.77 35.01 -10.92
C TYR D 397 -8.66 35.98 -11.67
N ASP D 398 -8.42 36.17 -12.96
CA ASP D 398 -9.18 37.16 -13.72
C ASP D 398 -10.62 36.74 -13.92
N ILE D 399 -10.87 35.44 -14.04
CA ILE D 399 -12.25 34.96 -14.10
C ILE D 399 -12.91 35.09 -12.74
N MET D 400 -12.17 34.80 -11.66
CA MET D 400 -12.71 34.93 -10.31
C MET D 400 -13.06 36.39 -9.99
N GLU D 401 -12.13 37.29 -10.25
CA GLU D 401 -12.35 38.70 -9.92
C GLU D 401 -13.50 39.28 -10.74
N GLY D 402 -13.56 38.94 -12.02
CA GLY D 402 -14.61 39.49 -12.87
C GLY D 402 -15.99 39.01 -12.47
N GLY D 403 -16.09 37.74 -12.06
CA GLY D 403 -17.40 37.20 -11.71
C GLY D 403 -17.85 37.55 -10.30
N ILE D 404 -16.92 37.75 -9.38
CA ILE D 404 -17.26 37.99 -7.98
C ILE D 404 -17.45 39.48 -7.69
N ASN D 405 -16.67 40.35 -8.34
CA ASN D 405 -16.78 41.78 -8.06
C ASN D 405 -17.83 42.42 -8.99
N THR D 406 -19.06 41.98 -8.82
CA THR D 406 -20.22 42.52 -9.52
C THR D 406 -21.24 42.93 -8.48
N PRO D 407 -22.21 43.78 -8.85
CA PRO D 407 -23.26 44.13 -7.89
C PRO D 407 -23.97 42.93 -7.28
N LYS D 408 -24.36 41.95 -8.09
CA LYS D 408 -25.18 40.85 -7.57
C LYS D 408 -24.35 39.90 -6.72
N MET D 409 -23.04 39.82 -6.97
CA MET D 409 -22.18 38.90 -6.26
C MET D 409 -21.46 39.54 -5.08
N GLN D 410 -21.44 40.88 -5.03
CA GLN D 410 -21.05 41.66 -3.85
C GLN D 410 -19.58 41.54 -3.49
N GLY D 411 -18.77 40.95 -4.37
CA GLY D 411 -17.36 40.75 -4.08
C GLY D 411 -17.04 39.64 -3.09
N ASN D 412 -18.03 38.82 -2.70
CA ASN D 412 -17.83 37.85 -1.64
C ASN D 412 -17.01 36.66 -2.12
N LEU D 413 -16.13 36.18 -1.25
CA LEU D 413 -15.41 34.93 -1.46
C LEU D 413 -15.09 34.34 -0.09
N GLY D 414 -15.27 33.02 0.04
CA GLY D 414 -15.03 32.37 1.32
C GLY D 414 -14.64 30.92 1.17
N PHE D 415 -14.33 30.30 2.30
CA PHE D 415 -14.08 28.88 2.40
C PHE D 415 -15.11 28.23 3.31
N ARG D 416 -15.41 26.96 3.04
CA ARG D 416 -16.11 26.11 4.00
C ARG D 416 -15.39 24.78 4.09
N VAL D 417 -15.09 24.34 5.30
CA VAL D 417 -14.36 23.10 5.55
C VAL D 417 -15.25 22.20 6.40
N LYS D 418 -15.53 21.01 5.90
CA LYS D 418 -16.26 19.97 6.64
CA LYS D 418 -16.26 19.97 6.64
C LYS D 418 -15.30 18.80 6.83
N ALA D 419 -14.81 18.64 8.06
CA ALA D 419 -13.95 17.52 8.39
C ALA D 419 -14.79 16.39 9.02
N TYR D 420 -14.26 15.17 8.90
CA TYR D 420 -14.96 13.96 9.33
C TYR D 420 -14.14 13.23 10.39
N PRO D 421 -14.80 12.64 11.40
CA PRO D 421 -16.27 12.60 11.61
C PRO D 421 -16.85 13.96 11.99
N GLU D 422 -18.12 14.19 11.65
CA GLU D 422 -18.74 15.50 11.77
C GLU D 422 -19.69 15.64 12.95
N SER D 423 -20.02 14.56 13.66
CA SER D 423 -20.95 14.68 14.77
C SER D 423 -20.68 13.59 15.80
N SER D 424 -21.22 13.82 17.01
CA SER D 424 -21.13 12.82 18.07
C SER D 424 -21.73 11.49 17.63
N ASP D 425 -22.84 11.54 16.89
CA ASP D 425 -23.54 10.32 16.53
C ASP D 425 -22.72 9.42 15.60
N GLN D 426 -21.72 9.97 14.91
CA GLN D 426 -20.83 9.19 14.07
C GLN D 426 -19.58 8.73 14.80
N ALA D 427 -19.04 9.58 15.68
CA ALA D 427 -17.87 9.24 16.48
C ALA D 427 -17.88 10.11 17.71
N LEU D 428 -17.19 9.64 18.76
CA LEU D 428 -17.10 10.42 19.98
C LEU D 428 -16.02 11.50 19.91
N ALA D 429 -15.12 11.41 18.93
CA ALA D 429 -14.23 12.51 18.57
C ALA D 429 -14.65 13.00 17.19
N TYR D 430 -14.83 14.31 17.03
CA TYR D 430 -15.41 14.81 15.78
C TYR D 430 -15.05 16.29 15.62
N TYR D 431 -15.46 16.85 14.48
CA TYR D 431 -15.15 18.22 14.10
C TYR D 431 -16.40 18.95 13.67
N ARG D 432 -16.49 20.21 14.05
CA ARG D 432 -17.56 21.09 13.60
C ARG D 432 -17.12 21.85 12.37
N LEU D 433 -18.05 22.01 11.44
CA LEU D 433 -17.83 22.76 10.20
C LEU D 433 -17.24 24.14 10.46
N LEU D 434 -16.32 24.56 9.59
CA LEU D 434 -15.76 25.90 9.63
C LEU D 434 -16.19 26.68 8.39
N ASP D 435 -16.64 27.92 8.60
CA ASP D 435 -16.99 28.84 7.54
C ASP D 435 -16.14 30.09 7.67
N PHE D 436 -15.55 30.51 6.57
CA PHE D 436 -14.74 31.72 6.54
C PHE D 436 -15.25 32.63 5.44
N HIS D 437 -15.64 33.85 5.80
CA HIS D 437 -16.23 34.80 4.87
C HIS D 437 -15.23 35.92 4.58
N SER D 438 -14.90 36.11 3.31
CA SER D 438 -14.01 37.20 2.92
C SER D 438 -14.58 37.90 1.69
N SER D 439 -13.71 38.65 1.01
CA SER D 439 -14.11 39.52 -0.07
C SER D 439 -12.92 39.68 -1.02
N LEU D 440 -13.21 39.80 -2.31
CA LEU D 440 -12.23 40.21 -3.30
C LEU D 440 -12.33 41.69 -3.62
N ALA D 441 -13.19 42.43 -2.90
CA ALA D 441 -13.53 43.80 -3.24
C ALA D 441 -12.68 44.83 -2.49
N ASP D 442 -11.82 44.39 -1.58
CA ASP D 442 -10.98 45.32 -0.83
C ASP D 442 -9.52 44.83 -0.87
N ILE D 443 -8.64 45.61 -0.22
CA ILE D 443 -7.21 45.33 -0.30
C ILE D 443 -6.77 44.25 0.67
N HIS D 444 -7.60 43.88 1.64
CA HIS D 444 -7.31 42.78 2.55
C HIS D 444 -7.65 41.40 1.96
N LYS D 445 -7.72 41.30 0.64
CA LYS D 445 -8.13 40.08 -0.03
C LYS D 445 -7.05 39.00 0.07
N ILE D 446 -7.47 37.75 -0.11
CA ILE D 446 -6.56 36.62 0.06
C ILE D 446 -5.97 36.11 -1.25
N LEU D 447 -6.56 36.45 -2.39
CA LEU D 447 -6.06 36.06 -3.70
C LEU D 447 -5.44 37.25 -4.42
N HIS D 448 -4.26 37.06 -5.00
CA HIS D 448 -3.64 38.05 -5.86
C HIS D 448 -3.19 37.37 -7.14
N PRO D 449 -3.30 38.03 -8.28
CA PRO D 449 -2.81 37.43 -9.52
C PRO D 449 -1.33 37.14 -9.40
N ASN D 450 -0.91 36.04 -10.01
CA ASN D 450 0.48 35.59 -10.04
C ASN D 450 1.05 35.27 -8.65
N GLU D 451 0.22 34.99 -7.65
CA GLU D 451 0.71 34.69 -6.31
C GLU D 451 0.13 33.39 -5.77
N THR D 452 0.92 32.74 -4.93
CA THR D 452 0.46 31.66 -4.07
C THR D 452 -0.01 32.25 -2.75
N VAL D 453 -1.06 31.67 -2.16
CA VAL D 453 -1.41 31.94 -0.78
C VAL D 453 -1.43 30.62 -0.01
N MET D 454 -0.76 30.62 1.14
CA MET D 454 -0.77 29.46 2.03
C MET D 454 -1.86 29.67 3.06
N VAL D 455 -2.75 28.69 3.18
CA VAL D 455 -3.90 28.80 4.07
C VAL D 455 -3.83 27.63 5.05
N GLU D 456 -3.66 27.95 6.33
CA GLU D 456 -3.60 26.95 7.39
C GLU D 456 -4.90 27.02 8.17
N ILE D 457 -5.69 25.95 8.14
CA ILE D 457 -6.99 25.93 8.82
C ILE D 457 -6.89 24.95 9.99
N MET D 458 -7.02 25.47 11.21
CA MET D 458 -6.94 24.65 12.41
C MET D 458 -8.35 24.49 13.01
N LEU D 459 -8.88 23.27 12.98
CA LEU D 459 -10.16 22.98 13.60
C LEU D 459 -10.00 22.54 15.05
N GLN D 460 -11.07 22.73 15.83
CA GLN D 460 -11.13 22.21 17.19
C GLN D 460 -11.51 20.74 17.16
N ARG D 461 -10.70 19.92 17.80
CA ARG D 461 -11.05 18.50 17.97
C ARG D 461 -12.00 18.41 19.16
N ARG D 462 -13.26 18.06 18.90
CA ARG D 462 -14.27 17.99 19.94
C ARG D 462 -14.40 16.55 20.40
N VAL D 463 -14.33 16.33 21.72
CA VAL D 463 -14.40 15.00 22.31
C VAL D 463 -15.61 14.94 23.23
N ASP D 464 -16.52 14.01 22.94
CA ASP D 464 -17.72 13.87 23.77
C ASP D 464 -17.35 13.37 25.16
N ARG D 465 -18.06 13.89 26.16
CA ARG D 465 -17.77 13.49 27.53
C ARG D 465 -17.93 11.99 27.77
N THR D 466 -18.65 11.28 26.90
CA THR D 466 -18.83 9.85 27.11
C THR D 466 -17.51 9.08 27.00
N VAL D 467 -16.48 9.69 26.42
CA VAL D 467 -15.21 9.01 26.27
C VAL D 467 -14.70 8.54 27.63
N PHE D 468 -15.06 9.24 28.70
CA PHE D 468 -14.64 8.84 30.04
C PHE D 468 -15.61 9.43 31.06
N ARG D 469 -16.24 8.54 31.85
CA ARG D 469 -17.07 8.90 32.97
C ARG D 469 -16.61 8.13 34.20
N ILE D 470 -16.82 8.71 35.37
CA ILE D 470 -16.65 7.99 36.63
C ILE D 470 -17.97 8.03 37.37
N SER D 471 -18.25 6.96 38.11
CA SER D 471 -19.48 6.87 38.89
C SER D 471 -19.21 6.11 40.17
N ASN D 472 -19.76 6.58 41.28
CA ASN D 472 -19.65 5.85 42.53
C ASN D 472 -20.80 4.85 42.74
N ASN D 473 -21.50 4.47 41.66
CA ASN D 473 -22.37 3.30 41.69
C ASN D 473 -21.49 2.07 41.50
N LEU D 474 -21.35 1.26 42.54
CA LEU D 474 -20.43 0.12 42.47
C LEU D 474 -21.07 -1.11 41.82
N THR D 475 -22.34 -1.04 41.46
CA THR D 475 -22.98 -2.15 40.75
C THR D 475 -22.46 -2.23 39.32
N PRO D 476 -21.76 -3.32 38.95
CA PRO D 476 -21.17 -3.37 37.61
C PRO D 476 -22.25 -3.29 36.54
N ALA D 477 -21.90 -2.68 35.41
CA ALA D 477 -22.84 -2.53 34.32
C ALA D 477 -22.11 -2.40 32.98
N LYS D 478 -22.85 -2.66 31.91
CA LYS D 478 -22.34 -2.47 30.56
C LYS D 478 -21.97 -1.01 30.32
N ILE D 479 -20.90 -0.81 29.56
CA ILE D 479 -20.42 0.52 29.24
C ILE D 479 -21.10 0.98 27.96
N SER D 480 -21.79 2.12 28.02
CA SER D 480 -22.49 2.67 26.89
C SER D 480 -21.62 3.65 26.12
N GLY D 481 -21.70 3.57 24.79
CA GLY D 481 -21.05 4.52 23.92
C GLY D 481 -21.91 5.68 23.48
N LYS D 482 -23.09 5.81 24.08
CA LYS D 482 -24.04 6.86 23.69
C LYS D 482 -23.46 8.24 23.98
N PRO D 483 -23.43 9.16 23.03
CA PRO D 483 -22.92 10.50 23.33
C PRO D 483 -23.80 11.23 24.33
N THR D 484 -23.15 12.07 25.16
CA THR D 484 -23.90 13.00 25.99
C THR D 484 -24.34 14.24 25.23
N GLY D 485 -23.75 14.50 24.06
CA GLY D 485 -23.99 15.72 23.34
C GLY D 485 -23.25 16.92 23.88
N LYS D 486 -22.35 16.72 24.85
CA LYS D 486 -21.59 17.79 25.48
C LYS D 486 -20.11 17.45 25.43
N LYS D 487 -19.31 18.36 24.87
CA LYS D 487 -17.90 18.11 24.69
C LYS D 487 -17.14 18.39 25.99
N ILE D 488 -15.92 17.84 26.05
CA ILE D 488 -15.02 18.12 27.16
C ILE D 488 -14.32 19.45 26.91
N ASP D 489 -13.75 20.00 27.97
CA ASP D 489 -12.93 21.21 27.86
C ASP D 489 -11.60 20.87 27.19
#